data_2OPY
# 
_entry.id   2OPY 
# 
_audit_conform.dict_name       mmcif_pdbx.dic 
_audit_conform.dict_version    5.383 
_audit_conform.dict_location   http://mmcif.pdb.org/dictionaries/ascii/mmcif_pdbx.dic 
# 
loop_
_database_2.database_id 
_database_2.database_code 
_database_2.pdbx_database_accession 
_database_2.pdbx_DOI 
PDB   2OPY         pdb_00002opy 10.2210/pdb2opy/pdb 
RCSB  RCSB041442   ?            ?                   
WWPDB D_1000041442 ?            ?                   
# 
loop_
_pdbx_audit_revision_history.ordinal 
_pdbx_audit_revision_history.data_content_type 
_pdbx_audit_revision_history.major_revision 
_pdbx_audit_revision_history.minor_revision 
_pdbx_audit_revision_history.revision_date 
1 'Structure model' 1 0 2007-02-20 
2 'Structure model' 1 1 2008-05-01 
3 'Structure model' 1 2 2011-07-13 
4 'Structure model' 1 3 2023-12-27 
# 
_pdbx_audit_revision_details.ordinal             1 
_pdbx_audit_revision_details.revision_ordinal    1 
_pdbx_audit_revision_details.data_content_type   'Structure model' 
_pdbx_audit_revision_details.provider            repository 
_pdbx_audit_revision_details.type                'Initial release' 
_pdbx_audit_revision_details.description         ? 
_pdbx_audit_revision_details.details             ? 
# 
loop_
_pdbx_audit_revision_group.ordinal 
_pdbx_audit_revision_group.revision_ordinal 
_pdbx_audit_revision_group.data_content_type 
_pdbx_audit_revision_group.group 
1 2 'Structure model' 'Version format compliance' 
2 3 'Structure model' 'Version format compliance' 
3 4 'Structure model' 'Data collection'           
4 4 'Structure model' 'Database references'       
5 4 'Structure model' 'Derived calculations'      
# 
loop_
_pdbx_audit_revision_category.ordinal 
_pdbx_audit_revision_category.revision_ordinal 
_pdbx_audit_revision_category.data_content_type 
_pdbx_audit_revision_category.category 
1 4 'Structure model' chem_comp_atom         
2 4 'Structure model' chem_comp_bond         
3 4 'Structure model' database_2             
4 4 'Structure model' pdbx_struct_conn_angle 
5 4 'Structure model' struct_conn            
6 4 'Structure model' struct_site            
# 
loop_
_pdbx_audit_revision_item.ordinal 
_pdbx_audit_revision_item.revision_ordinal 
_pdbx_audit_revision_item.data_content_type 
_pdbx_audit_revision_item.item 
1  4 'Structure model' '_database_2.pdbx_DOI'                       
2  4 'Structure model' '_database_2.pdbx_database_accession'        
3  4 'Structure model' '_pdbx_struct_conn_angle.ptnr1_auth_seq_id'  
4  4 'Structure model' '_pdbx_struct_conn_angle.ptnr1_label_seq_id' 
5  4 'Structure model' '_pdbx_struct_conn_angle.ptnr3_auth_seq_id'  
6  4 'Structure model' '_pdbx_struct_conn_angle.ptnr3_label_seq_id' 
7  4 'Structure model' '_pdbx_struct_conn_angle.value'              
8  4 'Structure model' '_struct_conn.pdbx_dist_value'               
9  4 'Structure model' '_struct_conn.ptnr2_auth_seq_id'             
10 4 'Structure model' '_struct_conn.ptnr2_label_seq_id'            
11 4 'Structure model' '_struct_site.pdbx_auth_asym_id'             
12 4 'Structure model' '_struct_site.pdbx_auth_comp_id'             
13 4 'Structure model' '_struct_site.pdbx_auth_seq_id'              
# 
_pdbx_database_status.status_code                     REL 
_pdbx_database_status.entry_id                        2OPY 
_pdbx_database_status.recvd_initial_deposition_date   2007-01-30 
_pdbx_database_status.deposit_site                    RCSB 
_pdbx_database_status.process_site                    RCSB 
_pdbx_database_status.status_code_sf                  ? 
_pdbx_database_status.status_code_mr                  ? 
_pdbx_database_status.SG_entry                        ? 
_pdbx_database_status.pdb_format_compatible           Y 
_pdbx_database_status.status_code_cs                  ? 
_pdbx_database_status.status_code_nmr_data            ? 
_pdbx_database_status.methods_development_category    ? 
# 
loop_
_pdbx_database_related.db_name 
_pdbx_database_related.db_id 
_pdbx_database_related.details 
_pdbx_database_related.content_type 
PDB 1G3F 'NMR STRUCTURE OF A 9 RESIDUE PEPTIDE FROM SMAC/DIABLO COMPLEXED TO THE BIR3 DOMAIN OF XIAP' unspecified 
PDB 1G73 'CRYSTAL STRUCTURE OF SMAC BOUND TO XIAP-BIR3 DOMAIN'                                        unspecified 
PDB 2I3H 'Structure of an ML-IAP/XIAP chimera bound to a 4-mer peptide (AVPW)'                        unspecified 
PDB 2OPZ .                                                                                            unspecified 
# 
loop_
_audit_author.name 
_audit_author.pdbx_ordinal 
'Wist, A.D.'     1 
'Lu, G.'         2 
'Riedl, S.J.'    3 
'Shi, Y.'        4 
'McLendon, G.L.' 5 
# 
_citation.id                        primary 
_citation.title                     'Structure-activity based study of the Smac-binding pocket within the BIR3 domain of XIAP.' 
_citation.journal_abbrev            Bioorg.Med.Chem. 
_citation.journal_volume            15 
_citation.page_first                2935 
_citation.page_last                 2943 
_citation.year                      2007 
_citation.journal_id_ASTM           BMECEP 
_citation.country                   UK 
_citation.journal_id_ISSN           0968-0896 
_citation.journal_id_CSD            1200 
_citation.book_publisher            ? 
_citation.pdbx_database_id_PubMed   17336535 
_citation.pdbx_database_id_DOI      10.1016/j.bmc.2007.02.010 
# 
loop_
_citation_author.citation_id 
_citation_author.name 
_citation_author.ordinal 
_citation_author.identifier_ORCID 
primary 'Wist, A.D.'     1 ? 
primary 'Gu, L.'         2 ? 
primary 'Riedl, S.J.'    3 ? 
primary 'Shi, Y.'        4 ? 
primary 'McLendon, G.L.' 5 ? 
# 
loop_
_entity.id 
_entity.type 
_entity.src_method 
_entity.pdbx_description 
_entity.formula_weight 
_entity.pdbx_number_of_molecules 
_entity.pdbx_ec 
_entity.pdbx_mutation 
_entity.pdbx_fragment 
_entity.details 
1 polymer     man 'Baculoviral IAP repeat-containing protein 4'                               12272.736 1  ? ? ? ? 
2 non-polymer syn 'ZINC ION'                                                                  65.409    1  ? ? ? ? 
3 non-polymer syn '1-({2-[(1S)-1-AMINOETHYL]-1,3-OXAZOL-4-YL}CARBONYL)-L-PROLYL-L-TRYPTOPHAN' 439.464   1  ? ? ? ? 
4 water       nat water                                                                       18.015    64 ? ? ? ? 
# 
_entity_name_com.entity_id   1 
_entity_name_com.name        
'Inhibitor of apoptosis protein 3, X-linked inhibitor of apoptosis protein, X-linked IAP, IAP-like protein, HILP' 
# 
_entity_poly.entity_id                      1 
_entity_poly.type                           'polypeptide(L)' 
_entity_poly.nstd_linkage                   no 
_entity_poly.nstd_monomer                   no 
_entity_poly.pdbx_seq_one_letter_code       
;NFPNSTNLPRNPSMADYEARIFTFGTWIYSVNKEQLARAGFYALGEGDKVKCFHCGGGLTDWKPSEDPWEQHAKWYPGCK
YLLEQKGQEYINNIHLTHSLEECLVR
;
_entity_poly.pdbx_seq_one_letter_code_can   
;NFPNSTNLPRNPSMADYEARIFTFGTWIYSVNKEQLARAGFYALGEGDKVKCFHCGGGLTDWKPSEDPWEQHAKWYPGCK
YLLEQKGQEYINNIHLTHSLEECLVR
;
_entity_poly.pdbx_strand_id                 A 
_entity_poly.pdbx_target_identifier         ? 
# 
loop_
_pdbx_entity_nonpoly.entity_id 
_pdbx_entity_nonpoly.name 
_pdbx_entity_nonpoly.comp_id 
2 'ZINC ION'                                                                  ZN  
3 '1-({2-[(1S)-1-AMINOETHYL]-1,3-OXAZOL-4-YL}CARBONYL)-L-PROLYL-L-TRYPTOPHAN' CO9 
4 water                                                                       HOH 
# 
loop_
_entity_poly_seq.entity_id 
_entity_poly_seq.num 
_entity_poly_seq.mon_id 
_entity_poly_seq.hetero 
1 1   ASN n 
1 2   PHE n 
1 3   PRO n 
1 4   ASN n 
1 5   SER n 
1 6   THR n 
1 7   ASN n 
1 8   LEU n 
1 9   PRO n 
1 10  ARG n 
1 11  ASN n 
1 12  PRO n 
1 13  SER n 
1 14  MET n 
1 15  ALA n 
1 16  ASP n 
1 17  TYR n 
1 18  GLU n 
1 19  ALA n 
1 20  ARG n 
1 21  ILE n 
1 22  PHE n 
1 23  THR n 
1 24  PHE n 
1 25  GLY n 
1 26  THR n 
1 27  TRP n 
1 28  ILE n 
1 29  TYR n 
1 30  SER n 
1 31  VAL n 
1 32  ASN n 
1 33  LYS n 
1 34  GLU n 
1 35  GLN n 
1 36  LEU n 
1 37  ALA n 
1 38  ARG n 
1 39  ALA n 
1 40  GLY n 
1 41  PHE n 
1 42  TYR n 
1 43  ALA n 
1 44  LEU n 
1 45  GLY n 
1 46  GLU n 
1 47  GLY n 
1 48  ASP n 
1 49  LYS n 
1 50  VAL n 
1 51  LYS n 
1 52  CYS n 
1 53  PHE n 
1 54  HIS n 
1 55  CYS n 
1 56  GLY n 
1 57  GLY n 
1 58  GLY n 
1 59  LEU n 
1 60  THR n 
1 61  ASP n 
1 62  TRP n 
1 63  LYS n 
1 64  PRO n 
1 65  SER n 
1 66  GLU n 
1 67  ASP n 
1 68  PRO n 
1 69  TRP n 
1 70  GLU n 
1 71  GLN n 
1 72  HIS n 
1 73  ALA n 
1 74  LYS n 
1 75  TRP n 
1 76  TYR n 
1 77  PRO n 
1 78  GLY n 
1 79  CYS n 
1 80  LYS n 
1 81  TYR n 
1 82  LEU n 
1 83  LEU n 
1 84  GLU n 
1 85  GLN n 
1 86  LYS n 
1 87  GLY n 
1 88  GLN n 
1 89  GLU n 
1 90  TYR n 
1 91  ILE n 
1 92  ASN n 
1 93  ASN n 
1 94  ILE n 
1 95  HIS n 
1 96  LEU n 
1 97  THR n 
1 98  HIS n 
1 99  SER n 
1 100 LEU n 
1 101 GLU n 
1 102 GLU n 
1 103 CYS n 
1 104 LEU n 
1 105 VAL n 
1 106 ARG n 
# 
_entity_src_gen.entity_id                          1 
_entity_src_gen.pdbx_src_id                        1 
_entity_src_gen.pdbx_alt_source_flag               sample 
_entity_src_gen.pdbx_seq_type                      ? 
_entity_src_gen.pdbx_beg_seq_num                   ? 
_entity_src_gen.pdbx_end_seq_num                   ? 
_entity_src_gen.gene_src_common_name               human 
_entity_src_gen.gene_src_genus                     Homo 
_entity_src_gen.pdbx_gene_src_gene                 'BIRC4, API3, IAP3, XIAP' 
_entity_src_gen.gene_src_species                   ? 
_entity_src_gen.gene_src_strain                    ? 
_entity_src_gen.gene_src_tissue                    ? 
_entity_src_gen.gene_src_tissue_fraction           ? 
_entity_src_gen.gene_src_details                   ? 
_entity_src_gen.pdbx_gene_src_fragment             ? 
_entity_src_gen.pdbx_gene_src_scientific_name      'Homo sapiens' 
_entity_src_gen.pdbx_gene_src_ncbi_taxonomy_id     9606 
_entity_src_gen.pdbx_gene_src_variant              ? 
_entity_src_gen.pdbx_gene_src_cell_line            ? 
_entity_src_gen.pdbx_gene_src_atcc                 ? 
_entity_src_gen.pdbx_gene_src_organ                ? 
_entity_src_gen.pdbx_gene_src_organelle            ? 
_entity_src_gen.pdbx_gene_src_cell                 ? 
_entity_src_gen.pdbx_gene_src_cellular_location    ? 
_entity_src_gen.host_org_common_name               ? 
_entity_src_gen.pdbx_host_org_scientific_name      'Escherichia coli BL21' 
_entity_src_gen.pdbx_host_org_ncbi_taxonomy_id     511693 
_entity_src_gen.host_org_genus                     Escherichia 
_entity_src_gen.pdbx_host_org_gene                 ? 
_entity_src_gen.pdbx_host_org_organ                ? 
_entity_src_gen.host_org_species                   'Escherichia coli' 
_entity_src_gen.pdbx_host_org_tissue               ? 
_entity_src_gen.pdbx_host_org_tissue_fraction      ? 
_entity_src_gen.pdbx_host_org_strain               BL21 
_entity_src_gen.pdbx_host_org_variant              ? 
_entity_src_gen.pdbx_host_org_cell_line            ? 
_entity_src_gen.pdbx_host_org_atcc                 ? 
_entity_src_gen.pdbx_host_org_culture_collection   ? 
_entity_src_gen.pdbx_host_org_cell                 ? 
_entity_src_gen.pdbx_host_org_organelle            ? 
_entity_src_gen.pdbx_host_org_cellular_location    ? 
_entity_src_gen.pdbx_host_org_vector_type          Plasmid 
_entity_src_gen.pdbx_host_org_vector               ? 
_entity_src_gen.host_org_details                   ? 
_entity_src_gen.expression_system_id               ? 
_entity_src_gen.plasmid_name                       pCOOL 
_entity_src_gen.plasmid_details                    ? 
_entity_src_gen.pdbx_description                   ? 
# 
loop_
_chem_comp.id 
_chem_comp.type 
_chem_comp.mon_nstd_flag 
_chem_comp.name 
_chem_comp.pdbx_synonyms 
_chem_comp.formula 
_chem_comp.formula_weight 
ALA 'L-peptide linking' y ALANINE                                                                     ? 'C3 H7 N O2'     89.093  
ARG 'L-peptide linking' y ARGININE                                                                    ? 'C6 H15 N4 O2 1' 175.209 
ASN 'L-peptide linking' y ASPARAGINE                                                                  ? 'C4 H8 N2 O3'    132.118 
ASP 'L-peptide linking' y 'ASPARTIC ACID'                                                             ? 'C4 H7 N O4'     133.103 
CO9 non-polymer         . '1-({2-[(1S)-1-AMINOETHYL]-1,3-OXAZOL-4-YL}CARBONYL)-L-PROLYL-L-TRYPTOPHAN' ? 'C22 H25 N5 O5'  439.464 
CYS 'L-peptide linking' y CYSTEINE                                                                    ? 'C3 H7 N O2 S'   121.158 
GLN 'L-peptide linking' y GLUTAMINE                                                                   ? 'C5 H10 N2 O3'   146.144 
GLU 'L-peptide linking' y 'GLUTAMIC ACID'                                                             ? 'C5 H9 N O4'     147.129 
GLY 'peptide linking'   y GLYCINE                                                                     ? 'C2 H5 N O2'     75.067  
HIS 'L-peptide linking' y HISTIDINE                                                                   ? 'C6 H10 N3 O2 1' 156.162 
HOH non-polymer         . WATER                                                                       ? 'H2 O'           18.015  
ILE 'L-peptide linking' y ISOLEUCINE                                                                  ? 'C6 H13 N O2'    131.173 
LEU 'L-peptide linking' y LEUCINE                                                                     ? 'C6 H13 N O2'    131.173 
LYS 'L-peptide linking' y LYSINE                                                                      ? 'C6 H15 N2 O2 1' 147.195 
MET 'L-peptide linking' y METHIONINE                                                                  ? 'C5 H11 N O2 S'  149.211 
PHE 'L-peptide linking' y PHENYLALANINE                                                               ? 'C9 H11 N O2'    165.189 
PRO 'L-peptide linking' y PROLINE                                                                     ? 'C5 H9 N O2'     115.130 
SER 'L-peptide linking' y SERINE                                                                      ? 'C3 H7 N O3'     105.093 
THR 'L-peptide linking' y THREONINE                                                                   ? 'C4 H9 N O3'     119.119 
TRP 'L-peptide linking' y TRYPTOPHAN                                                                  ? 'C11 H12 N2 O2'  204.225 
TYR 'L-peptide linking' y TYROSINE                                                                    ? 'C9 H11 N O3'    181.189 
VAL 'L-peptide linking' y VALINE                                                                      ? 'C5 H11 N O2'    117.146 
ZN  non-polymer         . 'ZINC ION'                                                                  ? 'Zn 2'           65.409  
# 
loop_
_pdbx_poly_seq_scheme.asym_id 
_pdbx_poly_seq_scheme.entity_id 
_pdbx_poly_seq_scheme.seq_id 
_pdbx_poly_seq_scheme.mon_id 
_pdbx_poly_seq_scheme.ndb_seq_num 
_pdbx_poly_seq_scheme.pdb_seq_num 
_pdbx_poly_seq_scheme.auth_seq_num 
_pdbx_poly_seq_scheme.pdb_mon_id 
_pdbx_poly_seq_scheme.auth_mon_id 
_pdbx_poly_seq_scheme.pdb_strand_id 
_pdbx_poly_seq_scheme.pdb_ins_code 
_pdbx_poly_seq_scheme.hetero 
A 1 1   ASN 1   249 249 ASN ASN A . n 
A 1 2   PHE 2   250 250 PHE PHE A . n 
A 1 3   PRO 3   251 251 PRO PRO A . n 
A 1 4   ASN 4   252 252 ASN ASN A . n 
A 1 5   SER 5   253 253 SER SER A . n 
A 1 6   THR 6   254 254 THR THR A . n 
A 1 7   ASN 7   255 255 ASN ASN A . n 
A 1 8   LEU 8   256 256 LEU LEU A . n 
A 1 9   PRO 9   257 257 PRO PRO A . n 
A 1 10  ARG 10  258 258 ARG ARG A . n 
A 1 11  ASN 11  259 259 ASN ASN A . n 
A 1 12  PRO 12  260 260 PRO PRO A . n 
A 1 13  SER 13  261 261 SER SER A . n 
A 1 14  MET 14  262 262 MET MET A . n 
A 1 15  ALA 15  263 263 ALA ALA A . n 
A 1 16  ASP 16  264 264 ASP ASP A . n 
A 1 17  TYR 17  265 265 TYR TYR A . n 
A 1 18  GLU 18  266 266 GLU GLU A . n 
A 1 19  ALA 19  267 267 ALA ALA A . n 
A 1 20  ARG 20  268 268 ARG ARG A . n 
A 1 21  ILE 21  269 269 ILE ILE A . n 
A 1 22  PHE 22  270 270 PHE PHE A . n 
A 1 23  THR 23  271 271 THR THR A . n 
A 1 24  PHE 24  272 272 PHE PHE A . n 
A 1 25  GLY 25  273 273 GLY GLY A . n 
A 1 26  THR 26  274 274 THR THR A . n 
A 1 27  TRP 27  275 275 TRP TRP A . n 
A 1 28  ILE 28  276 276 ILE ILE A . n 
A 1 29  TYR 29  277 277 TYR TYR A . n 
A 1 30  SER 30  278 278 SER SER A . n 
A 1 31  VAL 31  279 279 VAL VAL A . n 
A 1 32  ASN 32  280 280 ASN ASN A . n 
A 1 33  LYS 33  281 281 LYS LYS A . n 
A 1 34  GLU 34  282 282 GLU GLU A . n 
A 1 35  GLN 35  283 283 GLN GLN A . n 
A 1 36  LEU 36  284 284 LEU LEU A . n 
A 1 37  ALA 37  285 285 ALA ALA A . n 
A 1 38  ARG 38  286 286 ARG ARG A . n 
A 1 39  ALA 39  287 287 ALA ALA A . n 
A 1 40  GLY 40  288 288 GLY GLY A . n 
A 1 41  PHE 41  289 289 PHE PHE A . n 
A 1 42  TYR 42  290 290 TYR TYR A . n 
A 1 43  ALA 43  291 291 ALA ALA A . n 
A 1 44  LEU 44  292 292 LEU LEU A . n 
A 1 45  GLY 45  293 293 GLY GLY A . n 
A 1 46  GLU 46  294 294 GLU GLU A . n 
A 1 47  GLY 47  295 295 GLY GLY A . n 
A 1 48  ASP 48  296 296 ASP ASP A . n 
A 1 49  LYS 49  297 297 LYS LYS A . n 
A 1 50  VAL 50  298 298 VAL VAL A . n 
A 1 51  LYS 51  299 299 LYS LYS A . n 
A 1 52  CYS 52  300 300 CYS CYS A . n 
A 1 53  PHE 53  301 301 PHE PHE A . n 
A 1 54  HIS 54  302 302 HIS HIS A . n 
A 1 55  CYS 55  303 303 CYS CYS A . n 
A 1 56  GLY 56  304 304 GLY GLY A . n 
A 1 57  GLY 57  305 305 GLY GLY A . n 
A 1 58  GLY 58  306 306 GLY GLY A . n 
A 1 59  LEU 59  307 307 LEU LEU A . n 
A 1 60  THR 60  308 308 THR THR A . n 
A 1 61  ASP 61  309 309 ASP ASP A . n 
A 1 62  TRP 62  310 310 TRP TRP A . n 
A 1 63  LYS 63  311 311 LYS LYS A . n 
A 1 64  PRO 64  312 312 PRO PRO A . n 
A 1 65  SER 65  313 313 SER SER A . n 
A 1 66  GLU 66  314 314 GLU GLU A . n 
A 1 67  ASP 67  315 315 ASP ASP A . n 
A 1 68  PRO 68  316 316 PRO PRO A . n 
A 1 69  TRP 69  317 317 TRP TRP A . n 
A 1 70  GLU 70  318 318 GLU GLU A . n 
A 1 71  GLN 71  319 319 GLN GLN A . n 
A 1 72  HIS 72  320 320 HIS HIS A . n 
A 1 73  ALA 73  321 321 ALA ALA A . n 
A 1 74  LYS 74  322 322 LYS LYS A . n 
A 1 75  TRP 75  323 323 TRP TRP A . n 
A 1 76  TYR 76  324 324 TYR TYR A . n 
A 1 77  PRO 77  325 325 PRO PRO A . n 
A 1 78  GLY 78  326 326 GLY GLY A . n 
A 1 79  CYS 79  327 327 CYS CYS A . n 
A 1 80  LYS 80  328 328 LYS LYS A . n 
A 1 81  TYR 81  329 329 TYR TYR A . n 
A 1 82  LEU 82  330 330 LEU LEU A . n 
A 1 83  LEU 83  331 331 LEU LEU A . n 
A 1 84  GLU 84  332 332 GLU GLU A . n 
A 1 85  GLN 85  333 333 GLN GLN A . n 
A 1 86  LYS 86  334 334 LYS LYS A . n 
A 1 87  GLY 87  335 335 GLY GLY A . n 
A 1 88  GLN 88  336 336 GLN GLN A . n 
A 1 89  GLU 89  337 337 GLU GLU A . n 
A 1 90  TYR 90  338 338 TYR TYR A . n 
A 1 91  ILE 91  339 339 ILE ILE A . n 
A 1 92  ASN 92  340 340 ASN ASN A . n 
A 1 93  ASN 93  341 341 ASN ASN A . n 
A 1 94  ILE 94  342 342 ILE ILE A . n 
A 1 95  HIS 95  343 343 HIS HIS A . n 
A 1 96  LEU 96  344 344 LEU LEU A . n 
A 1 97  THR 97  345 345 THR THR A . n 
A 1 98  HIS 98  346 346 HIS HIS A . n 
A 1 99  SER 99  347 347 SER SER A . n 
A 1 100 LEU 100 348 348 LEU LEU A . n 
A 1 101 GLU 101 349 349 GLU GLU A . n 
A 1 102 GLU 102 350 350 GLU GLU A . n 
A 1 103 CYS 103 351 351 CYS CYS A . n 
A 1 104 LEU 104 352 352 LEU LEU A . n 
A 1 105 VAL 105 353 353 VAL VAL A . n 
A 1 106 ARG 106 354 354 ARG ARG A . n 
# 
loop_
_pdbx_nonpoly_scheme.asym_id 
_pdbx_nonpoly_scheme.entity_id 
_pdbx_nonpoly_scheme.mon_id 
_pdbx_nonpoly_scheme.ndb_seq_num 
_pdbx_nonpoly_scheme.pdb_seq_num 
_pdbx_nonpoly_scheme.auth_seq_num 
_pdbx_nonpoly_scheme.pdb_mon_id 
_pdbx_nonpoly_scheme.auth_mon_id 
_pdbx_nonpoly_scheme.pdb_strand_id 
_pdbx_nonpoly_scheme.pdb_ins_code 
B 2 ZN  1  102 102 ZN  ZN  A . 
C 3 CO9 1  101 101 CO9 CO9 A . 
D 4 HOH 1  1   1   HOH TIP A . 
D 4 HOH 2  2   2   HOH TIP A . 
D 4 HOH 3  3   3   HOH TIP A . 
D 4 HOH 4  4   4   HOH TIP A . 
D 4 HOH 5  5   5   HOH TIP A . 
D 4 HOH 6  6   6   HOH TIP A . 
D 4 HOH 7  7   7   HOH TIP A . 
D 4 HOH 8  8   8   HOH TIP A . 
D 4 HOH 9  9   9   HOH TIP A . 
D 4 HOH 10 10  10  HOH TIP A . 
D 4 HOH 11 11  11  HOH TIP A . 
D 4 HOH 12 12  12  HOH TIP A . 
D 4 HOH 13 13  13  HOH TIP A . 
D 4 HOH 14 14  14  HOH TIP A . 
D 4 HOH 15 15  15  HOH TIP A . 
D 4 HOH 16 16  16  HOH TIP A . 
D 4 HOH 17 17  17  HOH TIP A . 
D 4 HOH 18 18  18  HOH TIP A . 
D 4 HOH 19 19  19  HOH TIP A . 
D 4 HOH 20 20  20  HOH TIP A . 
D 4 HOH 21 21  21  HOH TIP A . 
D 4 HOH 22 22  22  HOH TIP A . 
D 4 HOH 23 23  23  HOH TIP A . 
D 4 HOH 24 24  24  HOH TIP A . 
D 4 HOH 25 25  25  HOH TIP A . 
D 4 HOH 26 26  26  HOH TIP A . 
D 4 HOH 27 27  27  HOH TIP A . 
D 4 HOH 28 28  28  HOH TIP A . 
D 4 HOH 29 29  29  HOH TIP A . 
D 4 HOH 30 30  30  HOH TIP A . 
D 4 HOH 31 31  31  HOH TIP A . 
D 4 HOH 32 32  32  HOH TIP A . 
D 4 HOH 33 33  33  HOH TIP A . 
D 4 HOH 34 34  34  HOH TIP A . 
D 4 HOH 35 35  35  HOH TIP A . 
D 4 HOH 36 36  36  HOH TIP A . 
D 4 HOH 37 37  37  HOH TIP A . 
D 4 HOH 38 38  38  HOH TIP A . 
D 4 HOH 39 39  39  HOH TIP A . 
D 4 HOH 40 40  40  HOH TIP A . 
D 4 HOH 41 41  41  HOH TIP A . 
D 4 HOH 42 42  42  HOH TIP A . 
D 4 HOH 43 43  43  HOH TIP A . 
D 4 HOH 44 44  44  HOH TIP A . 
D 4 HOH 45 45  45  HOH TIP A . 
D 4 HOH 46 46  46  HOH TIP A . 
D 4 HOH 47 47  47  HOH TIP A . 
D 4 HOH 48 48  48  HOH TIP A . 
D 4 HOH 49 49  49  HOH TIP A . 
D 4 HOH 50 50  50  HOH TIP A . 
D 4 HOH 51 51  51  HOH TIP A . 
D 4 HOH 52 52  52  HOH TIP A . 
D 4 HOH 53 53  53  HOH TIP A . 
D 4 HOH 54 54  54  HOH TIP A . 
D 4 HOH 55 55  55  HOH TIP A . 
D 4 HOH 56 56  56  HOH TIP A . 
D 4 HOH 57 57  57  HOH TIP A . 
D 4 HOH 58 58  58  HOH TIP A . 
D 4 HOH 59 59  59  HOH TIP A . 
D 4 HOH 60 60  60  HOH TIP A . 
D 4 HOH 61 61  61  HOH TIP A . 
D 4 HOH 62 62  62  HOH TIP A . 
D 4 HOH 63 63  63  HOH TIP A . 
D 4 HOH 64 64  64  HOH TIP A . 
# 
loop_
_software.name 
_software.classification 
_software.version 
_software.citation_id 
_software.pdbx_ordinal 
PHASER    phasing          . ? 1 
PHASES    phasing          . ? 2 
CNS       refinement       . ? 3 
DENZO     'data reduction' . ? 4 
SCALEPACK 'data scaling'   . ? 5 
# 
_cell.entry_id           2OPY 
_cell.length_a           71.200 
_cell.length_b           71.200 
_cell.length_c           105.100 
_cell.angle_alpha        90.00 
_cell.angle_beta         90.00 
_cell.angle_gamma        90.00 
_cell.Z_PDB              8 
_cell.pdbx_unique_axis   ? 
_cell.length_a_esd       ? 
_cell.length_b_esd       ? 
_cell.length_c_esd       ? 
_cell.angle_alpha_esd    ? 
_cell.angle_beta_esd     ? 
_cell.angle_gamma_esd    ? 
# 
_symmetry.entry_id                         2OPY 
_symmetry.space_group_name_H-M             'P 41 2 2' 
_symmetry.pdbx_full_space_group_name_H-M   ? 
_symmetry.cell_setting                     ? 
_symmetry.Int_Tables_number                91 
_symmetry.space_group_name_Hall            ? 
# 
_exptl.entry_id          2OPY 
_exptl.method            'X-RAY DIFFRACTION' 
_exptl.crystals_number   1 
# 
_exptl_crystal.id                    1 
_exptl_crystal.density_meas          ? 
_exptl_crystal.density_Matthews      5.43 
_exptl_crystal.density_percent_sol   77.33 
_exptl_crystal.description           ? 
_exptl_crystal.F_000                 ? 
_exptl_crystal.preparation           ? 
# 
_exptl_crystal_grow.crystal_id      1 
_exptl_crystal_grow.method          'VAPOR DIFFUSION, HANGING DROP' 
_exptl_crystal_grow.temp            277 
_exptl_crystal_grow.temp_details    ? 
_exptl_crystal_grow.pH              7.5 
_exptl_crystal_grow.pdbx_details    '0.1 M HEPES, 4.3 M NaCl, pH 7.5, VAPOR DIFFUSION, HANGING DROP, temperature 277K' 
_exptl_crystal_grow.pdbx_pH_range   . 
# 
_diffrn.id                     1 
_diffrn.ambient_temp           100 
_diffrn.ambient_temp_details   ? 
_diffrn.crystal_id             1 
# 
_diffrn_detector.diffrn_id              1 
_diffrn_detector.detector               CCD 
_diffrn_detector.type                   ? 
_diffrn_detector.pdbx_collection_date   ? 
_diffrn_detector.details                ? 
# 
_diffrn_radiation.diffrn_id                        1 
_diffrn_radiation.wavelength_id                    1 
_diffrn_radiation.pdbx_monochromatic_or_laue_m_l   M 
_diffrn_radiation.monochromator                    GRAPHITE 
_diffrn_radiation.pdbx_diffrn_protocol             MAD 
_diffrn_radiation.pdbx_scattering_type             x-ray 
# 
loop_
_diffrn_radiation_wavelength.id 
_diffrn_radiation_wavelength.wavelength 
_diffrn_radiation_wavelength.wt 
1 1.5418 1.0 
2 1.5621 1.0 
3 1.7321 1.0 
# 
_diffrn_source.diffrn_id                   1 
_diffrn_source.source                      SYNCHROTRON 
_diffrn_source.type                        'NSLS BEAMLINE X12C' 
_diffrn_source.pdbx_synchrotron_site       NSLS 
_diffrn_source.pdbx_synchrotron_beamline   X12C 
_diffrn_source.pdbx_wavelength             ? 
_diffrn_source.pdbx_wavelength_list        1.5418,1.5621,1.7321 
# 
_reflns.entry_id                     2OPY 
_reflns.observed_criterion_sigma_F   0 
_reflns.observed_criterion_sigma_I   0 
_reflns.d_resolution_high            2.8 
_reflns.d_resolution_low             20 
_reflns.number_all                   6878 
_reflns.number_obs                   6502 
_reflns.percent_possible_obs         97.2 
_reflns.pdbx_Rmerge_I_obs            ? 
_reflns.pdbx_Rsym_value              0.076 
_reflns.pdbx_netI_over_sigmaI        35.7 
_reflns.B_iso_Wilson_estimate        ? 
_reflns.pdbx_redundancy              ? 
_reflns.R_free_details               ? 
_reflns.limit_h_max                  ? 
_reflns.limit_h_min                  ? 
_reflns.limit_k_max                  ? 
_reflns.limit_k_min                  ? 
_reflns.limit_l_max                  ? 
_reflns.limit_l_min                  ? 
_reflns.observed_criterion_F_max     ? 
_reflns.observed_criterion_F_min     ? 
_reflns.pdbx_chi_squared             ? 
_reflns.pdbx_scaling_rejects         ? 
_reflns.pdbx_diffrn_id               1 
_reflns.pdbx_ordinal                 1 
# 
_reflns_shell.d_res_high             2.8 
_reflns_shell.d_res_low              2.9 
_reflns_shell.percent_possible_all   100 
_reflns_shell.Rmerge_I_obs           ? 
_reflns_shell.pdbx_Rsym_value        0.447 
_reflns_shell.meanI_over_sigI_obs    6.8 
_reflns_shell.pdbx_redundancy        ? 
_reflns_shell.percent_possible_obs   ? 
_reflns_shell.number_unique_all      ? 
_reflns_shell.number_measured_all    ? 
_reflns_shell.number_measured_obs    ? 
_reflns_shell.number_unique_obs      ? 
_reflns_shell.pdbx_chi_squared       ? 
_reflns_shell.pdbx_diffrn_id         ? 
_reflns_shell.pdbx_ordinal           1 
# 
_refine.entry_id                                 2OPY 
_refine.ls_d_res_high                            2.8 
_refine.ls_d_res_low                             20 
_refine.pdbx_ls_sigma_F                          0 
_refine.pdbx_ls_sigma_I                          0 
_refine.ls_number_reflns_all                     6878 
_refine.ls_number_reflns_obs                     6502 
_refine.ls_number_reflns_R_free                  ? 
_refine.ls_percent_reflns_obs                    97.2 
_refine.ls_R_factor_all                          0.213 
_refine.ls_R_factor_obs                          0.213 
_refine.ls_R_factor_R_work                       0.213 
_refine.ls_R_factor_R_free                       0.235 
_refine.ls_redundancy_reflns_obs                 ? 
_refine.pdbx_data_cutoff_high_absF               ? 
_refine.pdbx_data_cutoff_low_absF                ? 
_refine.ls_number_parameters                     ? 
_refine.ls_number_restraints                     ? 
_refine.ls_percent_reflns_R_free                 ? 
_refine.ls_R_factor_R_free_error                 ? 
_refine.ls_R_factor_R_free_error_details         ? 
_refine.pdbx_method_to_determine_struct          'MOLECULAR REPLACEMENT' 
_refine.pdbx_starting_model                      ? 
_refine.pdbx_ls_cross_valid_method               ? 
_refine.pdbx_R_Free_selection_details            ? 
_refine.pdbx_stereochem_target_val_spec_case     ? 
_refine.pdbx_stereochemistry_target_values       'Engh & Huber' 
_refine.solvent_model_details                    ? 
_refine.solvent_model_param_bsol                 ? 
_refine.solvent_model_param_ksol                 ? 
_refine.occupancy_max                            ? 
_refine.occupancy_min                            ? 
_refine.pdbx_isotropic_thermal_model             ? 
_refine.B_iso_mean                               ? 
_refine.aniso_B[1][1]                            ? 
_refine.aniso_B[1][2]                            ? 
_refine.aniso_B[1][3]                            ? 
_refine.aniso_B[2][2]                            ? 
_refine.aniso_B[2][3]                            ? 
_refine.aniso_B[3][3]                            ? 
_refine.details                                  ? 
_refine.B_iso_min                                ? 
_refine.B_iso_max                                ? 
_refine.correlation_coeff_Fo_to_Fc               ? 
_refine.correlation_coeff_Fo_to_Fc_free          ? 
_refine.pdbx_solvent_vdw_probe_radii             ? 
_refine.pdbx_solvent_ion_probe_radii             ? 
_refine.pdbx_solvent_shrinkage_radii             ? 
_refine.overall_SU_R_Cruickshank_DPI             ? 
_refine.overall_SU_R_free                        ? 
_refine.overall_SU_ML                            ? 
_refine.overall_SU_B                             ? 
_refine.pdbx_overall_ESU_R_Free                  ? 
_refine.pdbx_data_cutoff_high_rms_absF           ? 
_refine.pdbx_overall_ESU_R                       ? 
_refine.ls_wR_factor_R_free                      ? 
_refine.ls_wR_factor_R_work                      ? 
_refine.overall_FOM_free_R_set                   ? 
_refine.overall_FOM_work_R_set                   ? 
_refine.pdbx_refine_id                           'X-RAY DIFFRACTION' 
_refine.pdbx_diffrn_id                           1 
_refine.pdbx_TLS_residual_ADP_flag               ? 
_refine.pdbx_overall_phase_error                 ? 
_refine.pdbx_overall_SU_R_free_Cruickshank_DPI   ? 
_refine.pdbx_overall_SU_R_Blow_DPI               ? 
_refine.pdbx_overall_SU_R_free_Blow_DPI          ? 
# 
_refine_analyze.entry_id                        2OPY 
_refine_analyze.Luzzati_coordinate_error_obs    0.34 
_refine_analyze.Luzzati_sigma_a_obs             ? 
_refine_analyze.Luzzati_d_res_low_obs           ? 
_refine_analyze.Luzzati_coordinate_error_free   ? 
_refine_analyze.Luzzati_sigma_a_free            ? 
_refine_analyze.Luzzati_d_res_low_free          ? 
_refine_analyze.number_disordered_residues      ? 
_refine_analyze.occupancy_sum_non_hydrogen      ? 
_refine_analyze.occupancy_sum_hydrogen          ? 
_refine_analyze.pdbx_Luzzati_d_res_high_obs     ? 
_refine_analyze.pdbx_refine_id                  'X-RAY DIFFRACTION' 
# 
_refine_hist.pdbx_refine_id                   'X-RAY DIFFRACTION' 
_refine_hist.cycle_id                         LAST 
_refine_hist.pdbx_number_atoms_protein        866 
_refine_hist.pdbx_number_atoms_nucleic_acid   0 
_refine_hist.pdbx_number_atoms_ligand         33 
_refine_hist.number_atoms_solvent             64 
_refine_hist.number_atoms_total               963 
_refine_hist.d_res_high                       2.8 
_refine_hist.d_res_low                        20 
# 
loop_
_refine_ls_restr.type 
_refine_ls_restr.dev_ideal 
_refine_ls_restr.dev_ideal_target 
_refine_ls_restr.weight 
_refine_ls_restr.number 
_refine_ls_restr.pdbx_refine_id 
_refine_ls_restr.pdbx_restraint_function 
'BOND LENGTHS'    0.007 ? ? ? 'X-RAY DIFFRACTION' ? 
'Bond angles'     1.3   ? ? ? 'X-RAY DIFFRACTION' ? 
'DIHEDRAL ANGLES' 21    ? ? ? 'X-RAY DIFFRACTION' ? 
'IMPROPER ANGLES' 0.9   ? ? ? 'X-RAY DIFFRACTION' ? 
# 
_refine_ls_shell.pdbx_total_number_of_bins_used   ? 
_refine_ls_shell.d_res_high                       2.8 
_refine_ls_shell.d_res_low                        2.9 
_refine_ls_shell.number_reflns_R_work             ? 
_refine_ls_shell.R_factor_R_work                  ? 
_refine_ls_shell.percent_reflns_obs               100 
_refine_ls_shell.R_factor_R_free                  ? 
_refine_ls_shell.R_factor_R_free_error            ? 
_refine_ls_shell.percent_reflns_R_free            ? 
_refine_ls_shell.number_reflns_R_free             ? 
_refine_ls_shell.number_reflns_all                ? 
_refine_ls_shell.R_factor_all                     ? 
_refine_ls_shell.number_reflns_obs                7101 
_refine_ls_shell.redundancy_reflns_obs            ? 
_refine_ls_shell.pdbx_refine_id                   'X-RAY DIFFRACTION' 
# 
_struct.entry_id                  2OPY 
_struct.title                     'Smac mimic bound to BIR3-XIAP' 
_struct.pdbx_model_details        ? 
_struct.pdbx_CASP_flag            ? 
_struct.pdbx_model_type_details   ? 
# 
_struct_keywords.entry_id        2OPY 
_struct_keywords.pdbx_keywords   'apoptosis activator' 
_struct_keywords.text            'Peptide mimic, BIR3, apoptosis activator' 
# 
loop_
_struct_asym.id 
_struct_asym.pdbx_blank_PDB_chainid_flag 
_struct_asym.pdbx_modified 
_struct_asym.entity_id 
_struct_asym.details 
A N N 1 ? 
B N N 2 ? 
C N N 3 ? 
D N N 4 ? 
# 
_struct_ref.id                         1 
_struct_ref.db_name                    UNP 
_struct_ref.db_code                    BIRC4_HUMAN 
_struct_ref.pdbx_db_accession          P98170 
_struct_ref.entity_id                  1 
_struct_ref.pdbx_seq_one_letter_code   
;NFPNSTNLPRNPSMADYEARIFTFGTWIYSVNKEQLARAGFYALGEGDKVKCFHCGGGLTDWKPSEDPWEQHAKWYPGCK
YLLEQKGQEYINNIHLTHSLEECLVR
;
_struct_ref.pdbx_align_begin           249 
_struct_ref.pdbx_db_isoform            ? 
# 
_struct_ref_seq.align_id                      1 
_struct_ref_seq.ref_id                        1 
_struct_ref_seq.pdbx_PDB_id_code              2OPY 
_struct_ref_seq.pdbx_strand_id                A 
_struct_ref_seq.seq_align_beg                 1 
_struct_ref_seq.pdbx_seq_align_beg_ins_code   ? 
_struct_ref_seq.seq_align_end                 106 
_struct_ref_seq.pdbx_seq_align_end_ins_code   ? 
_struct_ref_seq.pdbx_db_accession             P98170 
_struct_ref_seq.db_align_beg                  249 
_struct_ref_seq.pdbx_db_align_beg_ins_code    ? 
_struct_ref_seq.db_align_end                  354 
_struct_ref_seq.pdbx_db_align_end_ins_code    ? 
_struct_ref_seq.pdbx_auth_seq_align_beg       249 
_struct_ref_seq.pdbx_auth_seq_align_end       354 
# 
_pdbx_struct_assembly.id                   1 
_pdbx_struct_assembly.details              author_defined_assembly 
_pdbx_struct_assembly.method_details       ? 
_pdbx_struct_assembly.oligomeric_details   dimeric 
_pdbx_struct_assembly.oligomeric_count     2 
# 
_pdbx_struct_assembly_gen.assembly_id       1 
_pdbx_struct_assembly_gen.oper_expression   1,2 
_pdbx_struct_assembly_gen.asym_id_list      A,B,C,D 
# 
loop_
_pdbx_struct_oper_list.id 
_pdbx_struct_oper_list.type 
_pdbx_struct_oper_list.name 
_pdbx_struct_oper_list.symmetry_operation 
_pdbx_struct_oper_list.matrix[1][1] 
_pdbx_struct_oper_list.matrix[1][2] 
_pdbx_struct_oper_list.matrix[1][3] 
_pdbx_struct_oper_list.vector[1] 
_pdbx_struct_oper_list.matrix[2][1] 
_pdbx_struct_oper_list.matrix[2][2] 
_pdbx_struct_oper_list.matrix[2][3] 
_pdbx_struct_oper_list.vector[2] 
_pdbx_struct_oper_list.matrix[3][1] 
_pdbx_struct_oper_list.matrix[3][2] 
_pdbx_struct_oper_list.matrix[3][3] 
_pdbx_struct_oper_list.vector[3] 
1 'identity operation'         1_555 x,y,z     1.0000000000 0.0000000000  0.0000000000  0.0000000000  0.0000000000  1.0000000000  0.0000000000 0.0000000000  0.0000000000  0.0000000000 1.0000000000  0.0000000000   
2 'crystal symmetry operation' 5_455 -x-1,y,-z 0.1671831691 -0.9515440710 -0.2580962397 11.8249729928 -0.9515440710 -0.2242553329 0.2104125155 22.1395255526 -0.2580962397 0.2104125155 -0.9429278362 -28.1477360104 
# 
loop_
_struct_conf.conf_type_id 
_struct_conf.id 
_struct_conf.pdbx_PDB_helix_id 
_struct_conf.beg_label_comp_id 
_struct_conf.beg_label_asym_id 
_struct_conf.beg_label_seq_id 
_struct_conf.pdbx_beg_PDB_ins_code 
_struct_conf.end_label_comp_id 
_struct_conf.end_label_asym_id 
_struct_conf.end_label_seq_id 
_struct_conf.pdbx_end_PDB_ins_code 
_struct_conf.beg_auth_comp_id 
_struct_conf.beg_auth_asym_id 
_struct_conf.beg_auth_seq_id 
_struct_conf.end_auth_comp_id 
_struct_conf.end_auth_asym_id 
_struct_conf.end_auth_seq_id 
_struct_conf.pdbx_PDB_helix_class 
_struct_conf.details 
_struct_conf.pdbx_PDB_helix_length 
HELX_P HELX_P1 1 ASN A 11 ? ALA A 15  ? ASN A 259 ALA A 263 5 ? 5  
HELX_P HELX_P2 2 ASP A 16 ? GLY A 25  ? ASP A 264 GLY A 273 1 ? 10 
HELX_P HELX_P3 3 ASN A 32 ? ALA A 39  ? ASN A 280 ALA A 287 1 ? 8  
HELX_P HELX_P4 4 ASP A 67 ? TYR A 76  ? ASP A 315 TYR A 324 1 ? 10 
HELX_P HELX_P5 5 CYS A 79 ? ARG A 106 ? CYS A 327 ARG A 354 1 ? 28 
# 
_struct_conf_type.id          HELX_P 
_struct_conf_type.criteria    ? 
_struct_conf_type.reference   ? 
# 
loop_
_struct_conn.id 
_struct_conn.conn_type_id 
_struct_conn.pdbx_leaving_atom_flag 
_struct_conn.pdbx_PDB_id 
_struct_conn.ptnr1_label_asym_id 
_struct_conn.ptnr1_label_comp_id 
_struct_conn.ptnr1_label_seq_id 
_struct_conn.ptnr1_label_atom_id 
_struct_conn.pdbx_ptnr1_label_alt_id 
_struct_conn.pdbx_ptnr1_PDB_ins_code 
_struct_conn.pdbx_ptnr1_standard_comp_id 
_struct_conn.ptnr1_symmetry 
_struct_conn.ptnr2_label_asym_id 
_struct_conn.ptnr2_label_comp_id 
_struct_conn.ptnr2_label_seq_id 
_struct_conn.ptnr2_label_atom_id 
_struct_conn.pdbx_ptnr2_label_alt_id 
_struct_conn.pdbx_ptnr2_PDB_ins_code 
_struct_conn.ptnr1_auth_asym_id 
_struct_conn.ptnr1_auth_comp_id 
_struct_conn.ptnr1_auth_seq_id 
_struct_conn.ptnr2_auth_asym_id 
_struct_conn.ptnr2_auth_comp_id 
_struct_conn.ptnr2_auth_seq_id 
_struct_conn.ptnr2_symmetry 
_struct_conn.pdbx_ptnr3_label_atom_id 
_struct_conn.pdbx_ptnr3_label_seq_id 
_struct_conn.pdbx_ptnr3_label_comp_id 
_struct_conn.pdbx_ptnr3_label_asym_id 
_struct_conn.pdbx_ptnr3_label_alt_id 
_struct_conn.pdbx_ptnr3_PDB_ins_code 
_struct_conn.details 
_struct_conn.pdbx_dist_value 
_struct_conn.pdbx_value_order 
_struct_conn.pdbx_role 
metalc1 metalc ? ? B ZN . ZN ? ? ? 1_555 A CYS 52 SG  ? ? A ZN 102 A CYS 300 1_555 ? ? ? ? ? ? ? 2.330 ? ? 
metalc2 metalc ? ? B ZN . ZN ? ? ? 1_555 A CYS 55 SG  ? ? A ZN 102 A CYS 303 1_555 ? ? ? ? ? ? ? 2.394 ? ? 
metalc3 metalc ? ? B ZN . ZN ? ? ? 1_555 A HIS 72 NE2 ? ? A ZN 102 A HIS 320 1_555 ? ? ? ? ? ? ? 2.183 ? ? 
metalc4 metalc ? ? B ZN . ZN ? ? ? 1_555 A CYS 79 SG  ? ? A ZN 102 A CYS 327 1_555 ? ? ? ? ? ? ? 2.386 ? ? 
# 
_struct_conn_type.id          metalc 
_struct_conn_type.criteria    ? 
_struct_conn_type.reference   ? 
# 
loop_
_pdbx_struct_conn_angle.id 
_pdbx_struct_conn_angle.ptnr1_label_atom_id 
_pdbx_struct_conn_angle.ptnr1_label_alt_id 
_pdbx_struct_conn_angle.ptnr1_label_asym_id 
_pdbx_struct_conn_angle.ptnr1_label_comp_id 
_pdbx_struct_conn_angle.ptnr1_label_seq_id 
_pdbx_struct_conn_angle.ptnr1_auth_atom_id 
_pdbx_struct_conn_angle.ptnr1_auth_asym_id 
_pdbx_struct_conn_angle.ptnr1_auth_comp_id 
_pdbx_struct_conn_angle.ptnr1_auth_seq_id 
_pdbx_struct_conn_angle.ptnr1_PDB_ins_code 
_pdbx_struct_conn_angle.ptnr1_symmetry 
_pdbx_struct_conn_angle.ptnr2_label_atom_id 
_pdbx_struct_conn_angle.ptnr2_label_alt_id 
_pdbx_struct_conn_angle.ptnr2_label_asym_id 
_pdbx_struct_conn_angle.ptnr2_label_comp_id 
_pdbx_struct_conn_angle.ptnr2_label_seq_id 
_pdbx_struct_conn_angle.ptnr2_auth_atom_id 
_pdbx_struct_conn_angle.ptnr2_auth_asym_id 
_pdbx_struct_conn_angle.ptnr2_auth_comp_id 
_pdbx_struct_conn_angle.ptnr2_auth_seq_id 
_pdbx_struct_conn_angle.ptnr2_PDB_ins_code 
_pdbx_struct_conn_angle.ptnr2_symmetry 
_pdbx_struct_conn_angle.ptnr3_label_atom_id 
_pdbx_struct_conn_angle.ptnr3_label_alt_id 
_pdbx_struct_conn_angle.ptnr3_label_asym_id 
_pdbx_struct_conn_angle.ptnr3_label_comp_id 
_pdbx_struct_conn_angle.ptnr3_label_seq_id 
_pdbx_struct_conn_angle.ptnr3_auth_atom_id 
_pdbx_struct_conn_angle.ptnr3_auth_asym_id 
_pdbx_struct_conn_angle.ptnr3_auth_comp_id 
_pdbx_struct_conn_angle.ptnr3_auth_seq_id 
_pdbx_struct_conn_angle.ptnr3_PDB_ins_code 
_pdbx_struct_conn_angle.ptnr3_symmetry 
_pdbx_struct_conn_angle.value 
_pdbx_struct_conn_angle.value_esd 
1 SG  ? A CYS 52 ? A CYS 300 ? 1_555 ZN ? B ZN . ? A ZN 102 ? 1_555 SG  ? A CYS 55 ? A CYS 303 ? 1_555 109.4 ? 
2 SG  ? A CYS 52 ? A CYS 300 ? 1_555 ZN ? B ZN . ? A ZN 102 ? 1_555 NE2 ? A HIS 72 ? A HIS 320 ? 1_555 94.4  ? 
3 SG  ? A CYS 55 ? A CYS 303 ? 1_555 ZN ? B ZN . ? A ZN 102 ? 1_555 NE2 ? A HIS 72 ? A HIS 320 ? 1_555 113.8 ? 
4 SG  ? A CYS 52 ? A CYS 300 ? 1_555 ZN ? B ZN . ? A ZN 102 ? 1_555 SG  ? A CYS 79 ? A CYS 327 ? 1_555 121.0 ? 
5 SG  ? A CYS 55 ? A CYS 303 ? 1_555 ZN ? B ZN . ? A ZN 102 ? 1_555 SG  ? A CYS 79 ? A CYS 327 ? 1_555 109.7 ? 
6 NE2 ? A HIS 72 ? A HIS 320 ? 1_555 ZN ? B ZN . ? A ZN 102 ? 1_555 SG  ? A CYS 79 ? A CYS 327 ? 1_555 107.9 ? 
# 
_struct_sheet.id               A 
_struct_sheet.type             ? 
_struct_sheet.number_strands   3 
_struct_sheet.details          ? 
# 
loop_
_struct_sheet_order.sheet_id 
_struct_sheet_order.range_id_1 
_struct_sheet_order.range_id_2 
_struct_sheet_order.offset 
_struct_sheet_order.sense 
A 1 2 ? anti-parallel 
A 2 3 ? anti-parallel 
# 
loop_
_struct_sheet_range.sheet_id 
_struct_sheet_range.id 
_struct_sheet_range.beg_label_comp_id 
_struct_sheet_range.beg_label_asym_id 
_struct_sheet_range.beg_label_seq_id 
_struct_sheet_range.pdbx_beg_PDB_ins_code 
_struct_sheet_range.end_label_comp_id 
_struct_sheet_range.end_label_asym_id 
_struct_sheet_range.end_label_seq_id 
_struct_sheet_range.pdbx_end_PDB_ins_code 
_struct_sheet_range.beg_auth_comp_id 
_struct_sheet_range.beg_auth_asym_id 
_struct_sheet_range.beg_auth_seq_id 
_struct_sheet_range.end_auth_comp_id 
_struct_sheet_range.end_auth_asym_id 
_struct_sheet_range.end_auth_seq_id 
A 1 PHE A 41 ? ALA A 43 ? PHE A 289 ALA A 291 
A 2 VAL A 50 ? CYS A 52 ? VAL A 298 CYS A 300 
A 3 GLY A 58 ? LEU A 59 ? GLY A 306 LEU A 307 
# 
loop_
_pdbx_struct_sheet_hbond.sheet_id 
_pdbx_struct_sheet_hbond.range_id_1 
_pdbx_struct_sheet_hbond.range_id_2 
_pdbx_struct_sheet_hbond.range_1_label_atom_id 
_pdbx_struct_sheet_hbond.range_1_label_comp_id 
_pdbx_struct_sheet_hbond.range_1_label_asym_id 
_pdbx_struct_sheet_hbond.range_1_label_seq_id 
_pdbx_struct_sheet_hbond.range_1_PDB_ins_code 
_pdbx_struct_sheet_hbond.range_1_auth_atom_id 
_pdbx_struct_sheet_hbond.range_1_auth_comp_id 
_pdbx_struct_sheet_hbond.range_1_auth_asym_id 
_pdbx_struct_sheet_hbond.range_1_auth_seq_id 
_pdbx_struct_sheet_hbond.range_2_label_atom_id 
_pdbx_struct_sheet_hbond.range_2_label_comp_id 
_pdbx_struct_sheet_hbond.range_2_label_asym_id 
_pdbx_struct_sheet_hbond.range_2_label_seq_id 
_pdbx_struct_sheet_hbond.range_2_PDB_ins_code 
_pdbx_struct_sheet_hbond.range_2_auth_atom_id 
_pdbx_struct_sheet_hbond.range_2_auth_comp_id 
_pdbx_struct_sheet_hbond.range_2_auth_asym_id 
_pdbx_struct_sheet_hbond.range_2_auth_seq_id 
A 1 2 N TYR A 42 ? N TYR A 290 O LYS A 51 ? O LYS A 299 
A 2 3 N VAL A 50 ? N VAL A 298 O LEU A 59 ? O LEU A 307 
# 
loop_
_struct_site.id 
_struct_site.pdbx_evidence_code 
_struct_site.pdbx_auth_asym_id 
_struct_site.pdbx_auth_comp_id 
_struct_site.pdbx_auth_seq_id 
_struct_site.pdbx_auth_ins_code 
_struct_site.pdbx_num_residues 
_struct_site.details 
AC1 Software A ZN  102 ? 4  'BINDING SITE FOR RESIDUE ZN A 102'  
AC2 Software A CO9 101 ? 15 'BINDING SITE FOR RESIDUE CO9 A 101' 
# 
loop_
_struct_site_gen.id 
_struct_site_gen.site_id 
_struct_site_gen.pdbx_num_res 
_struct_site_gen.label_comp_id 
_struct_site_gen.label_asym_id 
_struct_site_gen.label_seq_id 
_struct_site_gen.pdbx_auth_ins_code 
_struct_site_gen.auth_comp_id 
_struct_site_gen.auth_asym_id 
_struct_site_gen.auth_seq_id 
_struct_site_gen.label_atom_id 
_struct_site_gen.label_alt_id 
_struct_site_gen.symmetry 
_struct_site_gen.details 
1  AC1 4  CYS A 52 ? CYS A 300 . ? 1_555 ? 
2  AC1 4  CYS A 55 ? CYS A 303 . ? 1_555 ? 
3  AC1 4  HIS A 72 ? HIS A 320 . ? 1_555 ? 
4  AC1 4  CYS A 79 ? CYS A 327 . ? 1_555 ? 
5  AC2 15 HOH D .  ? HOH A 4   . ? 1_555 ? 
6  AC2 15 HOH D .  ? HOH A 29  . ? 1_555 ? 
7  AC2 15 HOH D .  ? HOH A 41  . ? 1_555 ? 
8  AC2 15 HOH D .  ? HOH A 48  . ? 1_555 ? 
9  AC2 15 HOH D .  ? HOH A 57  . ? 1_555 ? 
10 AC2 15 LEU A 44 ? LEU A 292 . ? 1_555 ? 
11 AC2 15 VAL A 50 ? VAL A 298 . ? 1_555 ? 
12 AC2 15 GLY A 58 ? GLY A 306 . ? 1_555 ? 
13 AC2 15 LEU A 59 ? LEU A 307 . ? 1_555 ? 
14 AC2 15 THR A 60 ? THR A 308 . ? 1_555 ? 
15 AC2 15 ASP A 61 ? ASP A 309 . ? 1_555 ? 
16 AC2 15 GLU A 66 ? GLU A 314 . ? 1_555 ? 
17 AC2 15 GLN A 71 ? GLN A 319 . ? 1_555 ? 
18 AC2 15 TRP A 75 ? TRP A 323 . ? 1_555 ? 
19 AC2 15 TYR A 76 ? TYR A 324 . ? 1_555 ? 
# 
loop_
_pdbx_validate_torsion.id 
_pdbx_validate_torsion.PDB_model_num 
_pdbx_validate_torsion.auth_comp_id 
_pdbx_validate_torsion.auth_asym_id 
_pdbx_validate_torsion.auth_seq_id 
_pdbx_validate_torsion.PDB_ins_code 
_pdbx_validate_torsion.label_alt_id 
_pdbx_validate_torsion.phi 
_pdbx_validate_torsion.psi 
1 1 ASP A 296 ? ? -97.60 37.13  
2 1 PRO A 312 ? ? -35.96 -70.03 
# 
loop_
_chem_comp_atom.comp_id 
_chem_comp_atom.atom_id 
_chem_comp_atom.type_symbol 
_chem_comp_atom.pdbx_aromatic_flag 
_chem_comp_atom.pdbx_stereo_config 
_chem_comp_atom.pdbx_ordinal 
ALA N    N  N N 1   
ALA CA   C  N S 2   
ALA C    C  N N 3   
ALA O    O  N N 4   
ALA CB   C  N N 5   
ALA OXT  O  N N 6   
ALA H    H  N N 7   
ALA H2   H  N N 8   
ALA HA   H  N N 9   
ALA HB1  H  N N 10  
ALA HB2  H  N N 11  
ALA HB3  H  N N 12  
ALA HXT  H  N N 13  
ARG N    N  N N 14  
ARG CA   C  N S 15  
ARG C    C  N N 16  
ARG O    O  N N 17  
ARG CB   C  N N 18  
ARG CG   C  N N 19  
ARG CD   C  N N 20  
ARG NE   N  N N 21  
ARG CZ   C  N N 22  
ARG NH1  N  N N 23  
ARG NH2  N  N N 24  
ARG OXT  O  N N 25  
ARG H    H  N N 26  
ARG H2   H  N N 27  
ARG HA   H  N N 28  
ARG HB2  H  N N 29  
ARG HB3  H  N N 30  
ARG HG2  H  N N 31  
ARG HG3  H  N N 32  
ARG HD2  H  N N 33  
ARG HD3  H  N N 34  
ARG HE   H  N N 35  
ARG HH11 H  N N 36  
ARG HH12 H  N N 37  
ARG HH21 H  N N 38  
ARG HH22 H  N N 39  
ARG HXT  H  N N 40  
ASN N    N  N N 41  
ASN CA   C  N S 42  
ASN C    C  N N 43  
ASN O    O  N N 44  
ASN CB   C  N N 45  
ASN CG   C  N N 46  
ASN OD1  O  N N 47  
ASN ND2  N  N N 48  
ASN OXT  O  N N 49  
ASN H    H  N N 50  
ASN H2   H  N N 51  
ASN HA   H  N N 52  
ASN HB2  H  N N 53  
ASN HB3  H  N N 54  
ASN HD21 H  N N 55  
ASN HD22 H  N N 56  
ASN HXT  H  N N 57  
ASP N    N  N N 58  
ASP CA   C  N S 59  
ASP C    C  N N 60  
ASP O    O  N N 61  
ASP CB   C  N N 62  
ASP CG   C  N N 63  
ASP OD1  O  N N 64  
ASP OD2  O  N N 65  
ASP OXT  O  N N 66  
ASP H    H  N N 67  
ASP H2   H  N N 68  
ASP HA   H  N N 69  
ASP HB2  H  N N 70  
ASP HB3  H  N N 71  
ASP HD2  H  N N 72  
ASP HXT  H  N N 73  
CO9 C1   C  N N 74  
CO9 N1   N  N N 75  
CO9 O1   O  N N 76  
CO9 C2   C  N S 77  
CO9 N2   N  Y N 78  
CO9 O2   O  N N 79  
CO9 C3   C  Y N 80  
CO9 N3   N  N N 81  
CO9 O3   O  N N 82  
CO9 C4   C  Y N 83  
CO9 N4   N  N N 84  
CO9 O4   O  N N 85  
CO9 C5   C  N N 86  
CO9 N5   N  Y N 87  
CO9 O5   O  Y N 88  
CO9 C6   C  N N 89  
CO9 C7   C  N N 90  
CO9 C8   C  N N 91  
CO9 C9   C  N S 92  
CO9 C10  C  N N 93  
CO9 C11  C  N S 94  
CO9 C12  C  N N 95  
CO9 C13  C  Y N 96  
CO9 C14  C  Y N 97  
CO9 C15  C  Y N 98  
CO9 C16  C  Y N 99  
CO9 C17  C  Y N 100 
CO9 C18  C  Y N 101 
CO9 C19  C  Y N 102 
CO9 C20  C  Y N 103 
CO9 C21  C  N N 104 
CO9 C22  C  Y N 105 
CO9 H11A H  N N 106 
CO9 H12  H  N N 107 
CO9 H13  H  N N 108 
CO9 HN11 H  N N 109 
CO9 HN12 H  N N 110 
CO9 H2   H  N N 111 
CO9 HO3  H  N N 112 
CO9 HN4  H  N N 113 
CO9 HN5  H  N N 114 
CO9 H61  H  N N 115 
CO9 H62  H  N N 116 
CO9 H71  H  N N 117 
CO9 H72  H  N N 118 
CO9 H81  H  N N 119 
CO9 H82  H  N N 120 
CO9 H9   H  N N 121 
CO9 H11  H  N N 122 
CO9 H121 H  N N 123 
CO9 H122 H  N N 124 
CO9 H14  H  N N 125 
CO9 H16  H  N N 126 
CO9 H17  H  N N 127 
CO9 H18  H  N N 128 
CO9 H19  H  N N 129 
CO9 H22  H  N N 130 
CYS N    N  N N 131 
CYS CA   C  N R 132 
CYS C    C  N N 133 
CYS O    O  N N 134 
CYS CB   C  N N 135 
CYS SG   S  N N 136 
CYS OXT  O  N N 137 
CYS H    H  N N 138 
CYS H2   H  N N 139 
CYS HA   H  N N 140 
CYS HB2  H  N N 141 
CYS HB3  H  N N 142 
CYS HG   H  N N 143 
CYS HXT  H  N N 144 
GLN N    N  N N 145 
GLN CA   C  N S 146 
GLN C    C  N N 147 
GLN O    O  N N 148 
GLN CB   C  N N 149 
GLN CG   C  N N 150 
GLN CD   C  N N 151 
GLN OE1  O  N N 152 
GLN NE2  N  N N 153 
GLN OXT  O  N N 154 
GLN H    H  N N 155 
GLN H2   H  N N 156 
GLN HA   H  N N 157 
GLN HB2  H  N N 158 
GLN HB3  H  N N 159 
GLN HG2  H  N N 160 
GLN HG3  H  N N 161 
GLN HE21 H  N N 162 
GLN HE22 H  N N 163 
GLN HXT  H  N N 164 
GLU N    N  N N 165 
GLU CA   C  N S 166 
GLU C    C  N N 167 
GLU O    O  N N 168 
GLU CB   C  N N 169 
GLU CG   C  N N 170 
GLU CD   C  N N 171 
GLU OE1  O  N N 172 
GLU OE2  O  N N 173 
GLU OXT  O  N N 174 
GLU H    H  N N 175 
GLU H2   H  N N 176 
GLU HA   H  N N 177 
GLU HB2  H  N N 178 
GLU HB3  H  N N 179 
GLU HG2  H  N N 180 
GLU HG3  H  N N 181 
GLU HE2  H  N N 182 
GLU HXT  H  N N 183 
GLY N    N  N N 184 
GLY CA   C  N N 185 
GLY C    C  N N 186 
GLY O    O  N N 187 
GLY OXT  O  N N 188 
GLY H    H  N N 189 
GLY H2   H  N N 190 
GLY HA2  H  N N 191 
GLY HA3  H  N N 192 
GLY HXT  H  N N 193 
HIS N    N  N N 194 
HIS CA   C  N S 195 
HIS C    C  N N 196 
HIS O    O  N N 197 
HIS CB   C  N N 198 
HIS CG   C  Y N 199 
HIS ND1  N  Y N 200 
HIS CD2  C  Y N 201 
HIS CE1  C  Y N 202 
HIS NE2  N  Y N 203 
HIS OXT  O  N N 204 
HIS H    H  N N 205 
HIS H2   H  N N 206 
HIS HA   H  N N 207 
HIS HB2  H  N N 208 
HIS HB3  H  N N 209 
HIS HD1  H  N N 210 
HIS HD2  H  N N 211 
HIS HE1  H  N N 212 
HIS HE2  H  N N 213 
HIS HXT  H  N N 214 
HOH O    O  N N 215 
HOH H1   H  N N 216 
HOH H2   H  N N 217 
ILE N    N  N N 218 
ILE CA   C  N S 219 
ILE C    C  N N 220 
ILE O    O  N N 221 
ILE CB   C  N S 222 
ILE CG1  C  N N 223 
ILE CG2  C  N N 224 
ILE CD1  C  N N 225 
ILE OXT  O  N N 226 
ILE H    H  N N 227 
ILE H2   H  N N 228 
ILE HA   H  N N 229 
ILE HB   H  N N 230 
ILE HG12 H  N N 231 
ILE HG13 H  N N 232 
ILE HG21 H  N N 233 
ILE HG22 H  N N 234 
ILE HG23 H  N N 235 
ILE HD11 H  N N 236 
ILE HD12 H  N N 237 
ILE HD13 H  N N 238 
ILE HXT  H  N N 239 
LEU N    N  N N 240 
LEU CA   C  N S 241 
LEU C    C  N N 242 
LEU O    O  N N 243 
LEU CB   C  N N 244 
LEU CG   C  N N 245 
LEU CD1  C  N N 246 
LEU CD2  C  N N 247 
LEU OXT  O  N N 248 
LEU H    H  N N 249 
LEU H2   H  N N 250 
LEU HA   H  N N 251 
LEU HB2  H  N N 252 
LEU HB3  H  N N 253 
LEU HG   H  N N 254 
LEU HD11 H  N N 255 
LEU HD12 H  N N 256 
LEU HD13 H  N N 257 
LEU HD21 H  N N 258 
LEU HD22 H  N N 259 
LEU HD23 H  N N 260 
LEU HXT  H  N N 261 
LYS N    N  N N 262 
LYS CA   C  N S 263 
LYS C    C  N N 264 
LYS O    O  N N 265 
LYS CB   C  N N 266 
LYS CG   C  N N 267 
LYS CD   C  N N 268 
LYS CE   C  N N 269 
LYS NZ   N  N N 270 
LYS OXT  O  N N 271 
LYS H    H  N N 272 
LYS H2   H  N N 273 
LYS HA   H  N N 274 
LYS HB2  H  N N 275 
LYS HB3  H  N N 276 
LYS HG2  H  N N 277 
LYS HG3  H  N N 278 
LYS HD2  H  N N 279 
LYS HD3  H  N N 280 
LYS HE2  H  N N 281 
LYS HE3  H  N N 282 
LYS HZ1  H  N N 283 
LYS HZ2  H  N N 284 
LYS HZ3  H  N N 285 
LYS HXT  H  N N 286 
MET N    N  N N 287 
MET CA   C  N S 288 
MET C    C  N N 289 
MET O    O  N N 290 
MET CB   C  N N 291 
MET CG   C  N N 292 
MET SD   S  N N 293 
MET CE   C  N N 294 
MET OXT  O  N N 295 
MET H    H  N N 296 
MET H2   H  N N 297 
MET HA   H  N N 298 
MET HB2  H  N N 299 
MET HB3  H  N N 300 
MET HG2  H  N N 301 
MET HG3  H  N N 302 
MET HE1  H  N N 303 
MET HE2  H  N N 304 
MET HE3  H  N N 305 
MET HXT  H  N N 306 
PHE N    N  N N 307 
PHE CA   C  N S 308 
PHE C    C  N N 309 
PHE O    O  N N 310 
PHE CB   C  N N 311 
PHE CG   C  Y N 312 
PHE CD1  C  Y N 313 
PHE CD2  C  Y N 314 
PHE CE1  C  Y N 315 
PHE CE2  C  Y N 316 
PHE CZ   C  Y N 317 
PHE OXT  O  N N 318 
PHE H    H  N N 319 
PHE H2   H  N N 320 
PHE HA   H  N N 321 
PHE HB2  H  N N 322 
PHE HB3  H  N N 323 
PHE HD1  H  N N 324 
PHE HD2  H  N N 325 
PHE HE1  H  N N 326 
PHE HE2  H  N N 327 
PHE HZ   H  N N 328 
PHE HXT  H  N N 329 
PRO N    N  N N 330 
PRO CA   C  N S 331 
PRO C    C  N N 332 
PRO O    O  N N 333 
PRO CB   C  N N 334 
PRO CG   C  N N 335 
PRO CD   C  N N 336 
PRO OXT  O  N N 337 
PRO H    H  N N 338 
PRO HA   H  N N 339 
PRO HB2  H  N N 340 
PRO HB3  H  N N 341 
PRO HG2  H  N N 342 
PRO HG3  H  N N 343 
PRO HD2  H  N N 344 
PRO HD3  H  N N 345 
PRO HXT  H  N N 346 
SER N    N  N N 347 
SER CA   C  N S 348 
SER C    C  N N 349 
SER O    O  N N 350 
SER CB   C  N N 351 
SER OG   O  N N 352 
SER OXT  O  N N 353 
SER H    H  N N 354 
SER H2   H  N N 355 
SER HA   H  N N 356 
SER HB2  H  N N 357 
SER HB3  H  N N 358 
SER HG   H  N N 359 
SER HXT  H  N N 360 
THR N    N  N N 361 
THR CA   C  N S 362 
THR C    C  N N 363 
THR O    O  N N 364 
THR CB   C  N R 365 
THR OG1  O  N N 366 
THR CG2  C  N N 367 
THR OXT  O  N N 368 
THR H    H  N N 369 
THR H2   H  N N 370 
THR HA   H  N N 371 
THR HB   H  N N 372 
THR HG1  H  N N 373 
THR HG21 H  N N 374 
THR HG22 H  N N 375 
THR HG23 H  N N 376 
THR HXT  H  N N 377 
TRP N    N  N N 378 
TRP CA   C  N S 379 
TRP C    C  N N 380 
TRP O    O  N N 381 
TRP CB   C  N N 382 
TRP CG   C  Y N 383 
TRP CD1  C  Y N 384 
TRP CD2  C  Y N 385 
TRP NE1  N  Y N 386 
TRP CE2  C  Y N 387 
TRP CE3  C  Y N 388 
TRP CZ2  C  Y N 389 
TRP CZ3  C  Y N 390 
TRP CH2  C  Y N 391 
TRP OXT  O  N N 392 
TRP H    H  N N 393 
TRP H2   H  N N 394 
TRP HA   H  N N 395 
TRP HB2  H  N N 396 
TRP HB3  H  N N 397 
TRP HD1  H  N N 398 
TRP HE1  H  N N 399 
TRP HE3  H  N N 400 
TRP HZ2  H  N N 401 
TRP HZ3  H  N N 402 
TRP HH2  H  N N 403 
TRP HXT  H  N N 404 
TYR N    N  N N 405 
TYR CA   C  N S 406 
TYR C    C  N N 407 
TYR O    O  N N 408 
TYR CB   C  N N 409 
TYR CG   C  Y N 410 
TYR CD1  C  Y N 411 
TYR CD2  C  Y N 412 
TYR CE1  C  Y N 413 
TYR CE2  C  Y N 414 
TYR CZ   C  Y N 415 
TYR OH   O  N N 416 
TYR OXT  O  N N 417 
TYR H    H  N N 418 
TYR H2   H  N N 419 
TYR HA   H  N N 420 
TYR HB2  H  N N 421 
TYR HB3  H  N N 422 
TYR HD1  H  N N 423 
TYR HD2  H  N N 424 
TYR HE1  H  N N 425 
TYR HE2  H  N N 426 
TYR HH   H  N N 427 
TYR HXT  H  N N 428 
VAL N    N  N N 429 
VAL CA   C  N S 430 
VAL C    C  N N 431 
VAL O    O  N N 432 
VAL CB   C  N N 433 
VAL CG1  C  N N 434 
VAL CG2  C  N N 435 
VAL OXT  O  N N 436 
VAL H    H  N N 437 
VAL H2   H  N N 438 
VAL HA   H  N N 439 
VAL HB   H  N N 440 
VAL HG11 H  N N 441 
VAL HG12 H  N N 442 
VAL HG13 H  N N 443 
VAL HG21 H  N N 444 
VAL HG22 H  N N 445 
VAL HG23 H  N N 446 
VAL HXT  H  N N 447 
ZN  ZN   ZN N N 448 
# 
loop_
_chem_comp_bond.comp_id 
_chem_comp_bond.atom_id_1 
_chem_comp_bond.atom_id_2 
_chem_comp_bond.value_order 
_chem_comp_bond.pdbx_aromatic_flag 
_chem_comp_bond.pdbx_stereo_config 
_chem_comp_bond.pdbx_ordinal 
ALA N   CA   sing N N 1   
ALA N   H    sing N N 2   
ALA N   H2   sing N N 3   
ALA CA  C    sing N N 4   
ALA CA  CB   sing N N 5   
ALA CA  HA   sing N N 6   
ALA C   O    doub N N 7   
ALA C   OXT  sing N N 8   
ALA CB  HB1  sing N N 9   
ALA CB  HB2  sing N N 10  
ALA CB  HB3  sing N N 11  
ALA OXT HXT  sing N N 12  
ARG N   CA   sing N N 13  
ARG N   H    sing N N 14  
ARG N   H2   sing N N 15  
ARG CA  C    sing N N 16  
ARG CA  CB   sing N N 17  
ARG CA  HA   sing N N 18  
ARG C   O    doub N N 19  
ARG C   OXT  sing N N 20  
ARG CB  CG   sing N N 21  
ARG CB  HB2  sing N N 22  
ARG CB  HB3  sing N N 23  
ARG CG  CD   sing N N 24  
ARG CG  HG2  sing N N 25  
ARG CG  HG3  sing N N 26  
ARG CD  NE   sing N N 27  
ARG CD  HD2  sing N N 28  
ARG CD  HD3  sing N N 29  
ARG NE  CZ   sing N N 30  
ARG NE  HE   sing N N 31  
ARG CZ  NH1  sing N N 32  
ARG CZ  NH2  doub N N 33  
ARG NH1 HH11 sing N N 34  
ARG NH1 HH12 sing N N 35  
ARG NH2 HH21 sing N N 36  
ARG NH2 HH22 sing N N 37  
ARG OXT HXT  sing N N 38  
ASN N   CA   sing N N 39  
ASN N   H    sing N N 40  
ASN N   H2   sing N N 41  
ASN CA  C    sing N N 42  
ASN CA  CB   sing N N 43  
ASN CA  HA   sing N N 44  
ASN C   O    doub N N 45  
ASN C   OXT  sing N N 46  
ASN CB  CG   sing N N 47  
ASN CB  HB2  sing N N 48  
ASN CB  HB3  sing N N 49  
ASN CG  OD1  doub N N 50  
ASN CG  ND2  sing N N 51  
ASN ND2 HD21 sing N N 52  
ASN ND2 HD22 sing N N 53  
ASN OXT HXT  sing N N 54  
ASP N   CA   sing N N 55  
ASP N   H    sing N N 56  
ASP N   H2   sing N N 57  
ASP CA  C    sing N N 58  
ASP CA  CB   sing N N 59  
ASP CA  HA   sing N N 60  
ASP C   O    doub N N 61  
ASP C   OXT  sing N N 62  
ASP CB  CG   sing N N 63  
ASP CB  HB2  sing N N 64  
ASP CB  HB3  sing N N 65  
ASP CG  OD1  doub N N 66  
ASP CG  OD2  sing N N 67  
ASP OD2 HD2  sing N N 68  
ASP OXT HXT  sing N N 69  
CO9 C1  C2   sing N N 70  
CO9 C1  H11A sing N N 71  
CO9 C1  H12  sing N N 72  
CO9 C1  H13  sing N N 73  
CO9 N1  C2   sing N N 74  
CO9 N1  HN11 sing N N 75  
CO9 N1  HN12 sing N N 76  
CO9 O1  C5   doub N N 77  
CO9 C2  C3   sing N N 78  
CO9 C2  H2   sing N N 79  
CO9 N2  C4   sing Y N 80  
CO9 N2  C3   doub Y N 81  
CO9 O2  C10  doub N N 82  
CO9 C3  O5   sing Y N 83  
CO9 N3  C9   sing N N 84  
CO9 N3  C6   sing N N 85  
CO9 N3  C5   sing N N 86  
CO9 O3  C21  sing N N 87  
CO9 O3  HO3  sing N N 88  
CO9 C4  C5   sing N N 89  
CO9 C4  C22  doub Y N 90  
CO9 N4  C11  sing N N 91  
CO9 N4  C10  sing N N 92  
CO9 N4  HN4  sing N N 93  
CO9 O4  C21  doub N N 94  
CO9 N5  C14  sing Y N 95  
CO9 N5  C15  sing Y N 96  
CO9 N5  HN5  sing N N 97  
CO9 O5  C22  sing Y N 98  
CO9 C6  C7   sing N N 99  
CO9 C6  H61  sing N N 100 
CO9 C6  H62  sing N N 101 
CO9 C7  C8   sing N N 102 
CO9 C7  H71  sing N N 103 
CO9 C7  H72  sing N N 104 
CO9 C8  C9   sing N N 105 
CO9 C8  H81  sing N N 106 
CO9 C8  H82  sing N N 107 
CO9 C9  C10  sing N N 108 
CO9 C9  H9   sing N N 109 
CO9 C11 C21  sing N N 110 
CO9 C11 C12  sing N N 111 
CO9 C11 H11  sing N N 112 
CO9 C12 C13  sing N N 113 
CO9 C12 H121 sing N N 114 
CO9 C12 H122 sing N N 115 
CO9 C13 C14  doub Y N 116 
CO9 C13 C20  sing Y N 117 
CO9 C14 H14  sing N N 118 
CO9 C15 C16  doub Y N 119 
CO9 C15 C20  sing Y N 120 
CO9 C16 C17  sing Y N 121 
CO9 C16 H16  sing N N 122 
CO9 C17 C18  doub Y N 123 
CO9 C17 H17  sing N N 124 
CO9 C18 C19  sing Y N 125 
CO9 C18 H18  sing N N 126 
CO9 C19 C20  doub Y N 127 
CO9 C19 H19  sing N N 128 
CO9 C22 H22  sing N N 129 
CYS N   CA   sing N N 130 
CYS N   H    sing N N 131 
CYS N   H2   sing N N 132 
CYS CA  C    sing N N 133 
CYS CA  CB   sing N N 134 
CYS CA  HA   sing N N 135 
CYS C   O    doub N N 136 
CYS C   OXT  sing N N 137 
CYS CB  SG   sing N N 138 
CYS CB  HB2  sing N N 139 
CYS CB  HB3  sing N N 140 
CYS SG  HG   sing N N 141 
CYS OXT HXT  sing N N 142 
GLN N   CA   sing N N 143 
GLN N   H    sing N N 144 
GLN N   H2   sing N N 145 
GLN CA  C    sing N N 146 
GLN CA  CB   sing N N 147 
GLN CA  HA   sing N N 148 
GLN C   O    doub N N 149 
GLN C   OXT  sing N N 150 
GLN CB  CG   sing N N 151 
GLN CB  HB2  sing N N 152 
GLN CB  HB3  sing N N 153 
GLN CG  CD   sing N N 154 
GLN CG  HG2  sing N N 155 
GLN CG  HG3  sing N N 156 
GLN CD  OE1  doub N N 157 
GLN CD  NE2  sing N N 158 
GLN NE2 HE21 sing N N 159 
GLN NE2 HE22 sing N N 160 
GLN OXT HXT  sing N N 161 
GLU N   CA   sing N N 162 
GLU N   H    sing N N 163 
GLU N   H2   sing N N 164 
GLU CA  C    sing N N 165 
GLU CA  CB   sing N N 166 
GLU CA  HA   sing N N 167 
GLU C   O    doub N N 168 
GLU C   OXT  sing N N 169 
GLU CB  CG   sing N N 170 
GLU CB  HB2  sing N N 171 
GLU CB  HB3  sing N N 172 
GLU CG  CD   sing N N 173 
GLU CG  HG2  sing N N 174 
GLU CG  HG3  sing N N 175 
GLU CD  OE1  doub N N 176 
GLU CD  OE2  sing N N 177 
GLU OE2 HE2  sing N N 178 
GLU OXT HXT  sing N N 179 
GLY N   CA   sing N N 180 
GLY N   H    sing N N 181 
GLY N   H2   sing N N 182 
GLY CA  C    sing N N 183 
GLY CA  HA2  sing N N 184 
GLY CA  HA3  sing N N 185 
GLY C   O    doub N N 186 
GLY C   OXT  sing N N 187 
GLY OXT HXT  sing N N 188 
HIS N   CA   sing N N 189 
HIS N   H    sing N N 190 
HIS N   H2   sing N N 191 
HIS CA  C    sing N N 192 
HIS CA  CB   sing N N 193 
HIS CA  HA   sing N N 194 
HIS C   O    doub N N 195 
HIS C   OXT  sing N N 196 
HIS CB  CG   sing N N 197 
HIS CB  HB2  sing N N 198 
HIS CB  HB3  sing N N 199 
HIS CG  ND1  sing Y N 200 
HIS CG  CD2  doub Y N 201 
HIS ND1 CE1  doub Y N 202 
HIS ND1 HD1  sing N N 203 
HIS CD2 NE2  sing Y N 204 
HIS CD2 HD2  sing N N 205 
HIS CE1 NE2  sing Y N 206 
HIS CE1 HE1  sing N N 207 
HIS NE2 HE2  sing N N 208 
HIS OXT HXT  sing N N 209 
HOH O   H1   sing N N 210 
HOH O   H2   sing N N 211 
ILE N   CA   sing N N 212 
ILE N   H    sing N N 213 
ILE N   H2   sing N N 214 
ILE CA  C    sing N N 215 
ILE CA  CB   sing N N 216 
ILE CA  HA   sing N N 217 
ILE C   O    doub N N 218 
ILE C   OXT  sing N N 219 
ILE CB  CG1  sing N N 220 
ILE CB  CG2  sing N N 221 
ILE CB  HB   sing N N 222 
ILE CG1 CD1  sing N N 223 
ILE CG1 HG12 sing N N 224 
ILE CG1 HG13 sing N N 225 
ILE CG2 HG21 sing N N 226 
ILE CG2 HG22 sing N N 227 
ILE CG2 HG23 sing N N 228 
ILE CD1 HD11 sing N N 229 
ILE CD1 HD12 sing N N 230 
ILE CD1 HD13 sing N N 231 
ILE OXT HXT  sing N N 232 
LEU N   CA   sing N N 233 
LEU N   H    sing N N 234 
LEU N   H2   sing N N 235 
LEU CA  C    sing N N 236 
LEU CA  CB   sing N N 237 
LEU CA  HA   sing N N 238 
LEU C   O    doub N N 239 
LEU C   OXT  sing N N 240 
LEU CB  CG   sing N N 241 
LEU CB  HB2  sing N N 242 
LEU CB  HB3  sing N N 243 
LEU CG  CD1  sing N N 244 
LEU CG  CD2  sing N N 245 
LEU CG  HG   sing N N 246 
LEU CD1 HD11 sing N N 247 
LEU CD1 HD12 sing N N 248 
LEU CD1 HD13 sing N N 249 
LEU CD2 HD21 sing N N 250 
LEU CD2 HD22 sing N N 251 
LEU CD2 HD23 sing N N 252 
LEU OXT HXT  sing N N 253 
LYS N   CA   sing N N 254 
LYS N   H    sing N N 255 
LYS N   H2   sing N N 256 
LYS CA  C    sing N N 257 
LYS CA  CB   sing N N 258 
LYS CA  HA   sing N N 259 
LYS C   O    doub N N 260 
LYS C   OXT  sing N N 261 
LYS CB  CG   sing N N 262 
LYS CB  HB2  sing N N 263 
LYS CB  HB3  sing N N 264 
LYS CG  CD   sing N N 265 
LYS CG  HG2  sing N N 266 
LYS CG  HG3  sing N N 267 
LYS CD  CE   sing N N 268 
LYS CD  HD2  sing N N 269 
LYS CD  HD3  sing N N 270 
LYS CE  NZ   sing N N 271 
LYS CE  HE2  sing N N 272 
LYS CE  HE3  sing N N 273 
LYS NZ  HZ1  sing N N 274 
LYS NZ  HZ2  sing N N 275 
LYS NZ  HZ3  sing N N 276 
LYS OXT HXT  sing N N 277 
MET N   CA   sing N N 278 
MET N   H    sing N N 279 
MET N   H2   sing N N 280 
MET CA  C    sing N N 281 
MET CA  CB   sing N N 282 
MET CA  HA   sing N N 283 
MET C   O    doub N N 284 
MET C   OXT  sing N N 285 
MET CB  CG   sing N N 286 
MET CB  HB2  sing N N 287 
MET CB  HB3  sing N N 288 
MET CG  SD   sing N N 289 
MET CG  HG2  sing N N 290 
MET CG  HG3  sing N N 291 
MET SD  CE   sing N N 292 
MET CE  HE1  sing N N 293 
MET CE  HE2  sing N N 294 
MET CE  HE3  sing N N 295 
MET OXT HXT  sing N N 296 
PHE N   CA   sing N N 297 
PHE N   H    sing N N 298 
PHE N   H2   sing N N 299 
PHE CA  C    sing N N 300 
PHE CA  CB   sing N N 301 
PHE CA  HA   sing N N 302 
PHE C   O    doub N N 303 
PHE C   OXT  sing N N 304 
PHE CB  CG   sing N N 305 
PHE CB  HB2  sing N N 306 
PHE CB  HB3  sing N N 307 
PHE CG  CD1  doub Y N 308 
PHE CG  CD2  sing Y N 309 
PHE CD1 CE1  sing Y N 310 
PHE CD1 HD1  sing N N 311 
PHE CD2 CE2  doub Y N 312 
PHE CD2 HD2  sing N N 313 
PHE CE1 CZ   doub Y N 314 
PHE CE1 HE1  sing N N 315 
PHE CE2 CZ   sing Y N 316 
PHE CE2 HE2  sing N N 317 
PHE CZ  HZ   sing N N 318 
PHE OXT HXT  sing N N 319 
PRO N   CA   sing N N 320 
PRO N   CD   sing N N 321 
PRO N   H    sing N N 322 
PRO CA  C    sing N N 323 
PRO CA  CB   sing N N 324 
PRO CA  HA   sing N N 325 
PRO C   O    doub N N 326 
PRO C   OXT  sing N N 327 
PRO CB  CG   sing N N 328 
PRO CB  HB2  sing N N 329 
PRO CB  HB3  sing N N 330 
PRO CG  CD   sing N N 331 
PRO CG  HG2  sing N N 332 
PRO CG  HG3  sing N N 333 
PRO CD  HD2  sing N N 334 
PRO CD  HD3  sing N N 335 
PRO OXT HXT  sing N N 336 
SER N   CA   sing N N 337 
SER N   H    sing N N 338 
SER N   H2   sing N N 339 
SER CA  C    sing N N 340 
SER CA  CB   sing N N 341 
SER CA  HA   sing N N 342 
SER C   O    doub N N 343 
SER C   OXT  sing N N 344 
SER CB  OG   sing N N 345 
SER CB  HB2  sing N N 346 
SER CB  HB3  sing N N 347 
SER OG  HG   sing N N 348 
SER OXT HXT  sing N N 349 
THR N   CA   sing N N 350 
THR N   H    sing N N 351 
THR N   H2   sing N N 352 
THR CA  C    sing N N 353 
THR CA  CB   sing N N 354 
THR CA  HA   sing N N 355 
THR C   O    doub N N 356 
THR C   OXT  sing N N 357 
THR CB  OG1  sing N N 358 
THR CB  CG2  sing N N 359 
THR CB  HB   sing N N 360 
THR OG1 HG1  sing N N 361 
THR CG2 HG21 sing N N 362 
THR CG2 HG22 sing N N 363 
THR CG2 HG23 sing N N 364 
THR OXT HXT  sing N N 365 
TRP N   CA   sing N N 366 
TRP N   H    sing N N 367 
TRP N   H2   sing N N 368 
TRP CA  C    sing N N 369 
TRP CA  CB   sing N N 370 
TRP CA  HA   sing N N 371 
TRP C   O    doub N N 372 
TRP C   OXT  sing N N 373 
TRP CB  CG   sing N N 374 
TRP CB  HB2  sing N N 375 
TRP CB  HB3  sing N N 376 
TRP CG  CD1  doub Y N 377 
TRP CG  CD2  sing Y N 378 
TRP CD1 NE1  sing Y N 379 
TRP CD1 HD1  sing N N 380 
TRP CD2 CE2  doub Y N 381 
TRP CD2 CE3  sing Y N 382 
TRP NE1 CE2  sing Y N 383 
TRP NE1 HE1  sing N N 384 
TRP CE2 CZ2  sing Y N 385 
TRP CE3 CZ3  doub Y N 386 
TRP CE3 HE3  sing N N 387 
TRP CZ2 CH2  doub Y N 388 
TRP CZ2 HZ2  sing N N 389 
TRP CZ3 CH2  sing Y N 390 
TRP CZ3 HZ3  sing N N 391 
TRP CH2 HH2  sing N N 392 
TRP OXT HXT  sing N N 393 
TYR N   CA   sing N N 394 
TYR N   H    sing N N 395 
TYR N   H2   sing N N 396 
TYR CA  C    sing N N 397 
TYR CA  CB   sing N N 398 
TYR CA  HA   sing N N 399 
TYR C   O    doub N N 400 
TYR C   OXT  sing N N 401 
TYR CB  CG   sing N N 402 
TYR CB  HB2  sing N N 403 
TYR CB  HB3  sing N N 404 
TYR CG  CD1  doub Y N 405 
TYR CG  CD2  sing Y N 406 
TYR CD1 CE1  sing Y N 407 
TYR CD1 HD1  sing N N 408 
TYR CD2 CE2  doub Y N 409 
TYR CD2 HD2  sing N N 410 
TYR CE1 CZ   doub Y N 411 
TYR CE1 HE1  sing N N 412 
TYR CE2 CZ   sing Y N 413 
TYR CE2 HE2  sing N N 414 
TYR CZ  OH   sing N N 415 
TYR OH  HH   sing N N 416 
TYR OXT HXT  sing N N 417 
VAL N   CA   sing N N 418 
VAL N   H    sing N N 419 
VAL N   H2   sing N N 420 
VAL CA  C    sing N N 421 
VAL CA  CB   sing N N 422 
VAL CA  HA   sing N N 423 
VAL C   O    doub N N 424 
VAL C   OXT  sing N N 425 
VAL CB  CG1  sing N N 426 
VAL CB  CG2  sing N N 427 
VAL CB  HB   sing N N 428 
VAL CG1 HG11 sing N N 429 
VAL CG1 HG12 sing N N 430 
VAL CG1 HG13 sing N N 431 
VAL CG2 HG21 sing N N 432 
VAL CG2 HG22 sing N N 433 
VAL CG2 HG23 sing N N 434 
VAL OXT HXT  sing N N 435 
# 
_atom_sites.entry_id                    2OPY 
_atom_sites.fract_transf_matrix[1][1]   -0.00253986 
_atom_sites.fract_transf_matrix[1][2]   -0.00643133 
_atom_sites.fract_transf_matrix[1][3]   0.01222494 
_atom_sites.fract_transf_matrix[2][1]   0.01072942 
_atom_sites.fract_transf_matrix[2][2]   -0.00874714 
_atom_sites.fract_transf_matrix[2][3]   -0.00237257 
_atom_sites.fract_transf_matrix[3][1]   0.00589397 
_atom_sites.fract_transf_matrix[3][2]   0.00603619 
_atom_sites.fract_transf_matrix[3][3]   0.00440008 
_atom_sites.fract_transf_vector[1]      -0.241740 
_atom_sites.fract_transf_vector[2]      -0.403824 
_atom_sites.fract_transf_vector[3]      -0.039741 
# 
loop_
_atom_type.symbol 
C  
N  
O  
S  
ZN 
# 
loop_
_atom_site.group_PDB 
_atom_site.id 
_atom_site.type_symbol 
_atom_site.label_atom_id 
_atom_site.label_alt_id 
_atom_site.label_comp_id 
_atom_site.label_asym_id 
_atom_site.label_entity_id 
_atom_site.label_seq_id 
_atom_site.pdbx_PDB_ins_code 
_atom_site.Cartn_x 
_atom_site.Cartn_y 
_atom_site.Cartn_z 
_atom_site.occupancy 
_atom_site.B_iso_or_equiv 
_atom_site.pdbx_formal_charge 
_atom_site.auth_seq_id 
_atom_site.auth_comp_id 
_atom_site.auth_asym_id 
_atom_site.auth_atom_id 
_atom_site.pdbx_PDB_model_num 
ATOM   1   N  N   . ASN A 1 1   ? -4.169  -15.671 -3.991  1.00 68.35  ? 249 ASN A N   1 
ATOM   2   C  CA  . ASN A 1 1   ? -5.225  -14.732 -4.497  1.00 69.90  ? 249 ASN A CA  1 
ATOM   3   C  C   . ASN A 1 1   ? -4.662  -13.652 -5.405  1.00 60.40  ? 249 ASN A C   1 
ATOM   4   O  O   . ASN A 1 1   ? -3.622  -13.064 -5.115  1.00 62.58  ? 249 ASN A O   1 
ATOM   5   C  CB  . ASN A 1 1   ? -5.967  -14.037 -3.339  1.00 80.91  ? 249 ASN A CB  1 
ATOM   6   C  CG  . ASN A 1 1   ? -6.940  -14.961 -2.619  1.00 89.21  ? 249 ASN A CG  1 
ATOM   7   O  OD1 . ASN A 1 1   ? -7.617  -15.782 -3.245  1.00 92.66  ? 249 ASN A OD1 1 
ATOM   8   N  ND2 . ASN A 1 1   ? -7.028  -14.817 -1.294  1.00 92.80  ? 249 ASN A ND2 1 
ATOM   9   N  N   . PHE A 1 2   ? -5.372  -13.383 -6.494  1.00 55.20  ? 250 PHE A N   1 
ATOM   10  C  CA  . PHE A 1 2   ? -4.955  -12.369 -7.447  1.00 50.09  ? 250 PHE A CA  1 
ATOM   11  C  C   . PHE A 1 2   ? -5.390  -10.985 -6.957  1.00 47.28  ? 250 PHE A C   1 
ATOM   12  O  O   . PHE A 1 2   ? -6.300  -10.861 -6.139  1.00 41.58  ? 250 PHE A O   1 
ATOM   13  C  CB  . PHE A 1 2   ? -5.575  -12.667 -8.809  1.00 50.23  ? 250 PHE A CB  1 
ATOM   14  C  CG  . PHE A 1 2   ? -7.054  -12.474 -8.845  1.00 54.53  ? 250 PHE A CG  1 
ATOM   15  C  CD1 . PHE A 1 2   ? -7.599  -11.236 -9.182  1.00 56.81  ? 250 PHE A CD1 1 
ATOM   16  C  CD2 . PHE A 1 2   ? -7.907  -13.513 -8.499  1.00 55.45  ? 250 PHE A CD2 1 
ATOM   17  C  CE1 . PHE A 1 2   ? -8.978  -11.036 -9.174  1.00 56.47  ? 250 PHE A CE1 1 
ATOM   18  C  CE2 . PHE A 1 2   ? -9.284  -13.325 -8.487  1.00 55.87  ? 250 PHE A CE2 1 
ATOM   19  C  CZ  . PHE A 1 2   ? -9.820  -12.082 -8.825  1.00 56.21  ? 250 PHE A CZ  1 
ATOM   20  N  N   . PRO A 1 3   ? -4.741  -9.921  -7.462  1.00 42.92  ? 251 PRO A N   1 
ATOM   21  C  CA  . PRO A 1 3   ? -5.069  -8.549  -7.064  1.00 45.53  ? 251 PRO A CA  1 
ATOM   22  C  C   . PRO A 1 3   ? -6.403  -8.066  -7.623  1.00 47.54  ? 251 PRO A C   1 
ATOM   23  O  O   . PRO A 1 3   ? -6.715  -8.284  -8.796  1.00 49.94  ? 251 PRO A O   1 
ATOM   24  C  CB  . PRO A 1 3   ? -3.905  -7.752  -7.629  1.00 46.56  ? 251 PRO A CB  1 
ATOM   25  C  CG  . PRO A 1 3   ? -3.645  -8.466  -8.928  1.00 46.44  ? 251 PRO A CG  1 
ATOM   26  C  CD  . PRO A 1 3   ? -3.684  -9.921  -8.493  1.00 45.77  ? 251 PRO A CD  1 
ATOM   27  N  N   . ASN A 1 4   ? -7.181  -7.407  -6.777  1.00 46.32  ? 252 ASN A N   1 
ATOM   28  C  CA  . ASN A 1 4   ? -8.464  -6.886  -7.195  1.00 42.19  ? 252 ASN A CA  1 
ATOM   29  C  C   . ASN A 1 4   ? -8.285  -5.567  -7.942  1.00 41.94  ? 252 ASN A C   1 
ATOM   30  O  O   . ASN A 1 4   ? -8.070  -4.514  -7.327  1.00 42.99  ? 252 ASN A O   1 
ATOM   31  C  CB  . ASN A 1 4   ? -9.366  -6.660  -5.991  1.00 39.44  ? 252 ASN A CB  1 
ATOM   32  C  CG  . ASN A 1 4   ? -10.561 -5.819  -6.342  1.00 37.77  ? 252 ASN A CG  1 
ATOM   33  O  OD1 . ASN A 1 4   ? -11.150 -5.993  -7.409  1.00 34.19  ? 252 ASN A OD1 1 
ATOM   34  N  ND2 . ASN A 1 4   ? -10.930 -4.901  -5.457  1.00 35.91  ? 252 ASN A ND2 1 
ATOM   35  N  N   . SER A 1 5   ? -8.373  -5.627  -9.268  1.00 42.68  ? 253 SER A N   1 
ATOM   36  C  CA  . SER A 1 5   ? -8.219  -4.434  -10.090 1.00 43.95  ? 253 SER A CA  1 
ATOM   37  C  C   . SER A 1 5   ? -9.580  -3.850  -10.427 1.00 42.02  ? 253 SER A C   1 
ATOM   38  O  O   . SER A 1 5   ? -9.753  -3.128  -11.400 1.00 39.89  ? 253 SER A O   1 
ATOM   39  C  CB  . SER A 1 5   ? -7.456  -4.779  -11.362 1.00 47.12  ? 253 SER A CB  1 
ATOM   40  O  OG  . SER A 1 5   ? -6.166  -5.272  -11.047 1.00 53.89  ? 253 SER A OG  1 
ATOM   41  N  N   . THR A 1 6   ? -10.546 -4.179  -9.587  1.00 40.70  ? 254 THR A N   1 
ATOM   42  C  CA  . THR A 1 6   ? -11.913 -3.729  -9.738  1.00 41.95  ? 254 THR A CA  1 
ATOM   43  C  C   . THR A 1 6   ? -12.089 -2.397  -9.031  1.00 42.08  ? 254 THR A C   1 
ATOM   44  O  O   . THR A 1 6   ? -11.250 -2.012  -8.216  1.00 45.25  ? 254 THR A O   1 
ATOM   45  C  CB  . THR A 1 6   ? -12.845 -4.799  -9.148  1.00 43.36  ? 254 THR A CB  1 
ATOM   46  O  OG1 . THR A 1 6   ? -13.410 -5.562  -10.220 1.00 42.65  ? 254 THR A OG1 1 
ATOM   47  C  CG2 . THR A 1 6   ? -13.924 -4.195  -8.269  1.00 41.20  ? 254 THR A CG2 1 
ATOM   48  N  N   . ASN A 1 7   ? -13.164 -1.686  -9.357  1.00 42.52  ? 255 ASN A N   1 
ATOM   49  C  CA  . ASN A 1 7   ? -13.443 -0.392  -8.737  1.00 43.20  ? 255 ASN A CA  1 
ATOM   50  C  C   . ASN A 1 7   ? -14.151 -0.559  -7.411  1.00 44.71  ? 255 ASN A C   1 
ATOM   51  O  O   . ASN A 1 7   ? -14.471 0.419   -6.741  1.00 43.13  ? 255 ASN A O   1 
ATOM   52  C  CB  . ASN A 1 7   ? -14.291 0.473   -9.664  1.00 41.96  ? 255 ASN A CB  1 
ATOM   53  C  CG  . ASN A 1 7   ? -13.451 1.407   -10.513 1.00 46.47  ? 255 ASN A CG  1 
ATOM   54  O  OD1 . ASN A 1 7   ? -12.839 2.346   -9.998  1.00 51.02  ? 255 ASN A OD1 1 
ATOM   55  N  ND2 . ASN A 1 7   ? -13.404 1.149   -11.816 1.00 46.12  ? 255 ASN A ND2 1 
ATOM   56  N  N   . LEU A 1 8   ? -14.381 -1.812  -7.036  1.00 45.77  ? 256 LEU A N   1 
ATOM   57  C  CA  . LEU A 1 8   ? -15.042 -2.147  -5.784  1.00 49.38  ? 256 LEU A CA  1 
ATOM   58  C  C   . LEU A 1 8   ? -14.036 -2.777  -4.820  1.00 47.25  ? 256 LEU A C   1 
ATOM   59  O  O   . LEU A 1 8   ? -13.370 -3.761  -5.147  1.00 50.38  ? 256 LEU A O   1 
ATOM   60  C  CB  . LEU A 1 8   ? -16.187 -3.122  -6.050  1.00 52.86  ? 256 LEU A CB  1 
ATOM   61  C  CG  . LEU A 1 8   ? -17.265 -2.597  -6.994  1.00 52.30  ? 256 LEU A CG  1 
ATOM   62  C  CD1 . LEU A 1 8   ? -18.100 -3.751  -7.486  1.00 52.42  ? 256 LEU A CD1 1 
ATOM   63  C  CD2 . LEU A 1 8   ? -18.125 -1.571  -6.264  1.00 53.56  ? 256 LEU A CD2 1 
ATOM   64  N  N   . PRO A 1 9   ? -13.923 -2.219  -3.609  1.00 46.59  ? 257 PRO A N   1 
ATOM   65  C  CA  . PRO A 1 9   ? -12.996 -2.726  -2.603  1.00 44.19  ? 257 PRO A CA  1 
ATOM   66  C  C   . PRO A 1 9   ? -13.269 -4.174  -2.261  1.00 44.28  ? 257 PRO A C   1 
ATOM   67  O  O   . PRO A 1 9   ? -14.416 -4.581  -2.106  1.00 44.36  ? 257 PRO A O   1 
ATOM   68  C  CB  . PRO A 1 9   ? -13.238 -1.796  -1.423  1.00 42.09  ? 257 PRO A CB  1 
ATOM   69  C  CG  . PRO A 1 9   ? -14.676 -1.484  -1.555  1.00 41.08  ? 257 PRO A CG  1 
ATOM   70  C  CD  . PRO A 1 9   ? -14.808 -1.200  -3.026  1.00 42.35  ? 257 PRO A CD  1 
ATOM   71  N  N   . ARG A 1 10  ? -12.197 -4.947  -2.151  1.00 45.33  ? 258 ARG A N   1 
ATOM   72  C  CA  . ARG A 1 10  ? -12.300 -6.354  -1.825  1.00 45.15  ? 258 ARG A CA  1 
ATOM   73  C  C   . ARG A 1 10  ? -12.694 -6.502  -0.369  1.00 45.47  ? 258 ARG A C   1 
ATOM   74  O  O   . ARG A 1 10  ? -13.425 -7.418  -0.006  1.00 47.52  ? 258 ARG A O   1 
ATOM   75  C  CB  . ARG A 1 10  ? -10.971 -7.055  -2.080  1.00 44.95  ? 258 ARG A CB  1 
ATOM   76  C  CG  . ARG A 1 10  ? -10.929 -8.474  -1.571  1.00 44.08  ? 258 ARG A CG  1 
ATOM   77  C  CD  . ARG A 1 10  ? -9.743  -9.204  -2.125  1.00 44.40  ? 258 ARG A CD  1 
ATOM   78  N  NE  . ARG A 1 10  ? -9.956  -9.537  -3.525  1.00 44.88  ? 258 ARG A NE  1 
ATOM   79  C  CZ  . ARG A 1 10  ? -9.032  -10.071 -4.314  1.00 47.19  ? 258 ARG A CZ  1 
ATOM   80  N  NH1 . ARG A 1 10  ? -7.817  -10.325 -3.835  1.00 47.23  ? 258 ARG A NH1 1 
ATOM   81  N  NH2 . ARG A 1 10  ? -9.330  -10.373 -5.578  1.00 46.85  ? 258 ARG A NH2 1 
ATOM   82  N  N   . ASN A 1 11  ? -12.206 -5.601  0.469   1.00 48.30  ? 259 ASN A N   1 
ATOM   83  C  CA  . ASN A 1 11  ? -12.549 -5.656  1.877   1.00 51.18  ? 259 ASN A CA  1 
ATOM   84  C  C   . ASN A 1 11  ? -13.264 -4.376  2.301   1.00 49.63  ? 259 ASN A C   1 
ATOM   85  O  O   . ASN A 1 11  ? -12.641 -3.437  2.795   1.00 46.77  ? 259 ASN A O   1 
ATOM   86  C  CB  . ASN A 1 11  ? -11.302 -5.854  2.730   1.00 57.02  ? 259 ASN A CB  1 
ATOM   87  C  CG  . ASN A 1 11  ? -11.643 -6.080  4.190   1.00 64.32  ? 259 ASN A CG  1 
ATOM   88  O  OD1 . ASN A 1 11  ? -12.424 -5.330  4.781   1.00 67.59  ? 259 ASN A OD1 1 
ATOM   89  N  ND2 . ASN A 1 11  ? -11.066 -7.118  4.781   1.00 67.85  ? 259 ASN A ND2 1 
ATOM   90  N  N   . PRO A 1 12  ? -14.589 -4.328  2.108   1.00 48.76  ? 260 PRO A N   1 
ATOM   91  C  CA  . PRO A 1 12  ? -15.431 -3.178  2.453   1.00 50.74  ? 260 PRO A CA  1 
ATOM   92  C  C   . PRO A 1 12  ? -15.370 -2.738  3.909   1.00 53.08  ? 260 PRO A C   1 
ATOM   93  O  O   . PRO A 1 12  ? -15.446 -1.541  4.190   1.00 52.08  ? 260 PRO A O   1 
ATOM   94  C  CB  . PRO A 1 12  ? -16.822 -3.642  2.055   1.00 50.00  ? 260 PRO A CB  1 
ATOM   95  C  CG  . PRO A 1 12  ? -16.541 -4.530  0.887   1.00 52.39  ? 260 PRO A CG  1 
ATOM   96  C  CD  . PRO A 1 12  ? -15.372 -5.342  1.381   1.00 50.73  ? 260 PRO A CD  1 
ATOM   97  N  N   . SER A 1 13  ? -15.227 -3.687  4.834   1.00 55.02  ? 261 SER A N   1 
ATOM   98  C  CA  . SER A 1 13  ? -15.169 -3.349  6.264   1.00 59.48  ? 261 SER A CA  1 
ATOM   99  C  C   . SER A 1 13  ? -13.969 -2.480  6.643   1.00 59.63  ? 261 SER A C   1 
ATOM   100 O  O   . SER A 1 13  ? -13.975 -1.823  7.683   1.00 59.13  ? 261 SER A O   1 
ATOM   101 C  CB  . SER A 1 13  ? -15.174 -4.619  7.133   1.00 62.53  ? 261 SER A CB  1 
ATOM   102 O  OG  . SER A 1 13  ? -14.004 -5.395  6.956   1.00 65.82  ? 261 SER A OG  1 
ATOM   103 N  N   . MET A 1 14  ? -12.941 -2.476  5.803   1.00 58.89  ? 262 MET A N   1 
ATOM   104 C  CA  . MET A 1 14  ? -11.754 -1.673  6.061   1.00 57.08  ? 262 MET A CA  1 
ATOM   105 C  C   . MET A 1 14  ? -11.729 -0.451  5.153   1.00 55.85  ? 262 MET A C   1 
ATOM   106 O  O   . MET A 1 14  ? -10.670 0.127   4.903   1.00 58.99  ? 262 MET A O   1 
ATOM   107 C  CB  . MET A 1 14  ? -10.492 -2.508  5.832   1.00 57.58  ? 262 MET A CB  1 
ATOM   108 C  CG  . MET A 1 14  ? -10.190 -3.499  6.932   1.00 57.24  ? 262 MET A CG  1 
ATOM   109 S  SD  . MET A 1 14  ? -10.079 -2.695  8.547   1.00 59.91  ? 262 MET A SD  1 
ATOM   110 C  CE  . MET A 1 14  ? -10.366 -4.109  9.649   1.00 59.50  ? 262 MET A CE  1 
ATOM   111 N  N   . ALA A 1 15  ? -12.898 -0.047  4.670   1.00 53.79  ? 263 ALA A N   1 
ATOM   112 C  CA  . ALA A 1 15  ? -12.981 1.099   3.769   1.00 48.89  ? 263 ALA A CA  1 
ATOM   113 C  C   . ALA A 1 15  ? -12.791 2.455   4.443   1.00 49.02  ? 263 ALA A C   1 
ATOM   114 O  O   . ALA A 1 15  ? -12.451 3.435   3.779   1.00 49.04  ? 263 ALA A O   1 
ATOM   115 C  CB  . ALA A 1 15  ? -14.305 1.070   3.015   1.00 39.16  ? 263 ALA A CB  1 
ATOM   116 N  N   . ASP A 1 16  ? -13.007 2.522   5.754   1.00 53.67  ? 264 ASP A N   1 
ATOM   117 C  CA  . ASP A 1 16  ? -12.840 3.789   6.462   1.00 60.27  ? 264 ASP A CA  1 
ATOM   118 C  C   . ASP A 1 16  ? -11.463 3.925   7.088   1.00 58.85  ? 264 ASP A C   1 
ATOM   119 O  O   . ASP A 1 16  ? -10.932 2.968   7.646   1.00 57.50  ? 264 ASP A O   1 
ATOM   120 C  CB  . ASP A 1 16  ? -13.898 3.949   7.559   1.00 67.95  ? 264 ASP A CB  1 
ATOM   121 C  CG  . ASP A 1 16  ? -15.290 4.184   6.999   1.00 74.30  ? 264 ASP A CG  1 
ATOM   122 O  OD1 . ASP A 1 16  ? -15.430 5.074   6.126   1.00 76.01  ? 264 ASP A OD1 1 
ATOM   123 O  OD2 . ASP A 1 16  ? -16.238 3.486   7.434   1.00 76.48  ? 264 ASP A OD2 1 
ATOM   124 N  N   . TYR A 1 17  ? -10.886 5.118   6.991   1.00 56.28  ? 265 TYR A N   1 
ATOM   125 C  CA  . TYR A 1 17  ? -9.576  5.374   7.574   1.00 55.27  ? 265 TYR A CA  1 
ATOM   126 C  C   . TYR A 1 17  ? -9.577  4.827   9.000   1.00 59.30  ? 265 TYR A C   1 
ATOM   127 O  O   . TYR A 1 17  ? -8.849  3.893   9.330   1.00 59.95  ? 265 TYR A O   1 
ATOM   128 C  CB  . TYR A 1 17  ? -9.308  6.873   7.615   1.00 49.87  ? 265 TYR A CB  1 
ATOM   129 C  CG  . TYR A 1 17  ? -8.017  7.241   8.298   1.00 46.57  ? 265 TYR A CG  1 
ATOM   130 C  CD1 . TYR A 1 17  ? -6.791  6.981   7.697   1.00 44.08  ? 265 TYR A CD1 1 
ATOM   131 C  CD2 . TYR A 1 17  ? -8.021  7.852   9.550   1.00 45.48  ? 265 TYR A CD2 1 
ATOM   132 C  CE1 . TYR A 1 17  ? -5.606  7.323   8.322   1.00 44.45  ? 265 TYR A CE1 1 
ATOM   133 C  CE2 . TYR A 1 17  ? -6.842  8.197   10.185  1.00 44.13  ? 265 TYR A CE2 1 
ATOM   134 C  CZ  . TYR A 1 17  ? -5.638  7.932   9.567   1.00 45.15  ? 265 TYR A CZ  1 
ATOM   135 O  OH  . TYR A 1 17  ? -4.464  8.276   10.196  1.00 45.92  ? 265 TYR A OH  1 
ATOM   136 N  N   . GLU A 1 18  ? -10.416 5.422   9.837   1.00 65.35  ? 266 GLU A N   1 
ATOM   137 C  CA  . GLU A 1 18  ? -10.546 5.015   11.225  1.00 72.09  ? 266 GLU A CA  1 
ATOM   138 C  C   . GLU A 1 18  ? -10.527 3.495   11.400  1.00 64.03  ? 266 GLU A C   1 
ATOM   139 O  O   . GLU A 1 18  ? -9.741  2.957   12.185  1.00 61.53  ? 266 GLU A O   1 
ATOM   140 C  CB  . GLU A 1 18  ? -11.844 5.592   11.786  1.00 87.48  ? 266 GLU A CB  1 
ATOM   141 C  CG  . GLU A 1 18  ? -11.857 7.114   11.814  1.00 102.03 ? 266 GLU A CG  1 
ATOM   142 C  CD  . GLU A 1 18  ? -10.876 7.681   12.839  1.00 108.63 ? 266 GLU A CD  1 
ATOM   143 O  OE1 . GLU A 1 18  ? -11.065 7.402   14.045  1.00 110.98 ? 266 GLU A OE1 1 
ATOM   144 O  OE2 . GLU A 1 18  ? -9.921  8.395   12.446  1.00 109.62 ? 266 GLU A OE2 1 
ATOM   145 N  N   . ALA A 1 19  ? -11.395 2.810   10.662  1.00 56.98  ? 267 ALA A N   1 
ATOM   146 C  CA  . ALA A 1 19  ? -11.479 1.360   10.738  1.00 53.32  ? 267 ALA A CA  1 
ATOM   147 C  C   . ALA A 1 19  ? -10.098 0.723   10.618  1.00 53.92  ? 267 ALA A C   1 
ATOM   148 O  O   . ALA A 1 19  ? -9.744  -0.171  11.388  1.00 53.40  ? 267 ALA A O   1 
ATOM   149 C  CB  . ALA A 1 19  ? -12.395 0.834   9.636   1.00 50.19  ? 267 ALA A CB  1 
ATOM   150 N  N   . ARG A 1 20  ? -9.321  1.190   9.646   1.00 52.80  ? 268 ARG A N   1 
ATOM   151 C  CA  . ARG A 1 20  ? -7.984  0.661   9.419   1.00 50.45  ? 268 ARG A CA  1 
ATOM   152 C  C   . ARG A 1 20  ? -7.080  1.004   10.589  1.00 51.02  ? 268 ARG A C   1 
ATOM   153 O  O   . ARG A 1 20  ? -6.568  0.115   11.270  1.00 53.40  ? 268 ARG A O   1 
ATOM   154 C  CB  . ARG A 1 20  ? -7.386  1.230   8.116   1.00 47.33  ? 268 ARG A CB  1 
ATOM   155 C  CG  . ARG A 1 20  ? -8.162  0.847   6.861   1.00 42.57  ? 268 ARG A CG  1 
ATOM   156 C  CD  . ARG A 1 20  ? -7.325  0.983   5.585   1.00 41.55  ? 268 ARG A CD  1 
ATOM   157 N  NE  . ARG A 1 20  ? -7.203  2.359   5.096   1.00 40.23  ? 268 ARG A NE  1 
ATOM   158 C  CZ  . ARG A 1 20  ? -8.224  3.091   4.659   1.00 38.17  ? 268 ARG A CZ  1 
ATOM   159 N  NH1 . ARG A 1 20  ? -9.452  2.585   4.651   1.00 37.01  ? 268 ARG A NH1 1 
ATOM   160 N  NH2 . ARG A 1 20  ? -8.018  4.324   4.222   1.00 36.24  ? 268 ARG A NH2 1 
ATOM   161 N  N   . ILE A 1 21  ? -6.912  2.302   10.821  1.00 51.53  ? 269 ILE A N   1 
ATOM   162 C  CA  . ILE A 1 21  ? -6.058  2.821   11.884  1.00 49.87  ? 269 ILE A CA  1 
ATOM   163 C  C   . ILE A 1 21  ? -6.182  2.025   13.178  1.00 51.58  ? 269 ILE A C   1 
ATOM   164 O  O   . ILE A 1 21  ? -5.208  1.837   13.897  1.00 52.52  ? 269 ILE A O   1 
ATOM   165 C  CB  . ILE A 1 21  ? -6.380  4.319   12.162  1.00 47.21  ? 269 ILE A CB  1 
ATOM   166 C  CG1 . ILE A 1 21  ? -5.109  5.059   12.547  1.00 44.51  ? 269 ILE A CG1 1 
ATOM   167 C  CG2 . ILE A 1 21  ? -7.407  4.458   13.272  1.00 47.93  ? 269 ILE A CG2 1 
ATOM   168 C  CD1 . ILE A 1 21  ? -4.140  5.199   11.404  1.00 44.12  ? 269 ILE A CD1 1 
ATOM   169 N  N   . PHE A 1 22  ? -7.380  1.540   13.461  1.00 57.14  ? 270 PHE A N   1 
ATOM   170 C  CA  . PHE A 1 22  ? -7.605  0.785   14.676  1.00 64.68  ? 270 PHE A CA  1 
ATOM   171 C  C   . PHE A 1 22  ? -6.903  -0.573  14.685  1.00 56.96  ? 270 PHE A C   1 
ATOM   172 O  O   . PHE A 1 22  ? -6.383  -1.003  15.718  1.00 54.23  ? 270 PHE A O   1 
ATOM   173 C  CB  . PHE A 1 22  ? -9.108  0.604   14.889  1.00 80.26  ? 270 PHE A CB  1 
ATOM   174 C  CG  . PHE A 1 22  ? -9.451  -0.163  16.129  1.00 95.57  ? 270 PHE A CG  1 
ATOM   175 C  CD1 . PHE A 1 22  ? -8.954  0.236   17.371  1.00 101.53 ? 270 PHE A CD1 1 
ATOM   176 C  CD2 . PHE A 1 22  ? -10.271 -1.294  16.067  1.00 101.90 ? 270 PHE A CD2 1 
ATOM   177 C  CE1 . PHE A 1 22  ? -9.269  -0.487  18.548  1.00 103.22 ? 270 PHE A CE1 1 
ATOM   178 C  CE2 . PHE A 1 22  ? -10.595 -2.024  17.235  1.00 103.07 ? 270 PHE A CE2 1 
ATOM   179 C  CZ  . PHE A 1 22  ? -10.091 -1.616  18.475  1.00 103.02 ? 270 PHE A CZ  1 
ATOM   180 N  N   . THR A 1 23  ? -6.871  -1.239  13.537  1.00 50.66  ? 271 THR A N   1 
ATOM   181 C  CA  . THR A 1 23  ? -6.253  -2.561  13.444  1.00 49.64  ? 271 THR A CA  1 
ATOM   182 C  C   . THR A 1 23  ? -4.779  -2.626  13.829  1.00 49.61  ? 271 THR A C   1 
ATOM   183 O  O   . THR A 1 23  ? -4.243  -3.712  14.054  1.00 47.96  ? 271 THR A O   1 
ATOM   184 C  CB  . THR A 1 23  ? -6.358  -3.152  12.015  1.00 47.69  ? 271 THR A CB  1 
ATOM   185 O  OG1 . THR A 1 23  ? -5.568  -2.367  11.111  1.00 47.19  ? 271 THR A OG1 1 
ATOM   186 C  CG2 . THR A 1 23  ? -7.795  -3.176  11.547  1.00 46.56  ? 271 THR A CG2 1 
ATOM   187 N  N   . PHE A 1 24  ? -4.120  -1.477  13.907  1.00 49.82  ? 272 PHE A N   1 
ATOM   188 C  CA  . PHE A 1 24  ? -2.695  -1.464  14.229  1.00 52.04  ? 272 PHE A CA  1 
ATOM   189 C  C   . PHE A 1 24  ? -2.332  -1.676  15.698  1.00 50.99  ? 272 PHE A C   1 
ATOM   190 O  O   . PHE A 1 24  ? -1.503  -2.531  16.024  1.00 51.73  ? 272 PHE A O   1 
ATOM   191 C  CB  . PHE A 1 24  ? -2.050  -0.160  13.737  1.00 54.94  ? 272 PHE A CB  1 
ATOM   192 C  CG  . PHE A 1 24  ? -2.074  0.003   12.238  1.00 56.67  ? 272 PHE A CG  1 
ATOM   193 C  CD1 . PHE A 1 24  ? -3.251  0.357   11.579  1.00 57.66  ? 272 PHE A CD1 1 
ATOM   194 C  CD2 . PHE A 1 24  ? -0.929  -0.233  11.479  1.00 56.22  ? 272 PHE A CD2 1 
ATOM   195 C  CE1 . PHE A 1 24  ? -3.285  0.470   10.185  1.00 56.55  ? 272 PHE A CE1 1 
ATOM   196 C  CE2 . PHE A 1 24  ? -0.957  -0.124  10.086  1.00 56.19  ? 272 PHE A CE2 1 
ATOM   197 C  CZ  . PHE A 1 24  ? -2.137  0.228   9.441   1.00 55.98  ? 272 PHE A CZ  1 
ATOM   198 N  N   . GLY A 1 25  ? -2.957  -0.907  16.584  1.00 49.60  ? 273 GLY A N   1 
ATOM   199 C  CA  . GLY A 1 25  ? -2.626  -1.016  17.992  1.00 46.62  ? 273 GLY A CA  1 
ATOM   200 C  C   . GLY A 1 25  ? -1.273  -0.345  18.156  1.00 44.00  ? 273 GLY A C   1 
ATOM   201 O  O   . GLY A 1 25  ? -0.913  0.505   17.349  1.00 44.81  ? 273 GLY A O   1 
ATOM   202 N  N   . THR A 1 26  ? -0.513  -0.699  19.185  1.00 43.76  ? 274 THR A N   1 
ATOM   203 C  CA  . THR A 1 26  ? 0.793   -0.083  19.350  1.00 44.90  ? 274 THR A CA  1 
ATOM   204 C  C   . THR A 1 26  ? 1.678   -0.575  18.217  1.00 43.48  ? 274 THR A C   1 
ATOM   205 O  O   . THR A 1 26  ? 1.989   -1.762  18.109  1.00 40.64  ? 274 THR A O   1 
ATOM   206 C  CB  . THR A 1 26  ? 1.422   -0.435  20.699  1.00 45.10  ? 274 THR A CB  1 
ATOM   207 O  OG1 . THR A 1 26  ? 0.649   0.167   21.743  1.00 47.46  ? 274 THR A OG1 1 
ATOM   208 C  CG2 . THR A 1 26  ? 2.848   0.080   20.772  1.00 44.77  ? 274 THR A CG2 1 
ATOM   209 N  N   . TRP A 1 27  ? 2.059   0.359   17.358  1.00 43.53  ? 275 TRP A N   1 
ATOM   210 C  CA  . TRP A 1 27  ? 2.866   0.046   16.194  1.00 45.70  ? 275 TRP A CA  1 
ATOM   211 C  C   . TRP A 1 27  ? 4.314   0.354   16.525  1.00 47.18  ? 275 TRP A C   1 
ATOM   212 O  O   . TRP A 1 27  ? 4.653   1.485   16.851  1.00 45.71  ? 275 TRP A O   1 
ATOM   213 C  CB  . TRP A 1 27  ? 2.380   0.892   15.015  1.00 46.12  ? 275 TRP A CB  1 
ATOM   214 C  CG  . TRP A 1 27  ? 2.840   0.420   13.679  1.00 47.19  ? 275 TRP A CG  1 
ATOM   215 C  CD1 . TRP A 1 27  ? 3.646   1.090   12.807  1.00 46.29  ? 275 TRP A CD1 1 
ATOM   216 C  CD2 . TRP A 1 27  ? 2.499   -0.818  13.046  1.00 46.66  ? 275 TRP A CD2 1 
ATOM   217 N  NE1 . TRP A 1 27  ? 3.826   0.348   11.666  1.00 46.95  ? 275 TRP A NE1 1 
ATOM   218 C  CE2 . TRP A 1 27  ? 3.133   -0.827  11.785  1.00 46.04  ? 275 TRP A CE2 1 
ATOM   219 C  CE3 . TRP A 1 27  ? 1.715   -1.919  13.421  1.00 46.67  ? 275 TRP A CE3 1 
ATOM   220 C  CZ2 . TRP A 1 27  ? 3.011   -1.900  10.892  1.00 46.72  ? 275 TRP A CZ2 1 
ATOM   221 C  CZ3 . TRP A 1 27  ? 1.592   -2.985  12.533  1.00 46.67  ? 275 TRP A CZ3 1 
ATOM   222 C  CH2 . TRP A 1 27  ? 2.237   -2.965  11.281  1.00 47.15  ? 275 TRP A CH2 1 
ATOM   223 N  N   . ILE A 1 28  ? 5.169   -0.658  16.449  1.00 47.28  ? 276 ILE A N   1 
ATOM   224 C  CA  . ILE A 1 28  ? 6.576   -0.472  16.776  1.00 47.29  ? 276 ILE A CA  1 
ATOM   225 C  C   . ILE A 1 28  ? 7.467   -0.361  15.553  1.00 50.34  ? 276 ILE A C   1 
ATOM   226 O  O   . ILE A 1 28  ? 8.618   0.062   15.665  1.00 51.71  ? 276 ILE A O   1 
ATOM   227 C  CB  . ILE A 1 28  ? 7.129   -1.654  17.604  1.00 46.25  ? 276 ILE A CB  1 
ATOM   228 C  CG1 . ILE A 1 28  ? 7.289   -2.888  16.710  1.00 43.02  ? 276 ILE A CG1 1 
ATOM   229 C  CG2 . ILE A 1 28  ? 6.206   -1.952  18.765  1.00 43.83  ? 276 ILE A CG2 1 
ATOM   230 C  CD1 . ILE A 1 28  ? 8.069   -4.018  17.347  1.00 40.79  ? 276 ILE A CD1 1 
ATOM   231 N  N   . TYR A 1 29  ? 6.938   -0.739  14.392  1.00 52.79  ? 277 TYR A N   1 
ATOM   232 C  CA  . TYR A 1 29  ? 7.725   -0.738  13.164  1.00 55.17  ? 277 TYR A CA  1 
ATOM   233 C  C   . TYR A 1 29  ? 8.123   0.612   12.583  1.00 59.13  ? 277 TYR A C   1 
ATOM   234 O  O   . TYR A 1 29  ? 7.549   1.653   12.919  1.00 54.87  ? 277 TYR A O   1 
ATOM   235 C  CB  . TYR A 1 29  ? 7.028   -1.614  12.127  1.00 51.91  ? 277 TYR A CB  1 
ATOM   236 C  CG  . TYR A 1 29  ? 6.725   -2.976  12.701  1.00 51.69  ? 277 TYR A CG  1 
ATOM   237 C  CD1 . TYR A 1 29  ? 5.525   -3.220  13.375  1.00 52.76  ? 277 TYR A CD1 1 
ATOM   238 C  CD2 . TYR A 1 29  ? 7.673   -3.995  12.659  1.00 51.27  ? 277 TYR A CD2 1 
ATOM   239 C  CE1 . TYR A 1 29  ? 5.278   -4.451  14.000  1.00 52.56  ? 277 TYR A CE1 1 
ATOM   240 C  CE2 . TYR A 1 29  ? 7.440   -5.231  13.283  1.00 51.93  ? 277 TYR A CE2 1 
ATOM   241 C  CZ  . TYR A 1 29  ? 6.242   -5.451  13.954  1.00 52.39  ? 277 TYR A CZ  1 
ATOM   242 O  OH  . TYR A 1 29  ? 6.020   -6.654  14.591  1.00 52.41  ? 277 TYR A OH  1 
ATOM   243 N  N   . SER A 1 30  ? 9.136   0.573   11.718  1.00 63.60  ? 278 SER A N   1 
ATOM   244 C  CA  . SER A 1 30  ? 9.692   1.776   11.099  1.00 69.26  ? 278 SER A CA  1 
ATOM   245 C  C   . SER A 1 30  ? 8.701   2.732   10.429  1.00 64.18  ? 278 SER A C   1 
ATOM   246 O  O   . SER A 1 30  ? 8.729   3.932   10.713  1.00 69.62  ? 278 SER A O   1 
ATOM   247 C  CB  . SER A 1 30  ? 10.804  1.393   10.106  1.00 78.42  ? 278 SER A CB  1 
ATOM   248 O  OG  . SER A 1 30  ? 10.344  0.486   9.118   1.00 83.03  ? 278 SER A OG  1 
ATOM   249 N  N   . VAL A 1 31  ? 7.829   2.225   9.555   1.00 61.06  ? 279 VAL A N   1 
ATOM   250 C  CA  . VAL A 1 31  ? 6.875   3.102   8.881   1.00 53.25  ? 279 VAL A CA  1 
ATOM   251 C  C   . VAL A 1 31  ? 5.676   3.498   9.716   1.00 49.31  ? 279 VAL A C   1 
ATOM   252 O  O   . VAL A 1 31  ? 5.062   2.690   10.412  1.00 44.22  ? 279 VAL A O   1 
ATOM   253 C  CB  . VAL A 1 31  ? 6.367   2.509   7.564   1.00 50.00  ? 279 VAL A CB  1 
ATOM   254 C  CG1 . VAL A 1 31  ? 7.534   2.290   6.619   1.00 52.38  ? 279 VAL A CG1 1 
ATOM   255 C  CG2 . VAL A 1 31  ? 5.611   1.223   7.836   1.00 53.15  ? 279 VAL A CG2 1 
ATOM   256 N  N   . ASN A 1 32  ? 5.366   4.782   9.613   1.00 51.02  ? 280 ASN A N   1 
ATOM   257 C  CA  . ASN A 1 32  ? 4.270   5.429   10.310  1.00 56.07  ? 280 ASN A CA  1 
ATOM   258 C  C   . ASN A 1 32  ? 2.938   4.753   9.972   1.00 55.30  ? 280 ASN A C   1 
ATOM   259 O  O   . ASN A 1 32  ? 2.609   4.572   8.802   1.00 52.84  ? 280 ASN A O   1 
ATOM   260 C  CB  . ASN A 1 32  ? 4.273   6.901   9.882   1.00 61.64  ? 280 ASN A CB  1 
ATOM   261 C  CG  . ASN A 1 32  ? 3.344   7.750   10.697  1.00 66.78  ? 280 ASN A CG  1 
ATOM   262 O  OD1 . ASN A 1 32  ? 2.135   7.559   10.664  1.00 70.24  ? 280 ASN A OD1 1 
ATOM   263 N  ND2 . ASN A 1 32  ? 3.905   8.702   11.440  1.00 69.00  ? 280 ASN A ND2 1 
ATOM   264 N  N   . LYS A 1 33  ? 2.169   4.384   10.992  1.00 53.08  ? 281 LYS A N   1 
ATOM   265 C  CA  . LYS A 1 33  ? 0.889   3.727   10.749  1.00 52.86  ? 281 LYS A CA  1 
ATOM   266 C  C   . LYS A 1 33  ? -0.193  4.660   10.188  1.00 54.70  ? 281 LYS A C   1 
ATOM   267 O  O   . LYS A 1 33  ? -1.149  4.202   9.550   1.00 56.02  ? 281 LYS A O   1 
ATOM   268 C  CB  . LYS A 1 33  ? 0.385   3.039   12.022  1.00 49.67  ? 281 LYS A CB  1 
ATOM   269 C  CG  . LYS A 1 33  ? -0.081  3.958   13.115  1.00 45.05  ? 281 LYS A CG  1 
ATOM   270 C  CD  . LYS A 1 33  ? -0.562  3.132   14.283  1.00 45.03  ? 281 LYS A CD  1 
ATOM   271 C  CE  . LYS A 1 33  ? -1.036  4.002   15.422  1.00 45.66  ? 281 LYS A CE  1 
ATOM   272 N  NZ  . LYS A 1 33  ? -1.492  3.183   16.575  1.00 46.90  ? 281 LYS A NZ  1 
ATOM   273 N  N   . GLU A 1 34  ? -0.048  5.962   10.419  1.00 58.45  ? 282 GLU A N   1 
ATOM   274 C  CA  . GLU A 1 34  ? -1.007  6.932   9.893   1.00 63.40  ? 282 GLU A CA  1 
ATOM   275 C  C   . GLU A 1 34  ? -0.831  6.932   8.373   1.00 59.38  ? 282 GLU A C   1 
ATOM   276 O  O   . GLU A 1 34  ? -1.808  6.854   7.622   1.00 53.39  ? 282 GLU A O   1 
ATOM   277 C  CB  . GLU A 1 34  ? -0.704  8.332   10.423  1.00 72.88  ? 282 GLU A CB  1 
ATOM   278 C  CG  . GLU A 1 34  ? -0.166  8.380   11.858  1.00 85.52  ? 282 GLU A CG  1 
ATOM   279 C  CD  . GLU A 1 34  ? -1.248  8.304   12.911  1.00 90.37  ? 282 GLU A CD  1 
ATOM   280 O  OE1 . GLU A 1 34  ? -2.433  8.143   12.542  1.00 93.48  ? 282 GLU A OE1 1 
ATOM   281 O  OE2 . GLU A 1 34  ? -0.912  8.411   14.110  1.00 91.32  ? 282 GLU A OE2 1 
ATOM   282 N  N   . GLN A 1 35  ? 0.425   7.022   7.933   1.00 57.12  ? 283 GLN A N   1 
ATOM   283 C  CA  . GLN A 1 35  ? 0.754   7.023   6.511   1.00 60.17  ? 283 GLN A CA  1 
ATOM   284 C  C   . GLN A 1 35  ? 0.214   5.773   5.854   1.00 57.53  ? 283 GLN A C   1 
ATOM   285 O  O   . GLN A 1 35  ? -0.273  5.816   4.724   1.00 57.68  ? 283 GLN A O   1 
ATOM   286 C  CB  . GLN A 1 35  ? 2.264   7.034   6.284   1.00 66.90  ? 283 GLN A CB  1 
ATOM   287 C  CG  . GLN A 1 35  ? 3.006   8.273   6.725   1.00 73.71  ? 283 GLN A CG  1 
ATOM   288 C  CD  . GLN A 1 35  ? 4.425   8.316   6.158   1.00 76.31  ? 283 GLN A CD  1 
ATOM   289 O  OE1 . GLN A 1 35  ? 5.236   7.406   6.388   1.00 75.85  ? 283 GLN A OE1 1 
ATOM   290 N  NE2 . GLN A 1 35  ? 4.726   9.372   5.403   1.00 77.01  ? 283 GLN A NE2 1 
ATOM   291 N  N   . LEU A 1 36  ? 0.334   4.655   6.567   1.00 52.37  ? 284 LEU A N   1 
ATOM   292 C  CA  . LEU A 1 36  ? -0.122  3.365   6.071   1.00 47.37  ? 284 LEU A CA  1 
ATOM   293 C  C   . LEU A 1 36  ? -1.622  3.323   5.874   1.00 46.21  ? 284 LEU A C   1 
ATOM   294 O  O   . LEU A 1 36  ? -2.106  2.855   4.847   1.00 47.92  ? 284 LEU A O   1 
ATOM   295 C  CB  . LEU A 1 36  ? 0.298   2.251   7.032   1.00 43.48  ? 284 LEU A CB  1 
ATOM   296 C  CG  . LEU A 1 36  ? 1.775   1.865   6.969   1.00 41.35  ? 284 LEU A CG  1 
ATOM   297 C  CD1 . LEU A 1 36  ? 2.082   0.834   8.039   1.00 40.43  ? 284 LEU A CD1 1 
ATOM   298 C  CD2 . LEU A 1 36  ? 2.099   1.323   5.585   1.00 39.74  ? 284 LEU A CD2 1 
ATOM   299 N  N   . ALA A 1 37  ? -2.355  3.810   6.866   1.00 45.26  ? 285 ALA A N   1 
ATOM   300 C  CA  . ALA A 1 37  ? -3.802  3.824   6.795   1.00 42.51  ? 285 ALA A CA  1 
ATOM   301 C  C   . ALA A 1 37  ? -4.258  4.691   5.625   1.00 43.26  ? 285 ALA A C   1 
ATOM   302 O  O   . ALA A 1 37  ? -5.193  4.322   4.906   1.00 42.41  ? 285 ALA A O   1 
ATOM   303 C  CB  . ALA A 1 37  ? -4.372  4.348   8.098   1.00 39.20  ? 285 ALA A CB  1 
ATOM   304 N  N   . ARG A 1 38  ? -3.595  5.835   5.434   1.00 44.67  ? 286 ARG A N   1 
ATOM   305 C  CA  . ARG A 1 38  ? -3.945  6.752   4.346   1.00 47.56  ? 286 ARG A CA  1 
ATOM   306 C  C   . ARG A 1 38  ? -3.696  6.093   3.007   1.00 47.65  ? 286 ARG A C   1 
ATOM   307 O  O   . ARG A 1 38  ? -4.483  6.247   2.076   1.00 46.04  ? 286 ARG A O   1 
ATOM   308 C  CB  . ARG A 1 38  ? -3.125  8.036   4.410   1.00 51.95  ? 286 ARG A CB  1 
ATOM   309 C  CG  . ARG A 1 38  ? -3.394  8.909   5.612   1.00 57.62  ? 286 ARG A CG  1 
ATOM   310 C  CD  . ARG A 1 38  ? -2.655  10.235  5.480   1.00 61.59  ? 286 ARG A CD  1 
ATOM   311 N  NE  . ARG A 1 38  ? -1.995  10.621  6.727   1.00 66.30  ? 286 ARG A NE  1 
ATOM   312 C  CZ  . ARG A 1 38  ? -0.683  10.531  6.946   1.00 67.83  ? 286 ARG A CZ  1 
ATOM   313 N  NH1 . ARG A 1 38  ? 0.122   10.073  5.995   1.00 67.96  ? 286 ARG A NH1 1 
ATOM   314 N  NH2 . ARG A 1 38  ? -0.173  10.891  8.121   1.00 69.74  ? 286 ARG A NH2 1 
ATOM   315 N  N   . ALA A 1 39  ? -2.589  5.362   2.919   1.00 46.16  ? 287 ALA A N   1 
ATOM   316 C  CA  . ALA A 1 39  ? -2.226  4.661   1.694   1.00 45.72  ? 287 ALA A CA  1 
ATOM   317 C  C   . ALA A 1 39  ? -3.179  3.489   1.447   1.00 45.01  ? 287 ALA A C   1 
ATOM   318 O  O   . ALA A 1 39  ? -3.050  2.771   0.451   1.00 45.96  ? 287 ALA A O   1 
ATOM   319 C  CB  . ALA A 1 39  ? -0.784  4.174   1.774   1.00 46.11  ? 287 ALA A CB  1 
ATOM   320 N  N   . GLY A 1 40  ? -4.123  3.299   2.369   1.00 44.42  ? 288 GLY A N   1 
ATOM   321 C  CA  . GLY A 1 40  ? -5.121  2.249   2.233   1.00 41.63  ? 288 GLY A CA  1 
ATOM   322 C  C   . GLY A 1 40  ? -4.878  0.953   2.970   1.00 39.21  ? 288 GLY A C   1 
ATOM   323 O  O   . GLY A 1 40  ? -5.690  0.041   2.892   1.00 40.58  ? 288 GLY A O   1 
ATOM   324 N  N   . PHE A 1 41  ? -3.777  0.874   3.702   1.00 38.94  ? 289 PHE A N   1 
ATOM   325 C  CA  . PHE A 1 41  ? -3.432  -0.340  4.426   1.00 38.45  ? 289 PHE A CA  1 
ATOM   326 C  C   . PHE A 1 41  ? -3.938  -0.464  5.863   1.00 40.82  ? 289 PHE A C   1 
ATOM   327 O  O   . PHE A 1 41  ? -4.013  0.523   6.604   1.00 39.87  ? 289 PHE A O   1 
ATOM   328 C  CB  . PHE A 1 41  ? -1.914  -0.504  4.439   1.00 36.02  ? 289 PHE A CB  1 
ATOM   329 C  CG  . PHE A 1 41  ? -1.297  -0.517  3.075   1.00 36.24  ? 289 PHE A CG  1 
ATOM   330 C  CD1 . PHE A 1 41  ? -1.424  -1.632  2.249   1.00 35.12  ? 289 PHE A CD1 1 
ATOM   331 C  CD2 . PHE A 1 41  ? -0.591  0.590   2.607   1.00 35.68  ? 289 PHE A CD2 1 
ATOM   332 C  CE1 . PHE A 1 41  ? -0.859  -1.644  0.979   1.00 33.84  ? 289 PHE A CE1 1 
ATOM   333 C  CE2 . PHE A 1 41  ? -0.023  0.587   1.338   1.00 34.07  ? 289 PHE A CE2 1 
ATOM   334 C  CZ  . PHE A 1 41  ? -0.158  -0.536  0.522   1.00 33.77  ? 289 PHE A CZ  1 
ATOM   335 N  N   . TYR A 1 42  ? -4.286  -1.695  6.237   1.00 42.26  ? 290 TYR A N   1 
ATOM   336 C  CA  . TYR A 1 42  ? -4.716  -2.015  7.595   1.00 44.35  ? 290 TYR A CA  1 
ATOM   337 C  C   . TYR A 1 42  ? -3.767  -3.133  8.035   1.00 46.16  ? 290 TYR A C   1 
ATOM   338 O  O   . TYR A 1 42  ? -3.218  -3.852  7.193   1.00 45.46  ? 290 TYR A O   1 
ATOM   339 C  CB  . TYR A 1 42  ? -6.191  -2.454  7.646   1.00 43.83  ? 290 TYR A CB  1 
ATOM   340 C  CG  . TYR A 1 42  ? -6.545  -3.671  6.829   1.00 44.96  ? 290 TYR A CG  1 
ATOM   341 C  CD1 . TYR A 1 42  ? -6.523  -4.951  7.387   1.00 44.58  ? 290 TYR A CD1 1 
ATOM   342 C  CD2 . TYR A 1 42  ? -6.888  -3.547  5.481   1.00 45.39  ? 290 TYR A CD2 1 
ATOM   343 C  CE1 . TYR A 1 42  ? -6.833  -6.080  6.615   1.00 44.75  ? 290 TYR A CE1 1 
ATOM   344 C  CE2 . TYR A 1 42  ? -7.197  -4.665  4.701   1.00 45.19  ? 290 TYR A CE2 1 
ATOM   345 C  CZ  . TYR A 1 42  ? -7.165  -5.926  5.271   1.00 45.62  ? 290 TYR A CZ  1 
ATOM   346 O  OH  . TYR A 1 42  ? -7.442  -7.021  4.483   1.00 46.83  ? 290 TYR A OH  1 
ATOM   347 N  N   . ALA A 1 43  ? -3.547  -3.254  9.342   1.00 47.07  ? 291 ALA A N   1 
ATOM   348 C  CA  . ALA A 1 43  ? -2.630  -4.257  9.877   1.00 47.38  ? 291 ALA A CA  1 
ATOM   349 C  C   . ALA A 1 43  ? -3.255  -5.629  10.076  1.00 47.71  ? 291 ALA A C   1 
ATOM   350 O  O   . ALA A 1 43  ? -4.425  -5.749  10.449  1.00 50.28  ? 291 ALA A O   1 
ATOM   351 C  CB  . ALA A 1 43  ? -2.043  -3.769  11.191  1.00 47.08  ? 291 ALA A CB  1 
ATOM   352 N  N   . LEU A 1 44  ? -2.459  -6.665  9.832   1.00 48.18  ? 292 LEU A N   1 
ATOM   353 C  CA  . LEU A 1 44  ? -2.929  -8.030  9.998   1.00 48.34  ? 292 LEU A CA  1 
ATOM   354 C  C   . LEU A 1 44  ? -2.701  -8.537  11.423  1.00 51.01  ? 292 LEU A C   1 
ATOM   355 O  O   . LEU A 1 44  ? -3.411  -9.427  11.899  1.00 49.06  ? 292 LEU A O   1 
ATOM   356 C  CB  . LEU A 1 44  ? -2.234  -8.955  8.996   1.00 46.17  ? 292 LEU A CB  1 
ATOM   357 C  CG  . LEU A 1 44  ? -2.514  -8.682  7.514   1.00 46.47  ? 292 LEU A CG  1 
ATOM   358 C  CD1 . LEU A 1 44  ? -1.849  -9.766  6.658   1.00 44.23  ? 292 LEU A CD1 1 
ATOM   359 C  CD2 . LEU A 1 44  ? -4.018  -8.656  7.272   1.00 44.51  ? 292 LEU A CD2 1 
ATOM   360 N  N   . GLY A 1 45  ? -1.707  -7.976  12.106  1.00 52.93  ? 293 GLY A N   1 
ATOM   361 C  CA  . GLY A 1 45  ? -1.445  -8.395  13.467  1.00 55.63  ? 293 GLY A CA  1 
ATOM   362 C  C   . GLY A 1 45  ? -0.296  -9.367  13.642  1.00 56.17  ? 293 GLY A C   1 
ATOM   363 O  O   . GLY A 1 45  ? -0.220  -10.063 14.661  1.00 59.49  ? 293 GLY A O   1 
ATOM   364 N  N   . GLU A 1 46  ? 0.594   -9.435  12.657  1.00 57.61  ? 294 GLU A N   1 
ATOM   365 C  CA  . GLU A 1 46  ? 1.758   -10.313 12.746  1.00 57.95  ? 294 GLU A CA  1 
ATOM   366 C  C   . GLU A 1 46  ? 2.921   -9.673  12.009  1.00 52.81  ? 294 GLU A C   1 
ATOM   367 O  O   . GLU A 1 46  ? 2.958   -9.647  10.783  1.00 50.82  ? 294 GLU A O   1 
ATOM   368 C  CB  . GLU A 1 46  ? 1.458   -11.699 12.163  1.00 62.98  ? 294 GLU A CB  1 
ATOM   369 C  CG  . GLU A 1 46  ? 1.177   -11.742 10.671  1.00 70.18  ? 294 GLU A CG  1 
ATOM   370 C  CD  . GLU A 1 46  ? 1.292   -13.156 10.107  1.00 74.82  ? 294 GLU A CD  1 
ATOM   371 O  OE1 . GLU A 1 46  ? 2.395   -13.748 10.220  1.00 74.78  ? 294 GLU A OE1 1 
ATOM   372 O  OE2 . GLU A 1 46  ? 0.287   -13.675 9.556   1.00 75.20  ? 294 GLU A OE2 1 
ATOM   373 N  N   . GLY A 1 47  ? 3.880   -9.159  12.761  1.00 50.42  ? 295 GLY A N   1 
ATOM   374 C  CA  . GLY A 1 47  ? 5.000   -8.501  12.126  1.00 52.34  ? 295 GLY A CA  1 
ATOM   375 C  C   . GLY A 1 47  ? 4.434   -7.227  11.537  1.00 54.54  ? 295 GLY A C   1 
ATOM   376 O  O   . GLY A 1 47  ? 3.394   -6.749  12.003  1.00 53.43  ? 295 GLY A O   1 
ATOM   377 N  N   . ASP A 1 48  ? 5.091   -6.667  10.527  1.00 53.34  ? 296 ASP A N   1 
ATOM   378 C  CA  . ASP A 1 48  ? 4.571   -5.451  9.930   1.00 51.37  ? 296 ASP A CA  1 
ATOM   379 C  C   . ASP A 1 48  ? 3.769   -5.749  8.672   1.00 49.48  ? 296 ASP A C   1 
ATOM   380 O  O   . ASP A 1 48  ? 3.815   -4.994  7.697   1.00 55.16  ? 296 ASP A O   1 
ATOM   381 C  CB  . ASP A 1 48  ? 5.693   -4.445  9.630   1.00 51.38  ? 296 ASP A CB  1 
ATOM   382 C  CG  . ASP A 1 48  ? 6.855   -5.058  8.875   1.00 49.93  ? 296 ASP A CG  1 
ATOM   383 O  OD1 . ASP A 1 48  ? 6.644   -6.020  8.099   1.00 48.43  ? 296 ASP A OD1 1 
ATOM   384 O  OD2 . ASP A 1 48  ? 7.985   -4.554  9.053   1.00 49.79  ? 296 ASP A OD2 1 
ATOM   385 N  N   . LYS A 1 49  ? 3.031   -6.854  8.695   1.00 47.88  ? 297 LYS A N   1 
ATOM   386 C  CA  . LYS A 1 49  ? 2.195   -7.212  7.562   1.00 43.81  ? 297 LYS A CA  1 
ATOM   387 C  C   . LYS A 1 49  ? 0.963   -6.314  7.480   1.00 42.44  ? 297 LYS A C   1 
ATOM   388 O  O   . LYS A 1 49  ? 0.188   -6.209  8.434   1.00 40.02  ? 297 LYS A O   1 
ATOM   389 C  CB  . LYS A 1 49  ? 1.717   -8.654  7.670   1.00 43.67  ? 297 LYS A CB  1 
ATOM   390 C  CG  . LYS A 1 49  ? 2.776   -9.688  7.447   1.00 47.62  ? 297 LYS A CG  1 
ATOM   391 C  CD  . LYS A 1 49  ? 2.152   -11.052 7.354   1.00 50.34  ? 297 LYS A CD  1 
ATOM   392 C  CE  . LYS A 1 49  ? 3.185   -12.108 7.020   1.00 52.30  ? 297 LYS A CE  1 
ATOM   393 N  NZ  . LYS A 1 49  ? 2.527   -13.444 6.898   1.00 53.96  ? 297 LYS A NZ  1 
ATOM   394 N  N   . VAL A 1 50  ? 0.788   -5.668  6.332   1.00 40.22  ? 298 VAL A N   1 
ATOM   395 C  CA  . VAL A 1 50  ? -0.369  -4.814  6.090   1.00 40.19  ? 298 VAL A CA  1 
ATOM   396 C  C   . VAL A 1 50  ? -1.066  -5.299  4.824   1.00 44.86  ? 298 VAL A C   1 
ATOM   397 O  O   . VAL A 1 50  ? -0.489  -6.045  4.026   1.00 44.42  ? 298 VAL A O   1 
ATOM   398 C  CB  . VAL A 1 50  ? 0.035   -3.364  5.890   1.00 38.70  ? 298 VAL A CB  1 
ATOM   399 C  CG1 . VAL A 1 50  ? 0.659   -2.833  7.167   1.00 36.38  ? 298 VAL A CG1 1 
ATOM   400 C  CG2 . VAL A 1 50  ? 0.991   -3.256  4.708   1.00 34.60  ? 298 VAL A CG2 1 
ATOM   401 N  N   . LYS A 1 51  ? -2.302  -4.867  4.625   1.00 45.14  ? 299 LYS A N   1 
ATOM   402 C  CA  . LYS A 1 51  ? -3.042  -5.302  3.452   1.00 45.04  ? 299 LYS A CA  1 
ATOM   403 C  C   . LYS A 1 51  ? -3.939  -4.165  2.983   1.00 44.05  ? 299 LYS A C   1 
ATOM   404 O  O   . LYS A 1 51  ? -4.527  -3.463  3.802   1.00 47.17  ? 299 LYS A O   1 
ATOM   405 C  CB  . LYS A 1 51  ? -3.870  -6.532  3.826   1.00 46.89  ? 299 LYS A CB  1 
ATOM   406 C  CG  . LYS A 1 51  ? -4.004  -7.562  2.733   1.00 48.84  ? 299 LYS A CG  1 
ATOM   407 C  CD  . LYS A 1 51  ? -4.483  -8.899  3.283   1.00 48.17  ? 299 LYS A CD  1 
ATOM   408 C  CE  . LYS A 1 51  ? -4.714  -9.888  2.153   1.00 48.79  ? 299 LYS A CE  1 
ATOM   409 N  NZ  . LYS A 1 51  ? -4.684  -11.289 2.637   1.00 50.79  ? 299 LYS A NZ  1 
ATOM   410 N  N   . CYS A 1 52  ? -4.022  -3.957  1.674   1.00 42.02  ? 300 CYS A N   1 
ATOM   411 C  CA  . CYS A 1 52  ? -4.876  -2.897  1.150   1.00 38.34  ? 300 CYS A CA  1 
ATOM   412 C  C   . CYS A 1 52  ? -6.329  -3.354  1.232   1.00 37.24  ? 300 CYS A C   1 
ATOM   413 O  O   . CYS A 1 52  ? -6.675  -4.461  0.796   1.00 37.81  ? 300 CYS A O   1 
ATOM   414 C  CB  . CYS A 1 52  ? -4.526  -2.586  -0.303  1.00 38.23  ? 300 CYS A CB  1 
ATOM   415 S  SG  . CYS A 1 52  ? -5.536  -1.269  -1.017  1.00 36.87  ? 300 CYS A SG  1 
ATOM   416 N  N   . PHE A 1 53  ? -7.178  -2.503  1.787   1.00 35.86  ? 301 PHE A N   1 
ATOM   417 C  CA  . PHE A 1 53  ? -8.587  -2.842  1.918   1.00 37.02  ? 301 PHE A CA  1 
ATOM   418 C  C   . PHE A 1 53  ? -9.251  -2.957  0.560   1.00 36.51  ? 301 PHE A C   1 
ATOM   419 O  O   . PHE A 1 53  ? -10.220 -3.691  0.405   1.00 37.18  ? 301 PHE A O   1 
ATOM   420 C  CB  . PHE A 1 53  ? -9.322  -1.767  2.717   1.00 39.24  ? 301 PHE A CB  1 
ATOM   421 C  CG  . PHE A 1 53  ? -9.751  -0.589  1.888   1.00 41.05  ? 301 PHE A CG  1 
ATOM   422 C  CD1 . PHE A 1 53  ? -10.999 -0.574  1.273   1.00 41.02  ? 301 PHE A CD1 1 
ATOM   423 C  CD2 . PHE A 1 53  ? -8.886  0.484   1.682   1.00 42.01  ? 301 PHE A CD2 1 
ATOM   424 C  CE1 . PHE A 1 53  ? -11.381 0.492   0.461   1.00 41.25  ? 301 PHE A CE1 1 
ATOM   425 C  CE2 . PHE A 1 53  ? -9.258  1.560   0.870   1.00 42.12  ? 301 PHE A CE2 1 
ATOM   426 C  CZ  . PHE A 1 53  ? -10.508 1.562   0.258   1.00 41.31  ? 301 PHE A CZ  1 
ATOM   427 N  N   . HIS A 1 54  ? -8.734  -2.222  -0.421  1.00 36.18  ? 302 HIS A N   1 
ATOM   428 C  CA  . HIS A 1 54  ? -9.332  -2.226  -1.745  1.00 34.11  ? 302 HIS A CA  1 
ATOM   429 C  C   . HIS A 1 54  ? -8.850  -3.296  -2.723  1.00 33.87  ? 302 HIS A C   1 
ATOM   430 O  O   . HIS A 1 54  ? -9.665  -4.055  -3.237  1.00 33.02  ? 302 HIS A O   1 
ATOM   431 C  CB  . HIS A 1 54  ? -9.200  -0.843  -2.378  1.00 33.77  ? 302 HIS A CB  1 
ATOM   432 C  CG  . HIS A 1 54  ? -10.033 -0.680  -3.607  1.00 35.11  ? 302 HIS A CG  1 
ATOM   433 N  ND1 . HIS A 1 54  ? -9.777  -1.372  -4.772  1.00 36.93  ? 302 HIS A ND1 1 
ATOM   434 C  CD2 . HIS A 1 54  ? -11.164 0.027   -3.830  1.00 34.55  ? 302 HIS A CD2 1 
ATOM   435 C  CE1 . HIS A 1 54  ? -10.718 -1.102  -5.656  1.00 35.85  ? 302 HIS A CE1 1 
ATOM   436 N  NE2 . HIS A 1 54  ? -11.574 -0.258  -5.109  1.00 34.70  ? 302 HIS A NE2 1 
ATOM   437 N  N   . CYS A 1 55  ? -7.550  -3.361  -2.998  1.00 35.38  ? 303 CYS A N   1 
ATOM   438 C  CA  . CYS A 1 55  ? -7.046  -4.376  -3.927  1.00 37.14  ? 303 CYS A CA  1 
ATOM   439 C  C   . CYS A 1 55  ? -6.625  -5.657  -3.193  1.00 39.27  ? 303 CYS A C   1 
ATOM   440 O  O   . CYS A 1 55  ? -6.384  -6.691  -3.813  1.00 37.07  ? 303 CYS A O   1 
ATOM   441 C  CB  . CYS A 1 55  ? -5.865  -3.838  -4.744  1.00 36.76  ? 303 CYS A CB  1 
ATOM   442 S  SG  . CYS A 1 55  ? -4.321  -3.622  -3.821  1.00 39.62  ? 303 CYS A SG  1 
ATOM   443 N  N   . GLY A 1 56  ? -6.546  -5.582  -1.867  1.00 40.26  ? 304 GLY A N   1 
ATOM   444 C  CA  . GLY A 1 56  ? -6.166  -6.739  -1.086  1.00 40.99  ? 304 GLY A CA  1 
ATOM   445 C  C   . GLY A 1 56  ? -4.677  -7.041  -1.084  1.00 42.19  ? 304 GLY A C   1 
ATOM   446 O  O   . GLY A 1 56  ? -4.242  -7.976  -0.412  1.00 43.63  ? 304 GLY A O   1 
ATOM   447 N  N   . GLY A 1 57  ? -3.890  -6.266  -1.825  1.00 41.13  ? 305 GLY A N   1 
ATOM   448 C  CA  . GLY A 1 57  ? -2.454  -6.502  -1.865  1.00 38.51  ? 305 GLY A CA  1 
ATOM   449 C  C   . GLY A 1 57  ? -1.794  -6.418  -0.496  1.00 37.85  ? 305 GLY A C   1 
ATOM   450 O  O   . GLY A 1 57  ? -2.209  -5.625  0.357   1.00 39.73  ? 305 GLY A O   1 
ATOM   451 N  N   . GLY A 1 58  ? -0.765  -7.229  -0.271  1.00 36.45  ? 306 GLY A N   1 
ATOM   452 C  CA  . GLY A 1 58  ? -0.086  -7.202  1.015   1.00 35.62  ? 306 GLY A CA  1 
ATOM   453 C  C   . GLY A 1 58  ? 1.407   -6.928  0.935   1.00 36.80  ? 306 GLY A C   1 
ATOM   454 O  O   . GLY A 1 58  ? 2.058   -7.291  -0.048  1.00 34.07  ? 306 GLY A O   1 
ATOM   455 N  N   . LEU A 1 59  ? 1.944   -6.283  1.972   1.00 37.44  ? 307 LEU A N   1 
ATOM   456 C  CA  . LEU A 1 59  ? 3.368   -5.965  2.044   1.00 42.82  ? 307 LEU A CA  1 
ATOM   457 C  C   . LEU A 1 59  ? 3.915   -6.258  3.448   1.00 47.73  ? 307 LEU A C   1 
ATOM   458 O  O   . LEU A 1 59  ? 3.154   -6.283  4.418   1.00 46.40  ? 307 LEU A O   1 
ATOM   459 C  CB  . LEU A 1 59  ? 3.625   -4.482  1.730   1.00 43.40  ? 307 LEU A CB  1 
ATOM   460 C  CG  . LEU A 1 59  ? 3.395   -3.764  0.388   1.00 43.55  ? 307 LEU A CG  1 
ATOM   461 C  CD1 . LEU A 1 59  ? 3.712   -4.685  -0.768  1.00 42.35  ? 307 LEU A CD1 1 
ATOM   462 C  CD2 . LEU A 1 59  ? 1.977   -3.258  0.300   1.00 42.60  ? 307 LEU A CD2 1 
ATOM   463 N  N   . THR A 1 60  ? 5.231   -6.481  3.544   1.00 48.93  ? 308 THR A N   1 
ATOM   464 C  CA  . THR A 1 60  ? 5.919   -6.738  4.823   1.00 49.20  ? 308 THR A CA  1 
ATOM   465 C  C   . THR A 1 60  ? 7.363   -6.320  4.757   1.00 54.17  ? 308 THR A C   1 
ATOM   466 O  O   . THR A 1 60  ? 7.838   -5.899  3.719   1.00 58.78  ? 308 THR A O   1 
ATOM   467 C  CB  . THR A 1 60  ? 5.978   -8.202  5.215   1.00 48.15  ? 308 THR A CB  1 
ATOM   468 O  OG1 . THR A 1 60  ? 5.426   -9.004  4.171   1.00 45.02  ? 308 THR A OG1 1 
ATOM   469 C  CG2 . THR A 1 60  ? 5.267   -8.414  6.532   1.00 43.16  ? 308 THR A CG2 1 
ATOM   470 N  N   . ASP A 1 61  ? 8.073   -6.479  5.868   1.00 59.29  ? 309 ASP A N   1 
ATOM   471 C  CA  . ASP A 1 61  ? 9.478   -6.108  5.930   1.00 61.65  ? 309 ASP A CA  1 
ATOM   472 C  C   . ASP A 1 61  ? 9.623   -4.644  5.567   1.00 59.18  ? 309 ASP A C   1 
ATOM   473 O  O   . ASP A 1 61  ? 10.433  -4.276  4.709   1.00 56.41  ? 309 ASP A O   1 
ATOM   474 C  CB  . ASP A 1 61  ? 10.306  -6.948  4.960   1.00 67.58  ? 309 ASP A CB  1 
ATOM   475 C  CG  . ASP A 1 61  ? 10.259  -8.423  5.281   1.00 74.69  ? 309 ASP A CG  1 
ATOM   476 O  OD1 . ASP A 1 61  ? 10.764  -9.223  4.455   1.00 78.57  ? 309 ASP A OD1 1 
ATOM   477 O  OD2 . ASP A 1 61  ? 9.727   -8.780  6.357   1.00 78.05  ? 309 ASP A OD2 1 
ATOM   478 N  N   . TRP A 1 62  ? 8.819   -3.813  6.219   1.00 58.00  ? 310 TRP A N   1 
ATOM   479 C  CA  . TRP A 1 62  ? 8.867   -2.386  5.975   1.00 60.37  ? 310 TRP A CA  1 
ATOM   480 C  C   . TRP A 1 62  ? 10.195  -1.807  6.433   1.00 62.70  ? 310 TRP A C   1 
ATOM   481 O  O   . TRP A 1 62  ? 10.477  -1.748  7.632   1.00 64.53  ? 310 TRP A O   1 
ATOM   482 C  CB  . TRP A 1 62  ? 7.714   -1.693  6.694   1.00 57.82  ? 310 TRP A CB  1 
ATOM   483 C  CG  . TRP A 1 62  ? 6.438   -1.871  5.977   1.00 55.56  ? 310 TRP A CG  1 
ATOM   484 C  CD1 . TRP A 1 62  ? 5.503   -2.839  6.189   1.00 54.76  ? 310 TRP A CD1 1 
ATOM   485 C  CD2 . TRP A 1 62  ? 5.979   -1.102  4.864   1.00 53.88  ? 310 TRP A CD2 1 
ATOM   486 N  NE1 . TRP A 1 62  ? 4.489   -2.720  5.273   1.00 54.40  ? 310 TRP A NE1 1 
ATOM   487 C  CE2 . TRP A 1 62  ? 4.758   -1.659  4.448   1.00 53.77  ? 310 TRP A CE2 1 
ATOM   488 C  CE3 . TRP A 1 62  ? 6.484   0.009   4.178   1.00 53.63  ? 310 TRP A CE3 1 
ATOM   489 C  CZ2 . TRP A 1 62  ? 4.033   -1.147  3.369   1.00 54.34  ? 310 TRP A CZ2 1 
ATOM   490 C  CZ3 . TRP A 1 62  ? 5.765   0.517   3.111   1.00 52.73  ? 310 TRP A CZ3 1 
ATOM   491 C  CH2 . TRP A 1 62  ? 4.553   -0.060  2.718   1.00 52.90  ? 310 TRP A CH2 1 
ATOM   492 N  N   . LYS A 1 63  ? 11.005  -1.387  5.464   1.00 65.88  ? 311 LYS A N   1 
ATOM   493 C  CA  . LYS A 1 63  ? 12.314  -0.814  5.736   1.00 70.35  ? 311 LYS A CA  1 
ATOM   494 C  C   . LYS A 1 63  ? 12.207  0.659   6.116   1.00 78.13  ? 311 LYS A C   1 
ATOM   495 O  O   . LYS A 1 63  ? 11.238  1.337   5.769   1.00 70.07  ? 311 LYS A O   1 
ATOM   496 C  CB  . LYS A 1 63  ? 13.217  -1.011  4.522   1.00 70.10  ? 311 LYS A CB  1 
ATOM   497 C  CG  . LYS A 1 63  ? 13.429  -2.488  4.225   1.00 73.96  ? 311 LYS A CG  1 
ATOM   498 C  CD  . LYS A 1 63  ? 14.215  -2.734  2.955   1.00 76.82  ? 311 LYS A CD  1 
ATOM   499 C  CE  . LYS A 1 63  ? 14.164  -4.215  2.583   1.00 78.98  ? 311 LYS A CE  1 
ATOM   500 N  NZ  . LYS A 1 63  ? 14.971  -4.539  1.365   1.00 79.81  ? 311 LYS A NZ  1 
ATOM   501 N  N   . PRO A 1 64  ? 13.214  1.169   6.844   1.00 86.72  ? 312 PRO A N   1 
ATOM   502 C  CA  . PRO A 1 64  ? 13.298  2.554   7.317   1.00 92.52  ? 312 PRO A CA  1 
ATOM   503 C  C   . PRO A 1 64  ? 12.734  3.565   6.334   1.00 87.60  ? 312 PRO A C   1 
ATOM   504 O  O   . PRO A 1 64  ? 11.687  4.173   6.581   1.00 84.60  ? 312 PRO A O   1 
ATOM   505 C  CB  . PRO A 1 64  ? 14.794  2.750   7.537   1.00 100.79 ? 312 PRO A CB  1 
ATOM   506 C  CG  . PRO A 1 64  ? 15.245  1.394   7.969   1.00 105.87 ? 312 PRO A CG  1 
ATOM   507 C  CD  . PRO A 1 64  ? 14.518  0.492   6.996   1.00 99.03  ? 312 PRO A CD  1 
ATOM   508 N  N   . SER A 1 65  ? 13.448  3.743   5.225   1.00 86.22  ? 313 SER A N   1 
ATOM   509 C  CA  . SER A 1 65  ? 13.040  4.678   4.187   1.00 87.20  ? 313 SER A CA  1 
ATOM   510 C  C   . SER A 1 65  ? 12.453  3.918   3.013   1.00 80.10  ? 313 SER A C   1 
ATOM   511 O  O   . SER A 1 65  ? 13.149  3.595   2.042   1.00 79.95  ? 313 SER A O   1 
ATOM   512 C  CB  . SER A 1 65  ? 14.228  5.537   3.729   1.00 95.72  ? 313 SER A CB  1 
ATOM   513 O  OG  . SER A 1 65  ? 14.624  6.447   4.750   1.00 102.02 ? 313 SER A OG  1 
ATOM   514 N  N   . GLU A 1 66  ? 11.156  3.636   3.153   1.00 73.09  ? 314 GLU A N   1 
ATOM   515 C  CA  . GLU A 1 66  ? 10.340  2.917   2.182   1.00 62.44  ? 314 GLU A CA  1 
ATOM   516 C  C   . GLU A 1 66  ? 8.977   3.562   2.386   1.00 61.62  ? 314 GLU A C   1 
ATOM   517 O  O   . GLU A 1 66  ? 8.514   3.674   3.522   1.00 62.11  ? 314 GLU A O   1 
ATOM   518 C  CB  . GLU A 1 66  ? 10.298  1.435   2.545   1.00 55.22  ? 314 GLU A CB  1 
ATOM   519 C  CG  . GLU A 1 66  ? 10.143  0.507   1.363   1.00 49.88  ? 314 GLU A CG  1 
ATOM   520 C  CD  . GLU A 1 66  ? 10.675  -0.897  1.644   1.00 47.53  ? 314 GLU A CD  1 
ATOM   521 O  OE1 . GLU A 1 66  ? 10.316  -1.492  2.682   1.00 47.37  ? 314 GLU A OE1 1 
ATOM   522 O  OE2 . GLU A 1 66  ? 11.453  -1.414  0.820   1.00 44.72  ? 314 GLU A OE2 1 
ATOM   523 N  N   . ASP A 1 67  ? 8.344   3.991   1.298   1.00 62.00  ? 315 ASP A N   1 
ATOM   524 C  CA  . ASP A 1 67  ? 7.055   4.678   1.379   1.00 60.69  ? 315 ASP A CA  1 
ATOM   525 C  C   . ASP A 1 67  ? 5.803   3.848   1.030   1.00 53.80  ? 315 ASP A C   1 
ATOM   526 O  O   . ASP A 1 67  ? 5.778   3.112   0.035   1.00 55.67  ? 315 ASP A O   1 
ATOM   527 C  CB  . ASP A 1 67  ? 7.122   5.938   0.496   1.00 65.64  ? 315 ASP A CB  1 
ATOM   528 C  CG  . ASP A 1 67  ? 5.862   6.794   0.579   1.00 70.11  ? 315 ASP A CG  1 
ATOM   529 O  OD1 . ASP A 1 67  ? 4.912   6.568   -0.209  1.00 71.66  ? 315 ASP A OD1 1 
ATOM   530 O  OD2 . ASP A 1 67  ? 5.821   7.697   1.443   1.00 72.90  ? 315 ASP A OD2 1 
ATOM   531 N  N   . PRO A 1 68  ? 4.745   3.956   1.858   1.00 46.58  ? 316 PRO A N   1 
ATOM   532 C  CA  . PRO A 1 68  ? 3.495   3.222   1.632   1.00 42.24  ? 316 PRO A CA  1 
ATOM   533 C  C   . PRO A 1 68  ? 2.951   3.382   0.210   1.00 41.74  ? 316 PRO A C   1 
ATOM   534 O  O   . PRO A 1 68  ? 2.818   2.397   -0.518  1.00 45.00  ? 316 PRO A O   1 
ATOM   535 C  CB  . PRO A 1 68  ? 2.560   3.809   2.685   1.00 40.39  ? 316 PRO A CB  1 
ATOM   536 C  CG  . PRO A 1 68  ? 3.486   4.041   3.825   1.00 38.67  ? 316 PRO A CG  1 
ATOM   537 C  CD  . PRO A 1 68  ? 4.704   4.659   3.155   1.00 41.78  ? 316 PRO A CD  1 
ATOM   538 N  N   . TRP A 1 69  ? 2.636   4.613   -0.187  1.00 40.73  ? 317 TRP A N   1 
ATOM   539 C  CA  . TRP A 1 69  ? 2.117   4.849   -1.528  1.00 35.55  ? 317 TRP A CA  1 
ATOM   540 C  C   . TRP A 1 69  ? 3.076   4.327   -2.587  1.00 34.43  ? 317 TRP A C   1 
ATOM   541 O  O   . TRP A 1 69  ? 2.650   3.687   -3.545  1.00 34.92  ? 317 TRP A O   1 
ATOM   542 C  CB  . TRP A 1 69  ? 1.851   6.335   -1.753  1.00 34.54  ? 317 TRP A CB  1 
ATOM   543 C  CG  . TRP A 1 69  ? 0.541   6.832   -1.188  1.00 36.27  ? 317 TRP A CG  1 
ATOM   544 C  CD1 . TRP A 1 69  ? 0.361   7.903   -0.362  1.00 36.99  ? 317 TRP A CD1 1 
ATOM   545 C  CD2 . TRP A 1 69  ? -0.771  6.312   -1.456  1.00 36.32  ? 317 TRP A CD2 1 
ATOM   546 N  NE1 . TRP A 1 69  ? -0.978  8.088   -0.097  1.00 36.55  ? 317 TRP A NE1 1 
ATOM   547 C  CE2 . TRP A 1 69  ? -1.696  7.126   -0.755  1.00 35.80  ? 317 TRP A CE2 1 
ATOM   548 C  CE3 . TRP A 1 69  ? -1.254  5.238   -2.218  1.00 34.11  ? 317 TRP A CE3 1 
ATOM   549 C  CZ2 . TRP A 1 69  ? -3.075  6.904   -0.795  1.00 35.20  ? 317 TRP A CZ2 1 
ATOM   550 C  CZ3 . TRP A 1 69  ? -2.629  5.014   -2.259  1.00 35.36  ? 317 TRP A CZ3 1 
ATOM   551 C  CH2 . TRP A 1 69  ? -3.523  5.846   -1.549  1.00 36.54  ? 317 TRP A CH2 1 
ATOM   552 N  N   . GLU A 1 70  ? 4.370   4.598   -2.413  1.00 37.58  ? 318 GLU A N   1 
ATOM   553 C  CA  . GLU A 1 70  ? 5.386   4.134   -3.357  1.00 43.46  ? 318 GLU A CA  1 
ATOM   554 C  C   . GLU A 1 70  ? 5.332   2.621   -3.555  1.00 41.90  ? 318 GLU A C   1 
ATOM   555 O  O   . GLU A 1 70  ? 5.333   2.123   -4.687  1.00 37.00  ? 318 GLU A O   1 
ATOM   556 C  CB  . GLU A 1 70  ? 6.766   4.481   -2.852  1.00 52.90  ? 318 GLU A CB  1 
ATOM   557 C  CG  . GLU A 1 70  ? 7.308   5.820   -3.249  1.00 66.95  ? 318 GLU A CG  1 
ATOM   558 C  CD  . GLU A 1 70  ? 8.810   5.723   -3.416  1.00 75.71  ? 318 GLU A CD  1 
ATOM   559 O  OE1 . GLU A 1 70  ? 9.442   5.030   -2.578  1.00 80.01  ? 318 GLU A OE1 1 
ATOM   560 O  OE2 . GLU A 1 70  ? 9.359   6.312   -4.378  1.00 78.04  ? 318 GLU A OE2 1 
ATOM   561 N  N   . GLN A 1 71  ? 5.303   1.897   -2.441  1.00 38.98  ? 319 GLN A N   1 
ATOM   562 C  CA  . GLN A 1 71  ? 5.251   0.440   -2.461  1.00 41.49  ? 319 GLN A CA  1 
ATOM   563 C  C   . GLN A 1 71  ? 3.915   -0.066  -2.993  1.00 42.50  ? 319 GLN A C   1 
ATOM   564 O  O   . GLN A 1 71  ? 3.856   -1.045  -3.754  1.00 42.56  ? 319 GLN A O   1 
ATOM   565 C  CB  . GLN A 1 71  ? 5.477   -0.101  -1.049  1.00 41.92  ? 319 GLN A CB  1 
ATOM   566 C  CG  . GLN A 1 71  ? 6.839   0.230   -0.498  1.00 42.95  ? 319 GLN A CG  1 
ATOM   567 C  CD  . GLN A 1 71  ? 7.942   -0.301  -1.384  1.00 42.92  ? 319 GLN A CD  1 
ATOM   568 O  OE1 . GLN A 1 71  ? 8.053   -1.513  -1.596  1.00 41.94  ? 319 GLN A OE1 1 
ATOM   569 N  NE2 . GLN A 1 71  ? 8.762   0.606   -1.914  1.00 43.39  ? 319 GLN A NE2 1 
ATOM   570 N  N   . HIS A 1 72  ? 2.844   0.602   -2.573  1.00 41.30  ? 320 HIS A N   1 
ATOM   571 C  CA  . HIS A 1 72  ? 1.502   0.242   -2.998  1.00 38.97  ? 320 HIS A CA  1 
ATOM   572 C  C   . HIS A 1 72  ? 1.493   0.215   -4.523  1.00 38.86  ? 320 HIS A C   1 
ATOM   573 O  O   . HIS A 1 72  ? 1.048   -0.760  -5.141  1.00 37.12  ? 320 HIS A O   1 
ATOM   574 C  CB  . HIS A 1 72  ? 0.494   1.276   -2.479  1.00 36.20  ? 320 HIS A CB  1 
ATOM   575 C  CG  . HIS A 1 72  ? -0.917  0.776   -2.436  1.00 35.14  ? 320 HIS A CG  1 
ATOM   576 N  ND1 . HIS A 1 72  ? -1.905  1.393   -1.697  1.00 34.55  ? 320 HIS A ND1 1 
ATOM   577 C  CD2 . HIS A 1 72  ? -1.503  -0.288  -3.033  1.00 34.25  ? 320 HIS A CD2 1 
ATOM   578 C  CE1 . HIS A 1 72  ? -3.039  0.730   -1.840  1.00 33.54  ? 320 HIS A CE1 1 
ATOM   579 N  NE2 . HIS A 1 72  ? -2.822  -0.293  -2.646  1.00 33.69  ? 320 HIS A NE2 1 
ATOM   580 N  N   . ALA A 1 73  ? 2.012   1.291   -5.115  1.00 37.27  ? 321 ALA A N   1 
ATOM   581 C  CA  . ALA A 1 73  ? 2.083   1.423   -6.562  1.00 35.73  ? 321 ALA A CA  1 
ATOM   582 C  C   . ALA A 1 73  ? 3.026   0.385   -7.148  1.00 35.88  ? 321 ALA A C   1 
ATOM   583 O  O   . ALA A 1 73  ? 2.720   -0.251  -8.153  1.00 40.89  ? 321 ALA A O   1 
ATOM   584 C  CB  . ALA A 1 73  ? 2.551   2.809   -6.930  1.00 29.51  ? 321 ALA A CB  1 
ATOM   585 N  N   . LYS A 1 74  ? 4.176   0.205   -6.516  1.00 38.44  ? 322 LYS A N   1 
ATOM   586 C  CA  . LYS A 1 74  ? 5.150   -0.763  -7.006  1.00 38.83  ? 322 LYS A CA  1 
ATOM   587 C  C   . LYS A 1 74  ? 4.606   -2.186  -7.159  1.00 37.48  ? 322 LYS A C   1 
ATOM   588 O  O   . LYS A 1 74  ? 4.795   -2.819  -8.198  1.00 34.75  ? 322 LYS A O   1 
ATOM   589 C  CB  . LYS A 1 74  ? 6.357   -0.782  -6.076  1.00 40.90  ? 322 LYS A CB  1 
ATOM   590 C  CG  . LYS A 1 74  ? 7.450   -1.744  -6.493  1.00 44.84  ? 322 LYS A CG  1 
ATOM   591 C  CD  . LYS A 1 74  ? 8.680   -1.492  -5.637  1.00 47.56  ? 322 LYS A CD  1 
ATOM   592 C  CE  . LYS A 1 74  ? 9.930   -2.110  -6.222  1.00 46.71  ? 322 LYS A CE  1 
ATOM   593 N  NZ  . LYS A 1 74  ? 11.122  -1.541  -5.535  1.00 47.91  ? 322 LYS A NZ  1 
ATOM   594 N  N   . TRP A 1 75  ? 3.915   -2.670  -6.129  1.00 35.92  ? 323 TRP A N   1 
ATOM   595 C  CA  . TRP A 1 75  ? 3.400   -4.033  -6.134  1.00 36.81  ? 323 TRP A CA  1 
ATOM   596 C  C   . TRP A 1 75  ? 1.945   -4.252  -6.530  1.00 38.92  ? 323 TRP A C   1 
ATOM   597 O  O   . TRP A 1 75  ? 1.560   -5.364  -6.891  1.00 38.60  ? 323 TRP A O   1 
ATOM   598 C  CB  . TRP A 1 75  ? 3.656   -4.668  -4.770  1.00 35.82  ? 323 TRP A CB  1 
ATOM   599 C  CG  . TRP A 1 75  ? 5.110   -4.701  -4.440  1.00 35.80  ? 323 TRP A CG  1 
ATOM   600 C  CD1 . TRP A 1 75  ? 5.803   -3.802  -3.677  1.00 37.02  ? 323 TRP A CD1 1 
ATOM   601 C  CD2 . TRP A 1 75  ? 6.070   -5.642  -4.924  1.00 35.67  ? 323 TRP A CD2 1 
ATOM   602 N  NE1 . TRP A 1 75  ? 7.140   -4.125  -3.660  1.00 35.72  ? 323 TRP A NE1 1 
ATOM   603 C  CE2 . TRP A 1 75  ? 7.333   -5.251  -4.416  1.00 35.29  ? 323 TRP A CE2 1 
ATOM   604 C  CE3 . TRP A 1 75  ? 5.991   -6.782  -5.741  1.00 35.55  ? 323 TRP A CE3 1 
ATOM   605 C  CZ2 . TRP A 1 75  ? 8.509   -5.961  -4.697  1.00 34.09  ? 323 TRP A CZ2 1 
ATOM   606 C  CZ3 . TRP A 1 75  ? 7.165   -7.490  -6.023  1.00 35.27  ? 323 TRP A CZ3 1 
ATOM   607 C  CH2 . TRP A 1 75  ? 8.406   -7.073  -5.498  1.00 34.76  ? 323 TRP A CH2 1 
ATOM   608 N  N   . TYR A 1 76  ? 1.127   -3.211  -6.464  1.00 38.05  ? 324 TYR A N   1 
ATOM   609 C  CA  . TYR A 1 76  ? -0.267  -3.365  -6.835  1.00 36.08  ? 324 TYR A CA  1 
ATOM   610 C  C   . TYR A 1 76  ? -0.688  -2.242  -7.761  1.00 36.33  ? 324 TYR A C   1 
ATOM   611 O  O   . TYR A 1 76  ? -1.625  -1.496  -7.484  1.00 39.51  ? 324 TYR A O   1 
ATOM   612 C  CB  . TYR A 1 76  ? -1.112  -3.414  -5.573  1.00 33.19  ? 324 TYR A CB  1 
ATOM   613 C  CG  . TYR A 1 76  ? -0.634  -4.521  -4.678  1.00 31.26  ? 324 TYR A CG  1 
ATOM   614 C  CD1 . TYR A 1 76  ? 0.178   -4.257  -3.580  1.00 30.56  ? 324 TYR A CD1 1 
ATOM   615 C  CD2 . TYR A 1 76  ? -0.897  -5.850  -4.998  1.00 29.96  ? 324 TYR A CD2 1 
ATOM   616 C  CE1 . TYR A 1 76  ? 0.718   -5.292  -2.829  1.00 31.41  ? 324 TYR A CE1 1 
ATOM   617 C  CE2 . TYR A 1 76  ? -0.362  -6.895  -4.259  1.00 28.61  ? 324 TYR A CE2 1 
ATOM   618 C  CZ  . TYR A 1 76  ? 0.446   -6.617  -3.177  1.00 32.14  ? 324 TYR A CZ  1 
ATOM   619 O  OH  . TYR A 1 76  ? 0.999   -7.659  -2.458  1.00 33.42  ? 324 TYR A OH  1 
ATOM   620 N  N   . PRO A 1 77  ? 0.002   -2.128  -8.904  1.00 32.23  ? 325 PRO A N   1 
ATOM   621 C  CA  . PRO A 1 77  ? -0.306  -1.082  -9.875  1.00 31.84  ? 325 PRO A CA  1 
ATOM   622 C  C   . PRO A 1 77  ? -1.776  -1.058  -10.309 1.00 36.72  ? 325 PRO A C   1 
ATOM   623 O  O   . PRO A 1 77  ? -2.327  0.010   -10.584 1.00 40.73  ? 325 PRO A O   1 
ATOM   624 C  CB  . PRO A 1 77  ? 0.646   -1.400  -11.025 1.00 27.57  ? 325 PRO A CB  1 
ATOM   625 C  CG  . PRO A 1 77  ? 0.758   -2.880  -10.961 1.00 26.64  ? 325 PRO A CG  1 
ATOM   626 C  CD  . PRO A 1 77  ? 0.912   -3.131  -9.489  1.00 27.51  ? 325 PRO A CD  1 
ATOM   627 N  N   . GLY A 1 78  ? -2.417  -2.221  -10.352 1.00 38.81  ? 326 GLY A N   1 
ATOM   628 C  CA  . GLY A 1 78  ? -3.804  -2.262  -10.784 1.00 38.68  ? 326 GLY A CA  1 
ATOM   629 C  C   . GLY A 1 78  ? -4.849  -1.818  -9.771  1.00 38.78  ? 326 GLY A C   1 
ATOM   630 O  O   . GLY A 1 78  ? -6.039  -1.701  -10.104 1.00 39.67  ? 326 GLY A O   1 
ATOM   631 N  N   . CYS A 1 79  ? -4.420  -1.571  -8.536  1.00 39.19  ? 327 CYS A N   1 
ATOM   632 C  CA  . CYS A 1 79  ? -5.350  -1.164  -7.496  1.00 38.22  ? 327 CYS A CA  1 
ATOM   633 C  C   . CYS A 1 79  ? -6.072  0.116   -7.860  1.00 37.84  ? 327 CYS A C   1 
ATOM   634 O  O   . CYS A 1 79  ? -5.435  1.131   -8.099  1.00 39.39  ? 327 CYS A O   1 
ATOM   635 C  CB  . CYS A 1 79  ? -4.628  -0.960  -6.168  1.00 36.14  ? 327 CYS A CB  1 
ATOM   636 S  SG  . CYS A 1 79  ? -5.698  -0.148  -4.962  1.00 38.20  ? 327 CYS A SG  1 
ATOM   637 N  N   . LYS A 1 80  ? -7.399  0.076   -7.896  1.00 37.97  ? 328 LYS A N   1 
ATOM   638 C  CA  . LYS A 1 80  ? -8.148  1.275   -8.234  1.00 37.06  ? 328 LYS A CA  1 
ATOM   639 C  C   . LYS A 1 80  ? -8.075  2.343   -7.155  1.00 36.63  ? 328 LYS A C   1 
ATOM   640 O  O   . LYS A 1 80  ? -8.010  3.532   -7.468  1.00 41.34  ? 328 LYS A O   1 
ATOM   641 C  CB  . LYS A 1 80  ? -9.597  0.931   -8.577  1.00 36.35  ? 328 LYS A CB  1 
ATOM   642 C  CG  . LYS A 1 80  ? -9.695  0.234   -9.924  1.00 36.37  ? 328 LYS A CG  1 
ATOM   643 C  CD  . LYS A 1 80  ? -8.883  0.987   -10.985 1.00 35.94  ? 328 LYS A CD  1 
ATOM   644 C  CE  . LYS A 1 80  ? -8.512  0.095   -12.168 1.00 38.09  ? 328 LYS A CE  1 
ATOM   645 N  NZ  . LYS A 1 80  ? -9.725  -0.466  -12.846 1.00 41.25  ? 328 LYS A NZ  1 
ATOM   646 N  N   . TYR A 1 81  ? -8.072  1.940   -5.890  1.00 36.43  ? 329 TYR A N   1 
ATOM   647 C  CA  . TYR A 1 81  ? -7.961  2.912   -4.797  1.00 33.95  ? 329 TYR A CA  1 
ATOM   648 C  C   . TYR A 1 81  ? -6.706  3.765   -5.009  1.00 31.96  ? 329 TYR A C   1 
ATOM   649 O  O   . TYR A 1 81  ? -6.732  4.985   -4.857  1.00 27.50  ? 329 TYR A O   1 
ATOM   650 C  CB  . TYR A 1 81  ? -7.857  2.191   -3.450  1.00 33.19  ? 329 TYR A CB  1 
ATOM   651 C  CG  . TYR A 1 81  ? -7.698  3.119   -2.271  1.00 33.31  ? 329 TYR A CG  1 
ATOM   652 C  CD1 . TYR A 1 81  ? -8.751  3.919   -1.842  1.00 33.65  ? 329 TYR A CD1 1 
ATOM   653 C  CD2 . TYR A 1 81  ? -6.484  3.218   -1.605  1.00 36.00  ? 329 TYR A CD2 1 
ATOM   654 C  CE1 . TYR A 1 81  ? -8.603  4.802   -0.774  1.00 35.40  ? 329 TYR A CE1 1 
ATOM   655 C  CE2 . TYR A 1 81  ? -6.316  4.098   -0.535  1.00 38.67  ? 329 TYR A CE2 1 
ATOM   656 C  CZ  . TYR A 1 81  ? -7.381  4.892   -0.122  1.00 38.25  ? 329 TYR A CZ  1 
ATOM   657 O  OH  . TYR A 1 81  ? -7.207  5.767   0.938   1.00 40.66  ? 329 TYR A OH  1 
ATOM   658 N  N   . LEU A 1 82  ? -5.609  3.097   -5.355  1.00 30.87  ? 330 LEU A N   1 
ATOM   659 C  CA  . LEU A 1 82  ? -4.337  3.762   -5.610  1.00 32.82  ? 330 LEU A CA  1 
ATOM   660 C  C   . LEU A 1 82  ? -4.551  4.795   -6.707  1.00 35.66  ? 330 LEU A C   1 
ATOM   661 O  O   . LEU A 1 82  ? -4.176  5.958   -6.558  1.00 36.31  ? 330 LEU A O   1 
ATOM   662 C  CB  . LEU A 1 82  ? -3.292  2.736   -6.070  1.00 31.54  ? 330 LEU A CB  1 
ATOM   663 C  CG  . LEU A 1 82  ? -1.984  3.234   -6.693  1.00 28.48  ? 330 LEU A CG  1 
ATOM   664 C  CD1 . LEU A 1 82  ? -1.070  3.772   -5.627  1.00 24.70  ? 330 LEU A CD1 1 
ATOM   665 C  CD2 . LEU A 1 82  ? -1.312  2.094   -7.424  1.00 28.30  ? 330 LEU A CD2 1 
ATOM   666 N  N   . LEU A 1 83  ? -5.168  4.358   -7.799  1.00 36.17  ? 331 LEU A N   1 
ATOM   667 C  CA  . LEU A 1 83  ? -5.430  5.219   -8.939  1.00 36.70  ? 331 LEU A CA  1 
ATOM   668 C  C   . LEU A 1 83  ? -6.267  6.452   -8.601  1.00 40.41  ? 331 LEU A C   1 
ATOM   669 O  O   . LEU A 1 83  ? -6.061  7.525   -9.169  1.00 43.21  ? 331 LEU A O   1 
ATOM   670 C  CB  . LEU A 1 83  ? -6.135  4.430   -10.038 1.00 33.57  ? 331 LEU A CB  1 
ATOM   671 C  CG  . LEU A 1 83  ? -6.479  5.316   -11.239 1.00 32.79  ? 331 LEU A CG  1 
ATOM   672 C  CD1 . LEU A 1 83  ? -5.213  6.045   -11.705 1.00 31.43  ? 331 LEU A CD1 1 
ATOM   673 C  CD2 . LEU A 1 83  ? -7.086  4.482   -12.358 1.00 28.58  ? 331 LEU A CD2 1 
ATOM   674 N  N   . GLU A 1 84  ? -7.209  6.280   -7.680  1.00 46.09  ? 332 GLU A N   1 
ATOM   675 C  CA  . GLU A 1 84  ? -8.115  7.334   -7.238  1.00 51.49  ? 332 GLU A CA  1 
ATOM   676 C  C   . GLU A 1 84  ? -7.416  8.399   -6.385  1.00 47.22  ? 332 GLU A C   1 
ATOM   677 O  O   . GLU A 1 84  ? -7.736  9.582   -6.470  1.00 46.46  ? 332 GLU A O   1 
ATOM   678 C  CB  . GLU A 1 84  ? -9.238  6.671   -6.442  1.00 63.43  ? 332 GLU A CB  1 
ATOM   679 C  CG  . GLU A 1 84  ? -10.383 7.536   -5.930  1.00 76.50  ? 332 GLU A CG  1 
ATOM   680 C  CD  . GLU A 1 84  ? -11.270 6.734   -4.948  1.00 84.41  ? 332 GLU A CD  1 
ATOM   681 O  OE1 . GLU A 1 84  ? -10.949 6.675   -3.736  1.00 84.52  ? 332 GLU A OE1 1 
ATOM   682 O  OE2 . GLU A 1 84  ? -12.277 6.127   -5.394  1.00 88.35  ? 332 GLU A OE2 1 
ATOM   683 N  N   . GLN A 1 85  ? -6.456  7.982   -5.567  1.00 44.81  ? 333 GLN A N   1 
ATOM   684 C  CA  . GLN A 1 85  ? -5.750  8.907   -4.694  1.00 44.91  ? 333 GLN A CA  1 
ATOM   685 C  C   . GLN A 1 85  ? -4.511  9.557   -5.291  1.00 44.73  ? 333 GLN A C   1 
ATOM   686 O  O   . GLN A 1 85  ? -4.080  10.595  -4.808  1.00 43.41  ? 333 GLN A O   1 
ATOM   687 C  CB  . GLN A 1 85  ? -5.315  8.195   -3.416  1.00 47.35  ? 333 GLN A CB  1 
ATOM   688 C  CG  . GLN A 1 85  ? -6.418  7.475   -2.698  1.00 50.75  ? 333 GLN A CG  1 
ATOM   689 C  CD  . GLN A 1 85  ? -7.568  8.387   -2.381  1.00 52.26  ? 333 GLN A CD  1 
ATOM   690 O  OE1 . GLN A 1 85  ? -7.490  9.230   -1.483  1.00 52.45  ? 333 GLN A OE1 1 
ATOM   691 N  NE2 . GLN A 1 85  ? -8.647  8.237   -3.131  1.00 52.97  ? 333 GLN A NE2 1 
ATOM   692 N  N   . LYS A 1 86  ? -3.934  8.976   -6.335  1.00 43.97  ? 334 LYS A N   1 
ATOM   693 C  CA  . LYS A 1 86  ? -2.705  9.538   -6.871  1.00 44.26  ? 334 LYS A CA  1 
ATOM   694 C  C   . LYS A 1 86  ? -2.715  9.911   -8.339  1.00 45.34  ? 334 LYS A C   1 
ATOM   695 O  O   . LYS A 1 86  ? -1.913  10.745  -8.773  1.00 46.62  ? 334 LYS A O   1 
ATOM   696 C  CB  . LYS A 1 86  ? -1.564  8.555   -6.623  1.00 43.92  ? 334 LYS A CB  1 
ATOM   697 C  CG  . LYS A 1 86  ? -1.604  7.895   -5.247  1.00 44.20  ? 334 LYS A CG  1 
ATOM   698 C  CD  . LYS A 1 86  ? -1.411  8.899   -4.118  1.00 44.08  ? 334 LYS A CD  1 
ATOM   699 C  CE  . LYS A 1 86  ? -0.051  9.574   -4.213  1.00 43.99  ? 334 LYS A CE  1 
ATOM   700 N  NZ  . LYS A 1 86  ? 0.085   10.657  -3.213  1.00 45.91  ? 334 LYS A NZ  1 
ATOM   701 N  N   . GLY A 1 87  ? -3.601  9.296   -9.110  1.00 45.65  ? 335 GLY A N   1 
ATOM   702 C  CA  . GLY A 1 87  ? -3.641  9.597   -10.525 1.00 49.28  ? 335 GLY A CA  1 
ATOM   703 C  C   . GLY A 1 87  ? -2.521  8.872   -11.249 1.00 55.94  ? 335 GLY A C   1 
ATOM   704 O  O   . GLY A 1 87  ? -1.488  8.555   -10.651 1.00 51.50  ? 335 GLY A O   1 
ATOM   705 N  N   . GLN A 1 88  ? -2.715  8.618   -12.541 1.00 58.61  ? 336 GLN A N   1 
ATOM   706 C  CA  . GLN A 1 88  ? -1.729  7.903   -13.340 1.00 64.47  ? 336 GLN A CA  1 
ATOM   707 C  C   . GLN A 1 88  ? -0.345  8.587   -13.446 1.00 68.32  ? 336 GLN A C   1 
ATOM   708 O  O   . GLN A 1 88  ? 0.677   7.898   -13.527 1.00 69.59  ? 336 GLN A O   1 
ATOM   709 C  CB  . GLN A 1 88  ? -2.311  7.633   -14.733 1.00 65.14  ? 336 GLN A CB  1 
ATOM   710 C  CG  . GLN A 1 88  ? -1.582  6.539   -15.503 1.00 65.05  ? 336 GLN A CG  1 
ATOM   711 C  CD  . GLN A 1 88  ? -1.862  5.137   -14.966 1.00 66.30  ? 336 GLN A CD  1 
ATOM   712 O  OE1 . GLN A 1 88  ? -1.100  4.190   -15.215 1.00 65.61  ? 336 GLN A OE1 1 
ATOM   713 N  NE2 . GLN A 1 88  ? -2.969  4.995   -14.242 1.00 67.06  ? 336 GLN A NE2 1 
ATOM   714 N  N   . GLU A 1 89  ? -0.303  9.920   -13.435 1.00 74.78  ? 337 GLU A N   1 
ATOM   715 C  CA  . GLU A 1 89  ? 0.972   10.654  -13.531 1.00 82.89  ? 337 GLU A CA  1 
ATOM   716 C  C   . GLU A 1 89  ? 1.908   10.121  -12.464 1.00 72.59  ? 337 GLU A C   1 
ATOM   717 O  O   . GLU A 1 89  ? 2.970   9.550   -12.747 1.00 67.70  ? 337 GLU A O   1 
ATOM   718 C  CB  . GLU A 1 89  ? 0.766   12.155  -13.290 1.00 100.87 ? 337 GLU A CB  1 
ATOM   719 C  CG  . GLU A 1 89  ? -0.202  12.789  -14.253 1.00 121.29 ? 337 GLU A CG  1 
ATOM   720 C  CD  . GLU A 1 89  ? -1.478  11.969  -14.373 1.00 130.88 ? 337 GLU A CD  1 
ATOM   721 O  OE1 . GLU A 1 89  ? -2.185  11.818  -13.342 1.00 133.55 ? 337 GLU A OE1 1 
ATOM   722 O  OE2 . GLU A 1 89  ? -1.758  11.462  -15.489 1.00 133.03 ? 337 GLU A OE2 1 
ATOM   723 N  N   . TYR A 1 90  ? 1.487   10.324  -11.224 1.00 63.97  ? 338 TYR A N   1 
ATOM   724 C  CA  . TYR A 1 90  ? 2.232   9.868   -10.079 1.00 56.94  ? 338 TYR A CA  1 
ATOM   725 C  C   . TYR A 1 90  ? 2.640   8.416   -10.277 1.00 55.23  ? 338 TYR A C   1 
ATOM   726 O  O   . TYR A 1 90  ? 3.826   8.080   -10.244 1.00 59.44  ? 338 TYR A O   1 
ATOM   727 C  CB  . TYR A 1 90  ? 1.366   9.975   -8.838  1.00 53.07  ? 338 TYR A CB  1 
ATOM   728 C  CG  . TYR A 1 90  ? 1.969   9.300   -7.643  1.00 49.51  ? 338 TYR A CG  1 
ATOM   729 C  CD1 . TYR A 1 90  ? 2.950   9.932   -6.892  1.00 48.60  ? 338 TYR A CD1 1 
ATOM   730 C  CD2 . TYR A 1 90  ? 1.581   8.016   -7.273  1.00 47.74  ? 338 TYR A CD2 1 
ATOM   731 C  CE1 . TYR A 1 90  ? 3.534   9.309   -5.799  1.00 48.81  ? 338 TYR A CE1 1 
ATOM   732 C  CE2 . TYR A 1 90  ? 2.159   7.376   -6.183  1.00 48.23  ? 338 TYR A CE2 1 
ATOM   733 C  CZ  . TYR A 1 90  ? 3.140   8.031   -5.449  1.00 48.84  ? 338 TYR A CZ  1 
ATOM   734 O  OH  . TYR A 1 90  ? 3.743   7.415   -4.376  1.00 48.49  ? 338 TYR A OH  1 
ATOM   735 N  N   . ILE A 1 91  ? 1.648   7.559   -10.495 1.00 52.23  ? 339 ILE A N   1 
ATOM   736 C  CA  . ILE A 1 91  ? 1.904   6.134   -10.656 1.00 46.89  ? 339 ILE A CA  1 
ATOM   737 C  C   . ILE A 1 91  ? 2.973   5.802   -11.699 1.00 49.74  ? 339 ILE A C   1 
ATOM   738 O  O   . ILE A 1 91  ? 3.826   4.945   -11.457 1.00 48.65  ? 339 ILE A O   1 
ATOM   739 C  CB  . ILE A 1 91  ? 0.593   5.354   -10.972 1.00 41.78  ? 339 ILE A CB  1 
ATOM   740 C  CG1 . ILE A 1 91  ? -0.424  5.560   -9.849  1.00 38.23  ? 339 ILE A CG1 1 
ATOM   741 C  CG2 . ILE A 1 91  ? 0.876   3.862   -11.067 1.00 38.43  ? 339 ILE A CG2 1 
ATOM   742 C  CD1 . ILE A 1 91  ? -1.711  4.788   -10.048 1.00 37.54  ? 339 ILE A CD1 1 
ATOM   743 N  N   . ASN A 1 92  ? 2.954   6.471   -12.848 1.00 51.19  ? 340 ASN A N   1 
ATOM   744 C  CA  . ASN A 1 92  ? 3.965   6.177   -13.854 1.00 52.87  ? 340 ASN A CA  1 
ATOM   745 C  C   . ASN A 1 92  ? 5.321   6.609   -13.336 1.00 53.99  ? 340 ASN A C   1 
ATOM   746 O  O   . ASN A 1 92  ? 6.310   5.877   -13.462 1.00 55.67  ? 340 ASN A O   1 
ATOM   747 C  CB  . ASN A 1 92  ? 3.657   6.889   -15.163 1.00 55.03  ? 340 ASN A CB  1 
ATOM   748 C  CG  . ASN A 1 92  ? 2.393   6.373   -15.818 1.00 55.90  ? 340 ASN A CG  1 
ATOM   749 O  OD1 . ASN A 1 92  ? 2.155   5.156   -15.882 1.00 54.69  ? 340 ASN A OD1 1 
ATOM   750 N  ND2 . ASN A 1 92  ? 1.572   7.296   -16.317 1.00 54.62  ? 340 ASN A ND2 1 
ATOM   751 N  N   . ASN A 1 93  ? 5.363   7.798   -12.739 1.00 54.95  ? 341 ASN A N   1 
ATOM   752 C  CA  . ASN A 1 93  ? 6.605   8.309   -12.183 1.00 54.69  ? 341 ASN A CA  1 
ATOM   753 C  C   . ASN A 1 93  ? 7.244   7.232   -11.319 1.00 48.71  ? 341 ASN A C   1 
ATOM   754 O  O   . ASN A 1 93  ? 8.417   6.919   -11.480 1.00 47.60  ? 341 ASN A O   1 
ATOM   755 C  CB  . ASN A 1 93  ? 6.342   9.552   -11.331 1.00 62.24  ? 341 ASN A CB  1 
ATOM   756 C  CG  . ASN A 1 93  ? 7.547   9.937   -10.454 1.00 69.48  ? 341 ASN A CG  1 
ATOM   757 O  OD1 . ASN A 1 93  ? 7.919   9.217   -9.512  1.00 69.04  ? 341 ASN A OD1 1 
ATOM   758 N  ND2 . ASN A 1 93  ? 8.164   11.080  -10.769 1.00 73.90  ? 341 ASN A ND2 1 
ATOM   759 N  N   . ILE A 1 94  ? 6.463   6.671   -10.404 1.00 44.98  ? 342 ILE A N   1 
ATOM   760 C  CA  . ILE A 1 94  ? 6.953   5.633   -9.511  1.00 45.39  ? 342 ILE A CA  1 
ATOM   761 C  C   . ILE A 1 94  ? 7.405   4.374   -10.243 1.00 48.27  ? 342 ILE A C   1 
ATOM   762 O  O   . ILE A 1 94  ? 8.390   3.740   -9.865  1.00 44.64  ? 342 ILE A O   1 
ATOM   763 C  CB  . ILE A 1 94  ? 5.875   5.244   -8.488  1.00 44.16  ? 342 ILE A CB  1 
ATOM   764 C  CG1 . ILE A 1 94  ? 5.697   6.366   -7.482  1.00 45.99  ? 342 ILE A CG1 1 
ATOM   765 C  CG2 . ILE A 1 94  ? 6.293   3.997   -7.725  1.00 45.13  ? 342 ILE A CG2 1 
ATOM   766 C  CD1 . ILE A 1 94  ? 6.929   6.570   -6.623  1.00 47.19  ? 342 ILE A CD1 1 
ATOM   767 N  N   . HIS A 1 95  ? 6.690   3.992   -11.292 1.00 50.48  ? 343 HIS A N   1 
ATOM   768 C  CA  . HIS A 1 95  ? 7.084   2.786   -11.999 1.00 57.82  ? 343 HIS A CA  1 
ATOM   769 C  C   . HIS A 1 95  ? 8.335   3.008   -12.807 1.00 55.17  ? 343 HIS A C   1 
ATOM   770 O  O   . HIS A 1 95  ? 9.183   2.117   -12.907 1.00 55.40  ? 343 HIS A O   1 
ATOM   771 C  CB  . HIS A 1 95  ? 5.936   2.281   -12.864 1.00 66.39  ? 343 HIS A CB  1 
ATOM   772 C  CG  . HIS A 1 95  ? 4.868   1.608   -12.066 1.00 72.09  ? 343 HIS A CG  1 
ATOM   773 N  ND1 . HIS A 1 95  ? 3.549   2.017   -12.086 1.00 73.10  ? 343 HIS A ND1 1 
ATOM   774 C  CD2 . HIS A 1 95  ? 4.942   0.603   -11.160 1.00 73.64  ? 343 HIS A CD2 1 
ATOM   775 C  CE1 . HIS A 1 95  ? 2.857   1.295   -11.223 1.00 74.50  ? 343 HIS A CE1 1 
ATOM   776 N  NE2 . HIS A 1 95  ? 3.678   0.431   -10.646 1.00 75.67  ? 343 HIS A NE2 1 
ATOM   777 N  N   . LEU A 1 96  ? 8.458   4.198   -13.378 1.00 49.51  ? 344 LEU A N   1 
ATOM   778 C  CA  . LEU A 1 96  ? 9.650   4.526   -14.136 1.00 41.96  ? 344 LEU A CA  1 
ATOM   779 C  C   . LEU A 1 96  ? 10.829  4.567   -13.148 1.00 42.68  ? 344 LEU A C   1 
ATOM   780 O  O   . LEU A 1 96  ? 11.890  3.996   -13.406 1.00 45.82  ? 344 LEU A O   1 
ATOM   781 C  CB  . LEU A 1 96  ? 9.460   5.875   -14.833 1.00 36.16  ? 344 LEU A CB  1 
ATOM   782 C  CG  . LEU A 1 96  ? 8.506   5.827   -16.027 1.00 28.21  ? 344 LEU A CG  1 
ATOM   783 C  CD1 . LEU A 1 96  ? 8.055   7.210   -16.422 1.00 23.17  ? 344 LEU A CD1 1 
ATOM   784 C  CD2 . LEU A 1 96  ? 9.204   5.138   -17.180 1.00 24.27  ? 344 LEU A CD2 1 
ATOM   785 N  N   . THR A 1 97  ? 10.624  5.222   -12.008 1.00 42.62  ? 345 THR A N   1 
ATOM   786 C  CA  . THR A 1 97  ? 11.651  5.334   -10.984 1.00 39.16  ? 345 THR A CA  1 
ATOM   787 C  C   . THR A 1 97  ? 12.165  3.973   -10.532 1.00 42.91  ? 345 THR A C   1 
ATOM   788 O  O   . THR A 1 97  ? 13.370  3.743   -10.490 1.00 44.50  ? 345 THR A O   1 
ATOM   789 C  CB  . THR A 1 97  ? 11.118  6.093   -9.756  1.00 36.10  ? 345 THR A CB  1 
ATOM   790 O  OG1 . THR A 1 97  ? 10.887  7.459   -10.109 1.00 34.53  ? 345 THR A OG1 1 
ATOM   791 C  CG2 . THR A 1 97  ? 12.108  6.036   -8.613  1.00 31.69  ? 345 THR A CG2 1 
ATOM   792 N  N   . HIS A 1 98  ? 11.256  3.067   -10.193 1.00 51.59  ? 346 HIS A N   1 
ATOM   793 C  CA  . HIS A 1 98  ? 11.658  1.747   -9.736  1.00 61.91  ? 346 HIS A CA  1 
ATOM   794 C  C   . HIS A 1 98  ? 12.403  0.945   -10.786 1.00 56.42  ? 346 HIS A C   1 
ATOM   795 O  O   . HIS A 1 98  ? 13.455  0.372   -10.507 1.00 50.71  ? 346 HIS A O   1 
ATOM   796 C  CB  . HIS A 1 98  ? 10.439  0.967   -9.264  1.00 79.54  ? 346 HIS A CB  1 
ATOM   797 C  CG  . HIS A 1 98  ? 9.884   1.452   -7.963  1.00 96.58  ? 346 HIS A CG  1 
ATOM   798 N  ND1 . HIS A 1 98  ? 10.674  1.666   -6.849  1.00 102.99 ? 346 HIS A ND1 1 
ATOM   799 C  CD2 . HIS A 1 98  ? 8.615   1.746   -7.587  1.00 102.80 ? 346 HIS A CD2 1 
ATOM   800 C  CE1 . HIS A 1 98  ? 9.915   2.071   -5.845  1.00 104.64 ? 346 HIS A CE1 1 
ATOM   801 N  NE2 . HIS A 1 98  ? 8.661   2.127   -6.267  1.00 105.40 ? 346 HIS A NE2 1 
ATOM   802 N  N   . SER A 1 99  ? 11.857  0.905   -11.995 1.00 52.79  ? 347 SER A N   1 
ATOM   803 C  CA  . SER A 1 99  ? 12.487  0.172   -13.079 1.00 54.17  ? 347 SER A CA  1 
ATOM   804 C  C   . SER A 1 99  ? 13.866  0.738   -13.420 1.00 55.07  ? 347 SER A C   1 
ATOM   805 O  O   . SER A 1 99  ? 14.798  -0.018  -13.693 1.00 57.88  ? 347 SER A O   1 
ATOM   806 C  CB  . SER A 1 99  ? 11.585  0.188   -14.314 1.00 54.60  ? 347 SER A CB  1 
ATOM   807 O  OG  . SER A 1 99  ? 10.354  -0.465  -14.046 1.00 53.67  ? 347 SER A OG  1 
ATOM   808 N  N   . LEU A 1 100 ? 13.998  2.064   -13.390 1.00 55.94  ? 348 LEU A N   1 
ATOM   809 C  CA  . LEU A 1 100 ? 15.270  2.721   -13.689 1.00 55.63  ? 348 LEU A CA  1 
ATOM   810 C  C   . LEU A 1 100 ? 16.270  2.390   -12.590 1.00 58.87  ? 348 LEU A C   1 
ATOM   811 O  O   . LEU A 1 100 ? 17.472  2.277   -12.835 1.00 58.80  ? 348 LEU A O   1 
ATOM   812 C  CB  . LEU A 1 100 ? 15.090  4.237   -13.751 1.00 53.25  ? 348 LEU A CB  1 
ATOM   813 C  CG  . LEU A 1 100 ? 16.068  5.108   -14.555 1.00 51.98  ? 348 LEU A CG  1 
ATOM   814 C  CD1 . LEU A 1 100 ? 16.345  6.373   -13.762 1.00 49.53  ? 348 LEU A CD1 1 
ATOM   815 C  CD2 . LEU A 1 100 ? 17.362  4.375   -14.838 1.00 51.03  ? 348 LEU A CD2 1 
ATOM   816 N  N   . GLU A 1 101 ? 15.771  2.252   -11.368 1.00 62.42  ? 349 GLU A N   1 
ATOM   817 C  CA  . GLU A 1 101 ? 16.629  1.911   -10.247 1.00 68.80  ? 349 GLU A CA  1 
ATOM   818 C  C   . GLU A 1 101 ? 17.207  0.520   -10.473 1.00 73.11  ? 349 GLU A C   1 
ATOM   819 O  O   . GLU A 1 101 ? 18.421  0.318   -10.373 1.00 71.67  ? 349 GLU A O   1 
ATOM   820 C  CB  . GLU A 1 101 ? 15.831  1.932   -8.947  1.00 69.35  ? 349 GLU A CB  1 
ATOM   821 C  CG  . GLU A 1 101 ? 16.025  3.186   -8.127  1.00 72.60  ? 349 GLU A CG  1 
ATOM   822 C  CD  . GLU A 1 101 ? 15.038  3.289   -6.974  1.00 74.81  ? 349 GLU A CD  1 
ATOM   823 O  OE1 . GLU A 1 101 ? 15.215  4.181   -6.112  1.00 75.35  ? 349 GLU A OE1 1 
ATOM   824 O  OE2 . GLU A 1 101 ? 14.078  2.486   -6.935  1.00 75.43  ? 349 GLU A OE2 1 
ATOM   825 N  N   . GLU A 1 102 ? 16.333  -0.432  -10.794 1.00 75.22  ? 350 GLU A N   1 
ATOM   826 C  CA  . GLU A 1 102 ? 16.749  -1.812  -11.027 1.00 78.77  ? 350 GLU A CA  1 
ATOM   827 C  C   . GLU A 1 102 ? 17.716  -1.904  -12.195 1.00 78.60  ? 350 GLU A C   1 
ATOM   828 O  O   . GLU A 1 102 ? 18.533  -2.822  -12.275 1.00 82.11  ? 350 GLU A O   1 
ATOM   829 C  CB  . GLU A 1 102 ? 15.532  -2.702  -11.310 1.00 81.75  ? 350 GLU A CB  1 
ATOM   830 C  CG  . GLU A 1 102 ? 14.481  -2.663  -10.213 1.00 83.52  ? 350 GLU A CG  1 
ATOM   831 C  CD  . GLU A 1 102 ? 15.040  -3.031  -8.847  1.00 83.84  ? 350 GLU A CD  1 
ATOM   832 O  OE1 . GLU A 1 102 ? 14.391  -2.704  -7.827  1.00 83.45  ? 350 GLU A OE1 1 
ATOM   833 O  OE2 . GLU A 1 102 ? 16.125  -3.652  -8.793  1.00 85.01  ? 350 GLU A OE2 1 
ATOM   834 N  N   . CYS A 1 103 ? 17.617  -0.942  -13.099 1.00 79.20  ? 351 CYS A N   1 
ATOM   835 C  CA  . CYS A 1 103 ? 18.480  -0.929  -14.260 1.00 77.59  ? 351 CYS A CA  1 
ATOM   836 C  C   . CYS A 1 103 ? 19.840  -0.334  -13.905 1.00 78.54  ? 351 CYS A C   1 
ATOM   837 O  O   . CYS A 1 103 ? 20.872  -0.895  -14.260 1.00 77.47  ? 351 CYS A O   1 
ATOM   838 C  CB  . CYS A 1 103 ? 17.816  -0.135  -15.381 1.00 75.54  ? 351 CYS A CB  1 
ATOM   839 S  SG  . CYS A 1 103 ? 18.117  -0.792  -17.030 1.00 75.96  ? 351 CYS A SG  1 
ATOM   840 N  N   . LEU A 1 104 ? 19.846  0.794   -13.200 1.00 80.96  ? 352 LEU A N   1 
ATOM   841 C  CA  . LEU A 1 104 ? 21.105  1.429   -12.818 1.00 90.45  ? 352 LEU A CA  1 
ATOM   842 C  C   . LEU A 1 104 ? 22.072  0.447   -12.172 1.00 101.15 ? 352 LEU A C   1 
ATOM   843 O  O   . LEU A 1 104 ? 23.270  0.470   -12.456 1.00 94.98  ? 352 LEU A O   1 
ATOM   844 C  CB  . LEU A 1 104 ? 20.864  2.597   -11.860 1.00 86.44  ? 352 LEU A CB  1 
ATOM   845 C  CG  . LEU A 1 104 ? 20.378  3.906   -12.474 1.00 85.59  ? 352 LEU A CG  1 
ATOM   846 C  CD1 . LEU A 1 104 ? 20.398  4.990   -11.402 1.00 84.86  ? 352 LEU A CD1 1 
ATOM   847 C  CD2 . LEU A 1 104 ? 21.277  4.299   -13.643 1.00 84.55  ? 352 LEU A CD2 1 
ATOM   848 N  N   . VAL A 1 105 ? 21.550  -0.411  -11.297 1.00 101.54 ? 353 VAL A N   1 
ATOM   849 C  CA  . VAL A 1 105 ? 22.378  -1.408  -10.621 1.00 98.37  ? 353 VAL A CA  1 
ATOM   850 C  C   . VAL A 1 105 ? 22.838  -2.500  -11.591 1.00 115.07 ? 353 VAL A C   1 
ATOM   851 O  O   . VAL A 1 105 ? 24.010  -2.880  -11.596 1.00 125.60 ? 353 VAL A O   1 
ATOM   852 C  CB  . VAL A 1 105 ? 21.625  -2.057  -9.439  1.00 93.35  ? 353 VAL A CB  1 
ATOM   853 C  CG1 . VAL A 1 105 ? 21.413  -1.033  -8.344  1.00 77.65  ? 353 VAL A CG1 1 
ATOM   854 C  CG2 . VAL A 1 105 ? 20.293  -2.615  -9.908  1.00 78.10  ? 353 VAL A CG2 1 
ATOM   855 N  N   . ARG A 1 106 ? 21.915  -2.999  -12.410 1.00 120.12 ? 354 ARG A N   1 
ATOM   856 C  CA  . ARG A 1 106 ? 22.249  -4.024  -13.392 1.00 113.86 ? 354 ARG A CA  1 
ATOM   857 C  C   . ARG A 1 106 ? 23.369  -3.515  -14.302 1.00 112.21 ? 354 ARG A C   1 
ATOM   858 O  O   . ARG A 1 106 ? 24.426  -4.177  -14.362 1.00 113.50 ? 354 ARG A O   1 
ATOM   859 C  CB  . ARG A 1 106 ? 21.020  -4.381  -14.236 1.00 111.65 ? 354 ARG A CB  1 
ATOM   860 C  CG  . ARG A 1 106 ? 19.944  -5.148  -13.488 1.00 112.49 ? 354 ARG A CG  1 
ATOM   861 C  CD  . ARG A 1 106 ? 18.749  -5.425  -14.388 1.00 114.59 ? 354 ARG A CD  1 
ATOM   862 N  NE  . ARG A 1 106 ? 17.877  -6.464  -13.840 1.00 117.55 ? 354 ARG A NE  1 
ATOM   863 C  CZ  . ARG A 1 106 ? 16.794  -6.940  -14.452 1.00 118.30 ? 354 ARG A CZ  1 
ATOM   864 N  NH1 . ARG A 1 106 ? 16.438  -6.468  -15.640 1.00 118.49 ? 354 ARG A NH1 1 
ATOM   865 N  NH2 . ARG A 1 106 ? 16.071  -7.900  -13.886 1.00 118.61 ? 354 ARG A NH2 1 
ATOM   866 O  OXT . ARG A 1 106 ? 23.182  -2.454  -14.941 1.00 110.74 ? 354 ARG A OXT 1 
HETATM 867 ZN ZN  . ZN  B 2 .   ? -4.661  -1.342  -3.176  1.00 39.50  ? 102 ZN  A ZN  1 
HETATM 868 C  C1  . CO9 C 3 .   ? 7.518   -2.673  1.533   1.00 51.76  ? 101 CO9 A C1  1 
HETATM 869 N  N1  . CO9 C 3 .   ? 9.693   -3.857  1.507   1.00 52.71  ? 101 CO9 A N1  1 
HETATM 870 O  O1  . CO9 C 3 .   ? 5.264   -8.139  1.110   1.00 50.39  ? 101 CO9 A O1  1 
HETATM 871 C  C2  . CO9 C 3 .   ? 8.248   -4.003  1.700   1.00 50.99  ? 101 CO9 A C2  1 
HETATM 872 N  N2  . CO9 C 3 .   ? 6.882   -5.930  1.048   1.00 50.94  ? 101 CO9 A N2  1 
HETATM 873 O  O2  . CO9 C 3 .   ? 6.205   -10.992 -0.413  1.00 60.02  ? 101 CO9 A O2  1 
HETATM 874 C  C3  . CO9 C 3 .   ? 7.700   -5.003  0.727   1.00 50.80  ? 101 CO9 A C3  1 
HETATM 875 N  N3  . CO9 C 3 .   ? 5.187   -8.510  -1.091  1.00 53.27  ? 101 CO9 A N3  1 
HETATM 876 O  O3  . CO9 C 3 .   ? 4.089   -14.760 -0.451  1.00 67.97  ? 101 CO9 A O3  1 
HETATM 877 C  C4  . CO9 C 3 .   ? 6.581   -6.658  -0.039  1.00 50.16  ? 101 CO9 A C4  1 
HETATM 878 N  N4  . CO9 C 3 .   ? 4.330   -11.474 0.701   1.00 60.97  ? 101 CO9 A N4  1 
HETATM 879 O  O4  . CO9 C 3 .   ? 2.453   -13.257 -0.329  1.00 68.65  ? 101 CO9 A O4  1 
HETATM 880 C  C5  . CO9 C 3 .   ? 5.655   -7.808  0.003   1.00 51.60  ? 101 CO9 A C5  1 
HETATM 881 N  N5  . CO9 C 3 .   ? 0.787   -13.174 3.581   1.00 63.53  ? 101 CO9 A N5  1 
HETATM 882 O  O5  . CO9 C 3 .   ? 7.970   -5.084  -0.581  1.00 50.69  ? 101 CO9 A O5  1 
HETATM 883 C  C6  . CO9 C 3 .   ? 5.426   -8.253  -2.536  1.00 53.39  ? 101 CO9 A C6  1 
HETATM 884 C  C7  . CO9 C 3 .   ? 4.223   -8.897  -3.261  1.00 54.86  ? 101 CO9 A C7  1 
HETATM 885 C  C8  . CO9 C 3 .   ? 4.010   -10.181 -2.422  1.00 54.72  ? 101 CO9 A C8  1 
HETATM 886 C  C9  . CO9 C 3 .   ? 4.317   -9.698  -0.995  1.00 54.78  ? 101 CO9 A C9  1 
HETATM 887 C  C10 . CO9 C 3 .   ? 5.019   -10.781 -0.224  1.00 57.74  ? 101 CO9 A C10 1 
HETATM 888 C  C11 . CO9 C 3 .   ? 4.571   -12.898 0.937   1.00 63.97  ? 101 CO9 A C11 1 
HETATM 889 C  C12 . CO9 C 3 .   ? 4.314   -13.252 2.433   1.00 63.80  ? 101 CO9 A C12 1 
HETATM 890 C  C13 . CO9 C 3 .   ? 2.900   -12.918 2.914   1.00 63.22  ? 101 CO9 A C13 1 
HETATM 891 C  C14 . CO9 C 3 .   ? 1.927   -13.813 3.171   1.00 63.22  ? 101 CO9 A C14 1 
HETATM 892 C  C15 . CO9 C 3 .   ? 0.985   -11.817 3.605   1.00 61.89  ? 101 CO9 A C15 1 
HETATM 893 C  C16 . CO9 C 3 .   ? 0.156   -10.720 3.943   1.00 61.63  ? 101 CO9 A C16 1 
HETATM 894 C  C17 . CO9 C 3 .   ? 0.658   -9.416  3.867   1.00 61.61  ? 101 CO9 A C17 1 
HETATM 895 C  C18 . CO9 C 3 .   ? 1.991   -9.186  3.453   1.00 61.68  ? 101 CO9 A C18 1 
HETATM 896 C  C19 . CO9 C 3 .   ? 2.819   -10.252 3.116   1.00 61.60  ? 101 CO9 A C19 1 
HETATM 897 C  C20 . CO9 C 3 .   ? 2.329   -11.583 3.186   1.00 61.74  ? 101 CO9 A C20 1 
HETATM 898 C  C21 . CO9 C 3 .   ? 3.685   -13.712 0.001   1.00 66.53  ? 101 CO9 A C21 1 
HETATM 899 C  C22 . CO9 C 3 .   ? 7.276   -6.119  -1.077  1.00 49.56  ? 101 CO9 A C22 1 
HETATM 900 O  O   . HOH D 4 .   ? -8.882  -2.235  -7.511  1.00 44.91  ? 1   HOH A O   1 
HETATM 901 O  O   . HOH D 4 .   ? -14.860 -1.752  -12.217 1.00 40.21  ? 2   HOH A O   1 
HETATM 902 O  O   . HOH D 4 .   ? -12.771 7.378   9.007   1.00 45.44  ? 3   HOH A O   1 
HETATM 903 O  O   . HOH D 4 .   ? 0.379   -11.549 -0.099  1.00 44.06  ? 4   HOH A O   1 
HETATM 904 O  O   . HOH D 4 .   ? 1.763   3.366   17.850  1.00 44.09  ? 5   HOH A O   1 
HETATM 905 O  O   . HOH D 4 .   ? -12.702 2.074   -2.798  1.00 52.18  ? 6   HOH A O   1 
HETATM 906 O  O   . HOH D 4 .   ? -4.445  1.729   -10.594 1.00 45.29  ? 7   HOH A O   1 
HETATM 907 O  O   . HOH D 4 .   ? -6.845  -2.058  -12.392 1.00 71.19  ? 8   HOH A O   1 
HETATM 908 O  O   . HOH D 4 .   ? -8.539  -6.794  2.158   1.00 52.82  ? 9   HOH A O   1 
HETATM 909 O  O   . HOH D 4 .   ? -15.378 -6.825  4.586   1.00 43.51  ? 10  HOH A O   1 
HETATM 910 O  O   . HOH D 4 .   ? 3.544   5.154   13.600  1.00 56.82  ? 11  HOH A O   1 
HETATM 911 O  O   . HOH D 4 .   ? -1.628  10.399  1.995   1.00 48.17  ? 12  HOH A O   1 
HETATM 912 O  O   . HOH D 4 .   ? -10.202 5.859   2.977   1.00 49.07  ? 13  HOH A O   1 
HETATM 913 O  O   . HOH D 4 .   ? -15.941 2.505   -5.685  1.00 64.55  ? 14  HOH A O   1 
HETATM 914 O  O   . HOH D 4 .   ? -1.790  -10.228 16.553  1.00 58.38  ? 15  HOH A O   1 
HETATM 915 O  O   . HOH D 4 .   ? -11.830 -9.457  -5.750  1.00 50.94  ? 16  HOH A O   1 
HETATM 916 O  O   . HOH D 4 .   ? 2.326   9.528   -17.157 1.00 46.48  ? 17  HOH A O   1 
HETATM 917 O  O   . HOH D 4 .   ? -6.924  -1.955  18.703  1.00 77.95  ? 18  HOH A O   1 
HETATM 918 O  O   . HOH D 4 .   ? 1.151   8.162   3.728   1.00 54.74  ? 19  HOH A O   1 
HETATM 919 O  O   . HOH D 4 .   ? 0.302   -7.017  11.002  1.00 51.33  ? 20  HOH A O   1 
HETATM 920 O  O   . HOH D 4 .   ? 5.953   9.169   -3.182  1.00 59.65  ? 21  HOH A O   1 
HETATM 921 O  O   . HOH D 4 .   ? -2.382  -10.532 -5.080  1.00 46.46  ? 22  HOH A O   1 
HETATM 922 O  O   . HOH D 4 .   ? -12.398 -7.942  7.890   1.00 69.58  ? 23  HOH A O   1 
HETATM 923 O  O   . HOH D 4 .   ? -2.622  -5.477  15.101  1.00 60.52  ? 24  HOH A O   1 
HETATM 924 O  O   . HOH D 4 .   ? -6.673  -10.603 -1.037  1.00 50.04  ? 25  HOH A O   1 
HETATM 925 O  O   . HOH D 4 .   ? -1.076  2.226   21.485  1.00 48.89  ? 26  HOH A O   1 
HETATM 926 O  O   . HOH D 4 .   ? -11.912 7.482   5.028   1.00 49.28  ? 27  HOH A O   1 
HETATM 927 O  O   . HOH D 4 .   ? -0.449  -6.752  -8.582  1.00 31.07  ? 28  HOH A O   1 
HETATM 928 O  O   . HOH D 4 .   ? 8.607   -10.164 0.831   1.00 61.47  ? 29  HOH A O   1 
HETATM 929 O  O   . HOH D 4 .   ? -3.373  -13.412 4.163   1.00 52.78  ? 30  HOH A O   1 
HETATM 930 O  O   . HOH D 4 .   ? 0.536   0.633   25.013  1.00 63.31  ? 31  HOH A O   1 
HETATM 931 O  O   . HOH D 4 .   ? 10.138  -6.836  9.768   1.00 53.30  ? 32  HOH A O   1 
HETATM 932 O  O   . HOH D 4 .   ? 5.442   -14.262 5.651   1.00 67.31  ? 33  HOH A O   1 
HETATM 933 O  O   . HOH D 4 .   ? -4.916  8.599   13.633  1.00 51.17  ? 34  HOH A O   1 
HETATM 934 O  O   . HOH D 4 .   ? 14.911  -11.046 -14.840 1.00 69.20  ? 35  HOH A O   1 
HETATM 935 O  O   . HOH D 4 .   ? -0.999  1.061   -12.985 1.00 50.02  ? 36  HOH A O   1 
HETATM 936 O  O   . HOH D 4 .   ? -6.504  -16.603 -6.178  1.00 53.67  ? 37  HOH A O   1 
HETATM 937 O  O   . HOH D 4 .   ? -5.700  9.887   -13.261 1.00 47.04  ? 38  HOH A O   1 
HETATM 938 O  O   . HOH D 4 .   ? -2.266  -4.680  -9.347  1.00 44.24  ? 39  HOH A O   1 
HETATM 939 O  O   . HOH D 4 .   ? -8.996  -8.969  0.787   1.00 50.94  ? 40  HOH A O   1 
HETATM 940 O  O   . HOH D 4 .   ? 12.141  -4.604  0.823   1.00 61.53  ? 41  HOH A O   1 
HETATM 941 O  O   . HOH D 4 .   ? 16.972  -3.450  -14.860 1.00 71.92  ? 42  HOH A O   1 
HETATM 942 O  O   . HOH D 4 .   ? 10.397  5.981   7.954   1.00 56.44  ? 43  HOH A O   1 
HETATM 943 O  O   . HOH D 4 .   ? -0.670  -10.326 -2.320  1.00 49.55  ? 44  HOH A O   1 
HETATM 944 O  O   . HOH D 4 .   ? -12.282 5.168   1.319   1.00 54.81  ? 45  HOH A O   1 
HETATM 945 O  O   . HOH D 4 .   ? 11.667  -0.650  -2.824  1.00 61.49  ? 46  HOH A O   1 
HETATM 946 O  O   . HOH D 4 .   ? 2.200   10.878  -1.220  1.00 56.86  ? 47  HOH A O   1 
HETATM 947 O  O   . HOH D 4 .   ? 4.518   -16.239 1.953   1.00 63.89  ? 48  HOH A O   1 
HETATM 948 O  O   . HOH D 4 .   ? -5.078  -11.553 11.084  1.00 59.20  ? 49  HOH A O   1 
HETATM 949 O  O   . HOH D 4 .   ? 26.158  -1.549  -13.299 1.00 62.80  ? 50  HOH A O   1 
HETATM 950 O  O   . HOH D 4 .   ? 0.606   11.324  10.773  1.00 69.05  ? 51  HOH A O   1 
HETATM 951 O  O   . HOH D 4 .   ? -13.613 -6.902  -4.340  1.00 65.44  ? 52  HOH A O   1 
HETATM 952 O  O   . HOH D 4 .   ? 10.278  -3.318  -2.900  1.00 63.00  ? 53  HOH A O   1 
HETATM 953 O  O   . HOH D 4 .   ? 7.735   -8.479  10.043  1.00 61.40  ? 54  HOH A O   1 
HETATM 954 O  O   . HOH D 4 .   ? 7.615   -13.261 4.472   1.00 70.40  ? 55  HOH A O   1 
HETATM 955 O  O   . HOH D 4 .   ? 27.033  -5.468  -15.870 1.00 71.37  ? 56  HOH A O   1 
HETATM 956 O  O   . HOH D 4 .   ? 9.922   -6.893  1.392   1.00 65.20  ? 57  HOH A O   1 
HETATM 957 O  O   . HOH D 4 .   ? 5.633   10.575  -8.569  1.00 68.14  ? 58  HOH A O   1 
HETATM 958 O  O   . HOH D 4 .   ? -0.819  -9.361  -7.149  1.00 58.87  ? 59  HOH A O   1 
HETATM 959 O  O   . HOH D 4 .   ? 0.156   4.897   19.464  1.00 53.36  ? 60  HOH A O   1 
HETATM 960 O  O   . HOH D 4 .   ? 7.865   -8.674  15.228  1.00 62.78  ? 61  HOH A O   1 
HETATM 961 O  O   . HOH D 4 .   ? 20.251  1.851   -9.280  1.00 79.02  ? 62  HOH A O   1 
HETATM 962 O  O   . HOH D 4 .   ? 5.272   2.857   19.868  1.00 55.87  ? 63  HOH A O   1 
HETATM 963 O  O   . HOH D 4 .   ? -1.218  12.431  -6.147  1.00 60.98  ? 64  HOH A O   1 
# 
